data_2W66
#
_entry.id   2W66
#
_cell.length_a   51.199
_cell.length_b   93.465
_cell.length_c   99.010
_cell.angle_alpha   104.16
_cell.angle_beta   94.01
_cell.angle_gamma   103.02
#
_symmetry.space_group_name_H-M   'P 1'
#
loop_
_entity.id
_entity.type
_entity.pdbx_description
1 polymer 'O-GLCNACASE BT_4395'
2 non-polymer N-[(3R,4S,5R,6R,7R)-3,5,6-trihydroxy-7-(hydroxymethyl)azepan-4-yl]acetamide
3 non-polymer 'CALCIUM ION'
4 non-polymer GLYCEROL
5 water water
#
_entity_poly.entity_id   1
_entity_poly.type   'polypeptide(L)'
_entity_poly.pdbx_seq_one_letter_code
;QNVSLQPPPQQLIVQNKTIDLPAVYQLNGGEEANPHAVKVLKELLSGKQSSKKGMLISIGEKGDKSVRKYSRQIPDHKEG
YYLSVNEKEIVLAGNDERGTYYALQTFAQLLKDGKLPEVEIKDYPSVRYRGVVEGFYGTPWSHQARLSQLKFYGKNKMNT
YIYGPKDDPYHSAPNWRLPYPDKEAAQLQELVAVANENEVDFVWAIHPGQDIKWNKEDRDLLLAKFEKMYQLGVRSFAVF
FDDISGEGTNPQKQAELLNYIDEKFAQVKPDINQLVMCPTEYNKSWSNPNGNYLTTLGDKLNPSIQIMWTGDRVISDITR
DGISWINERIKRPAYIWWNFPVSDYVRDHLLLGPVYGNDTTIAKEMSGFVTNPMEHAESSKIAIYSVASYAWNPAKYDTW
QTWKDAIRTILPSAAEELECFAMHNSDLGPNGHGYRREESMDIQPAAERFLKAFKEGKNYDKADFETLQYTFERMKESAD
ILLMNTENKPLIVEITPWVHQFKLTAEMGEEVLKMVEGRNESYFLRKYNHVKALQQQMFYIDQTSNQNPYQPGVKTATRV
IKPLIDRTFATVVKFFNQKFNAHLDATTDYMPHKMISNVEQIKNLPLQVKANRVLISPANEVVKWAAGNSVEIELDAIYP
GENIQINFGKDAPCTWGRLEISTDGKEWKTVDLKQKESRLSAGLQKAPVKFVRFTNVSDEEQQVYLRQFVLTIEKK
;
_entity_poly.pdbx_strand_id   A,B
#
loop_
_chem_comp.id
_chem_comp.type
_chem_comp.name
_chem_comp.formula
CA non-polymer 'CALCIUM ION' 'Ca 2'
GOL non-polymer GLYCEROL 'C3 H8 O3'
HQ6 non-polymer N-[(3R,4S,5R,6R,7R)-3,5,6-trihydroxy-7-(hydroxymethyl)azepan-4-yl]acetamide 'C9 H18 N2 O5'
#
# COMPACT_ATOMS: atom_id res chain seq x y z
N SER A 4 2.85 17.45 39.16
CA SER A 4 3.35 17.39 37.77
C SER A 4 2.37 18.20 36.93
N LEU A 5 2.83 19.32 36.35
CA LEU A 5 2.05 20.17 35.43
C LEU A 5 1.58 19.50 34.15
N GLN A 6 0.26 19.50 33.89
CA GLN A 6 -0.31 18.84 32.70
C GLN A 6 -1.26 19.76 31.92
N PRO A 7 -1.01 19.96 30.60
CA PRO A 7 0.15 19.52 29.83
C PRO A 7 1.34 20.26 30.35
N PRO A 8 2.54 19.69 30.14
CA PRO A 8 3.85 20.30 30.44
C PRO A 8 4.16 21.52 29.55
N PRO A 9 4.58 22.64 30.19
CA PRO A 9 4.82 23.90 29.47
C PRO A 9 6.00 23.81 28.50
N GLN A 10 5.97 24.66 27.48
CA GLN A 10 7.01 24.65 26.45
C GLN A 10 8.33 25.08 27.08
N GLN A 11 8.24 25.95 28.08
CA GLN A 11 9.41 26.41 28.75
C GLN A 11 9.10 26.60 30.22
N LEU A 12 10.01 26.11 31.06
CA LEU A 12 9.82 26.15 32.49
C LEU A 12 11.12 26.43 33.24
N ILE A 13 11.20 27.57 33.91
CA ILE A 13 12.31 27.80 34.82
C ILE A 13 11.80 27.77 36.26
N VAL A 14 12.36 26.87 37.06
CA VAL A 14 11.98 26.78 38.46
C VAL A 14 13.09 27.23 39.36
N GLN A 15 12.72 27.95 40.42
CA GLN A 15 13.65 28.36 41.48
C GLN A 15 13.31 27.44 42.63
N ASN A 16 14.27 26.79 43.23
CA ASN A 16 13.86 25.84 44.24
C ASN A 16 13.45 26.48 45.53
N LYS A 17 12.67 27.52 45.40
CA LYS A 17 12.12 28.27 46.52
C LYS A 17 10.61 28.32 46.29
N THR A 18 9.86 28.60 47.35
CA THR A 18 8.43 28.65 47.25
C THR A 18 8.00 29.90 47.97
N ILE A 19 6.71 30.22 47.89
CA ILE A 19 6.21 31.43 48.51
C ILE A 19 4.77 31.21 48.87
N ASP A 20 4.30 31.93 49.87
CA ASP A 20 2.91 31.84 50.33
C ASP A 20 2.11 32.53 49.28
N LEU A 21 0.79 32.41 49.38
CA LEU A 21 -0.16 33.08 48.52
C LEU A 21 -0.58 34.31 49.31
N PRO A 22 -0.60 35.43 48.65
CA PRO A 22 -0.96 36.67 49.31
C PRO A 22 -2.25 36.49 50.09
N ALA A 23 -2.16 36.71 51.39
CA ALA A 23 -3.32 36.84 52.23
C ALA A 23 -3.98 38.14 51.86
N VAL A 24 -3.16 39.06 51.38
CA VAL A 24 -3.65 40.32 50.85
C VAL A 24 -2.75 40.73 49.74
N TYR A 25 -3.33 41.31 48.70
CA TYR A 25 -2.67 41.54 47.43
C TYR A 25 -3.37 42.66 46.76
N GLN A 26 -2.94 42.97 45.55
CA GLN A 26 -3.58 44.02 44.81
C GLN A 26 -3.71 43.57 43.39
N LEU A 27 -4.96 43.32 42.98
CA LEU A 27 -5.21 42.75 41.67
C LEU A 27 -5.15 43.85 40.63
N ASN A 28 -4.29 43.64 39.65
CA ASN A 28 -4.09 44.60 38.58
C ASN A 28 -4.54 44.01 37.24
N GLY A 29 -5.47 44.68 36.55
CA GLY A 29 -5.94 44.24 35.24
C GLY A 29 -7.14 43.32 35.36
N GLY A 30 -7.80 43.39 36.51
CA GLY A 30 -8.95 42.53 36.79
C GLY A 30 -10.16 42.99 36.01
N GLU A 31 -10.09 44.19 35.48
CA GLU A 31 -11.21 44.77 34.77
C GLU A 31 -11.10 44.57 33.27
N GLU A 32 -9.87 44.51 32.76
CA GLU A 32 -9.65 44.52 31.34
C GLU A 32 -9.26 43.14 30.82
N ALA A 33 -9.05 42.21 31.76
CA ALA A 33 -8.65 40.86 31.39
C ALA A 33 -9.85 39.94 31.11
N ASN A 34 -9.61 38.88 30.35
CA ASN A 34 -10.60 37.81 30.12
C ASN A 34 -11.37 37.48 31.40
N PRO A 35 -12.70 37.75 31.41
CA PRO A 35 -13.53 37.43 32.58
C PRO A 35 -13.46 35.96 32.98
N HIS A 36 -13.42 35.05 32.01
CA HIS A 36 -13.29 33.63 32.32
C HIS A 36 -12.04 33.34 33.14
N ALA A 37 -10.94 34.03 32.86
CA ALA A 37 -9.69 33.84 33.62
C ALA A 37 -9.68 34.56 34.98
N VAL A 38 -10.35 35.72 35.06
CA VAL A 38 -10.47 36.48 36.32
C VAL A 38 -11.42 35.75 37.33
N LYS A 39 -12.38 35.00 36.81
CA LYS A 39 -13.29 34.21 37.63
C LYS A 39 -12.50 33.11 38.33
N VAL A 40 -11.74 32.33 37.55
CA VAL A 40 -10.86 31.31 38.10
C VAL A 40 -9.91 31.90 39.17
N LEU A 41 -9.29 33.03 38.83
CA LEU A 41 -8.38 33.69 39.76
C LEU A 41 -9.08 34.12 41.04
N LYS A 42 -10.25 34.72 40.89
CA LYS A 42 -11.03 35.19 42.04
C LYS A 42 -11.49 34.02 42.89
N GLU A 43 -11.55 32.84 42.30
CA GLU A 43 -12.00 31.64 43.01
C GLU A 43 -10.87 31.09 43.85
N LEU A 44 -9.64 31.27 43.36
CA LEU A 44 -8.44 30.75 44.03
C LEU A 44 -7.98 31.64 45.17
N LEU A 45 -8.31 32.93 45.09
CA LEU A 45 -7.93 33.95 46.08
C LEU A 45 -9.08 34.19 47.02
N SER A 46 -10.08 33.32 46.94
CA SER A 46 -11.18 33.32 47.87
C SER A 46 -10.56 33.14 49.24
N GLY A 47 -11.06 33.88 50.24
CA GLY A 47 -10.54 33.78 51.61
C GLY A 47 -9.49 34.84 51.91
N LYS A 48 -9.02 35.50 50.85
CA LYS A 48 -8.06 36.60 50.94
C LYS A 48 -8.79 37.88 50.54
N GLN A 49 -8.09 39.01 50.44
CA GLN A 49 -8.69 40.24 49.89
C GLN A 49 -7.68 41.24 49.33
N SER A 50 -8.19 42.16 48.52
CA SER A 50 -7.33 43.14 47.90
C SER A 50 -7.49 44.54 48.45
N SER A 51 -6.36 45.22 48.63
CA SER A 51 -6.34 46.65 48.88
C SER A 51 -5.44 47.27 47.83
N LYS A 52 -4.86 48.41 48.16
CA LYS A 52 -3.69 48.86 47.42
C LYS A 52 -2.45 48.43 48.20
N LYS A 53 -2.65 48.13 49.49
CA LYS A 53 -1.67 47.37 50.26
C LYS A 53 -1.49 46.03 49.54
N GLY A 54 -0.33 45.41 49.70
CA GLY A 54 -0.18 43.98 49.36
C GLY A 54 0.43 43.59 48.02
N MET A 55 0.79 42.31 47.92
CA MET A 55 1.48 41.75 46.75
C MET A 55 0.77 41.97 45.40
N LEU A 56 1.53 42.36 44.40
CA LEU A 56 0.95 42.71 43.13
C LEU A 56 0.64 41.46 42.36
N ILE A 57 -0.60 41.34 41.83
CA ILE A 57 -0.97 40.29 40.87
C ILE A 57 -1.53 40.93 39.59
N SER A 58 -0.79 40.76 38.50
CA SER A 58 -1.16 41.41 37.24
C SER A 58 -1.63 40.33 36.29
N ILE A 59 -2.77 40.60 35.67
CA ILE A 59 -3.44 39.63 34.84
C ILE A 59 -3.95 40.36 33.60
N GLY A 60 -3.72 39.80 32.42
CA GLY A 60 -4.28 40.42 31.22
C GLY A 60 -3.78 39.84 29.92
N GLU A 61 -4.17 40.49 28.83
CA GLU A 61 -3.70 40.13 27.51
C GLU A 61 -2.67 41.15 27.00
N LYS A 62 -1.67 40.67 26.27
CA LYS A 62 -0.78 41.57 25.57
C LYS A 62 -1.62 42.71 24.99
N GLY A 63 -1.21 43.95 25.21
CA GLY A 63 -2.04 45.06 24.78
C GLY A 63 -2.88 45.64 25.90
N ASP A 64 -3.14 44.88 26.96
CA ASP A 64 -3.63 45.45 28.20
C ASP A 64 -2.53 46.24 28.89
N LYS A 65 -2.95 47.27 29.63
CA LYS A 65 -2.04 48.14 30.40
C LYS A 65 -1.38 47.39 31.55
N SER A 66 -2.08 46.39 32.07
CA SER A 66 -1.64 45.68 33.24
C SER A 66 -0.37 44.86 33.00
N VAL A 67 -0.13 44.45 31.76
CA VAL A 67 0.94 43.50 31.45
C VAL A 67 1.96 44.07 30.45
N ARG A 68 1.94 45.40 30.32
CA ARG A 68 2.87 46.10 29.45
C ARG A 68 4.32 45.83 29.76
N LYS A 69 4.62 45.70 31.04
CA LYS A 69 5.97 45.44 31.50
C LYS A 69 6.48 44.12 30.94
N TYR A 70 5.54 43.29 30.49
CA TYR A 70 5.85 41.92 30.14
C TYR A 70 5.62 41.57 28.70
N SER A 71 5.26 42.53 27.87
CA SER A 71 4.93 42.23 26.48
C SER A 71 6.00 41.40 25.76
N ARG A 72 7.26 41.61 26.12
CA ARG A 72 8.31 40.86 25.45
C ARG A 72 8.41 39.44 25.95
N GLN A 73 7.82 39.18 27.11
CA GLN A 73 7.93 37.86 27.70
C GLN A 73 6.81 36.93 27.20
N ILE A 74 5.71 37.54 26.76
CA ILE A 74 4.53 36.82 26.33
C ILE A 74 4.81 36.15 25.00
N PRO A 75 4.73 34.82 24.94
CA PRO A 75 5.03 34.19 23.64
C PRO A 75 4.07 34.66 22.54
N ASP A 76 4.58 34.80 21.32
CA ASP A 76 3.77 35.33 20.25
C ASP A 76 3.08 34.20 19.51
N HIS A 77 2.10 33.58 20.18
CA HIS A 77 1.42 32.40 19.66
C HIS A 77 -0.02 32.52 20.13
N LYS A 78 -0.97 32.20 19.26
CA LYS A 78 -2.36 32.05 19.73
C LYS A 78 -2.39 31.14 20.95
N GLU A 79 -3.02 31.59 22.03
CA GLU A 79 -3.21 30.76 23.22
C GLU A 79 -1.94 30.70 24.07
N GLY A 80 -0.96 31.51 23.72
CA GLY A 80 0.27 31.55 24.50
C GLY A 80 0.13 32.43 25.74
N TYR A 81 1.06 32.26 26.69
CA TYR A 81 1.00 33.05 27.91
C TYR A 81 2.32 33.09 28.65
N TYR A 82 2.52 34.17 29.39
CA TYR A 82 3.62 34.26 30.32
C TYR A 82 3.03 34.12 31.72
N LEU A 83 3.76 33.39 32.55
CA LEU A 83 3.36 33.16 33.93
C LEU A 83 4.60 33.34 34.71
N SER A 84 4.57 34.21 35.73
CA SER A 84 5.72 34.41 36.59
C SER A 84 5.22 34.34 38.02
N VAL A 85 5.98 33.69 38.88
CA VAL A 85 5.81 33.83 40.34
C VAL A 85 7.15 34.07 41.03
N ASN A 86 7.22 35.17 41.78
CA ASN A 86 8.38 35.39 42.63
C ASN A 86 7.98 36.13 43.92
N GLU A 87 8.96 36.38 44.77
CA GLU A 87 8.71 37.00 46.07
C GLU A 87 7.83 38.23 45.95
N LYS A 88 8.17 39.12 45.02
CA LYS A 88 7.51 40.43 44.95
C LYS A 88 6.20 40.44 44.21
N GLU A 89 6.03 39.60 43.19
CA GLU A 89 4.79 39.64 42.41
C GLU A 89 4.49 38.41 41.54
N ILE A 90 3.21 38.31 41.15
CA ILE A 90 2.70 37.24 40.28
C ILE A 90 2.15 37.77 38.95
N VAL A 91 2.51 37.11 37.86
CA VAL A 91 2.15 37.59 36.53
C VAL A 91 1.36 36.53 35.73
N LEU A 92 0.23 36.94 35.17
CA LEU A 92 -0.62 36.02 34.42
C LEU A 92 -1.06 36.67 33.12
N ALA A 93 -0.18 36.64 32.14
CA ALA A 93 -0.36 37.44 30.95
C ALA A 93 -0.47 36.56 29.73
N GLY A 94 -1.62 36.59 29.05
CA GLY A 94 -1.82 35.77 27.87
C GLY A 94 -1.61 36.57 26.60
N ASN A 95 -1.10 35.93 25.56
CA ASN A 95 -0.99 36.57 24.26
C ASN A 95 -2.37 37.01 23.77
N ASP A 96 -3.38 36.21 24.08
CA ASP A 96 -4.79 36.50 23.77
C ASP A 96 -5.67 36.04 24.96
N GLU A 97 -6.99 36.26 24.88
CA GLU A 97 -7.87 36.02 26.05
C GLU A 97 -7.86 34.56 26.53
N ARG A 98 -7.75 33.64 25.59
CA ARG A 98 -7.69 32.23 25.91
C ARG A 98 -6.38 31.83 26.57
N GLY A 99 -5.29 32.41 26.05
CA GLY A 99 -4.01 32.38 26.73
C GLY A 99 -4.10 32.77 28.21
N THR A 100 -4.75 33.87 28.54
CA THR A 100 -4.79 34.31 29.93
C THR A 100 -5.44 33.20 30.72
N TYR A 101 -6.50 32.63 30.16
CA TYR A 101 -7.24 31.57 30.83
C TYR A 101 -6.40 30.29 31.06
N TYR A 102 -5.63 29.90 30.05
CA TYR A 102 -4.69 28.81 30.18
C TYR A 102 -3.61 29.13 31.23
N ALA A 103 -3.15 30.37 31.24
CA ALA A 103 -2.20 30.79 32.27
C ALA A 103 -2.81 30.46 33.62
N LEU A 104 -4.09 30.81 33.78
CA LEU A 104 -4.84 30.43 34.98
C LEU A 104 -4.94 28.92 35.26
N GLN A 105 -5.07 28.08 34.23
CA GLN A 105 -5.16 26.66 34.45
C GLN A 105 -3.82 26.12 34.94
N THR A 106 -2.73 26.71 34.45
CA THR A 106 -1.42 26.37 35.01
C THR A 106 -1.23 26.91 36.42
N PHE A 107 -1.62 28.14 36.63
CA PHE A 107 -1.45 28.71 37.95
C PHE A 107 -2.11 27.81 39.01
N ALA A 108 -3.31 27.32 38.73
CA ALA A 108 -4.04 26.44 39.66
C ALA A 108 -3.36 25.11 40.03
N GLN A 109 -2.61 24.51 39.11
CA GLN A 109 -1.88 23.28 39.41
C GLN A 109 -0.61 23.54 40.20
N LEU A 110 -0.08 24.75 40.10
CA LEU A 110 1.07 25.19 40.93
C LEU A 110 0.70 25.36 42.40
N LEU A 111 -0.46 25.94 42.65
CA LEU A 111 -0.95 26.19 44.00
C LEU A 111 -1.22 24.88 44.73
N LYS A 112 -0.68 24.76 45.94
CA LYS A 112 -1.00 23.66 46.85
C LYS A 112 -0.80 24.11 48.32
N ASP A 113 -1.77 23.81 49.17
CA ASP A 113 -1.74 24.21 50.59
C ASP A 113 -1.37 25.69 50.75
N GLY A 114 -2.02 26.57 49.99
CA GLY A 114 -1.79 28.01 50.07
C GLY A 114 -0.38 28.45 49.70
N LYS A 115 0.30 27.62 48.91
CA LYS A 115 1.70 27.87 48.58
C LYS A 115 2.00 27.72 47.08
N LEU A 116 3.05 28.39 46.63
CA LEU A 116 3.37 28.52 45.22
C LEU A 116 4.86 28.42 45.05
N PRO A 117 5.31 27.72 44.01
CA PRO A 117 6.75 27.73 43.74
C PRO A 117 7.16 29.03 43.05
N GLU A 118 8.42 29.42 43.23
CA GLU A 118 9.01 30.47 42.44
C GLU A 118 9.27 29.88 41.04
N VAL A 119 8.55 30.40 40.04
CA VAL A 119 8.58 29.86 38.67
C VAL A 119 8.45 30.91 37.58
N GLU A 120 8.92 30.57 36.40
CA GLU A 120 8.68 31.39 35.27
C GLU A 120 8.43 30.49 34.09
N ILE A 121 7.34 30.76 33.39
CA ILE A 121 6.82 29.87 32.37
C ILE A 121 6.47 30.64 31.12
N LYS A 122 6.94 30.15 29.99
CA LYS A 122 6.46 30.61 28.69
C LYS A 122 5.85 29.43 28.00
N ASP A 123 4.58 29.54 27.61
CA ASP A 123 3.76 28.40 27.19
C ASP A 123 2.83 28.74 26.02
N TYR A 124 2.45 27.74 25.26
CA TYR A 124 1.61 27.90 24.11
C TYR A 124 1.46 26.45 23.63
N PRO A 125 0.51 26.18 22.72
CA PRO A 125 0.28 24.83 22.22
C PRO A 125 0.97 24.54 20.90
N SER A 126 1.45 23.33 20.71
CA SER A 126 2.11 23.04 19.46
C SER A 126 1.10 22.76 18.35
N VAL A 127 -0.14 22.44 18.74
CA VAL A 127 -1.19 22.09 17.79
C VAL A 127 -2.34 23.07 18.01
N ARG A 128 -2.88 23.58 16.92
CA ARG A 128 -3.90 24.62 16.95
C ARG A 128 -5.21 24.14 17.61
N TYR A 129 -5.78 23.04 17.09
CA TYR A 129 -7.03 22.53 17.66
C TYR A 129 -6.77 21.26 18.42
N ARG A 130 -7.29 21.19 19.64
CA ARG A 130 -7.05 20.04 20.51
C ARG A 130 -8.31 19.71 21.28
N GLY A 131 -8.78 18.48 21.17
CA GLY A 131 -9.82 18.05 22.07
C GLY A 131 -10.51 16.75 21.73
N VAL A 132 -11.82 16.79 21.89
CA VAL A 132 -12.61 15.61 21.80
C VAL A 132 -13.66 15.76 20.73
N VAL A 133 -13.78 14.72 19.91
CA VAL A 133 -14.95 14.53 19.07
C VAL A 133 -15.86 13.39 19.61
N GLU A 134 -17.02 13.72 20.15
CA GLU A 134 -18.00 12.64 20.45
C GLU A 134 -18.61 12.12 19.15
N GLY A 135 -17.96 11.12 18.57
CA GLY A 135 -18.35 10.66 17.22
C GLY A 135 -18.41 9.18 17.05
N PHE A 136 -18.65 8.48 18.18
CA PHE A 136 -18.76 7.00 18.18
C PHE A 136 -20.17 6.52 17.87
N TYR A 137 -20.31 5.26 17.45
CA TYR A 137 -21.59 4.50 17.52
C TYR A 137 -21.86 3.99 18.95
N GLY A 138 -23.14 3.95 19.32
CA GLY A 138 -23.55 3.56 20.67
C GLY A 138 -24.21 4.70 21.45
N THR A 139 -24.65 4.41 22.66
CA THR A 139 -25.40 5.37 23.46
C THR A 139 -24.63 6.67 23.59
N PRO A 140 -25.22 7.77 23.07
CA PRO A 140 -24.63 9.10 23.18
C PRO A 140 -24.40 9.54 24.69
N TRP A 141 -23.38 10.34 24.94
CA TRP A 141 -23.10 10.78 26.31
C TRP A 141 -24.28 11.49 26.93
N SER A 142 -24.64 11.13 28.15
CA SER A 142 -25.68 11.89 28.83
C SER A 142 -25.35 13.37 28.92
N HIS A 143 -26.39 14.16 29.08
CA HIS A 143 -26.22 15.58 29.34
C HIS A 143 -25.23 15.89 30.46
N GLN A 144 -25.35 15.17 31.56
CA GLN A 144 -24.52 15.45 32.74
C GLN A 144 -23.06 15.10 32.49
N ALA A 145 -22.85 14.05 31.71
CA ALA A 145 -21.52 13.63 31.41
C ALA A 145 -20.87 14.67 30.54
N ARG A 146 -21.69 15.28 29.68
CA ARG A 146 -21.17 16.29 28.73
C ARG A 146 -20.77 17.54 29.47
N LEU A 147 -21.52 17.85 30.52
CA LEU A 147 -21.22 19.02 31.28
C LEU A 147 -19.89 18.76 31.99
N SER A 148 -19.63 17.48 32.32
CA SER A 148 -18.44 17.18 33.08
C SER A 148 -17.24 17.24 32.19
N GLN A 149 -17.42 16.78 30.98
CA GLN A 149 -16.36 16.77 30.01
C GLN A 149 -15.88 18.20 29.77
N LEU A 150 -16.78 19.13 29.51
CA LEU A 150 -16.37 20.49 29.15
C LEU A 150 -15.56 21.23 30.23
N LYS A 151 -15.79 20.95 31.50
CA LYS A 151 -14.94 21.58 32.47
C LYS A 151 -13.60 20.89 32.49
N PHE A 152 -13.61 19.59 32.22
CA PHE A 152 -12.37 18.80 32.16
C PHE A 152 -11.53 19.31 31.02
N TYR A 153 -12.19 19.77 29.96
CA TYR A 153 -11.43 20.25 28.79
C TYR A 153 -10.72 21.53 29.14
N GLY A 154 -11.45 22.48 29.69
CA GLY A 154 -10.85 23.71 30.17
C GLY A 154 -9.66 23.60 31.13
N LYS A 155 -9.72 22.69 32.12
CA LYS A 155 -8.59 22.53 33.06
C LYS A 155 -7.35 22.03 32.31
N ASN A 156 -7.60 21.32 31.23
CA ASN A 156 -6.55 20.70 30.44
C ASN A 156 -6.23 21.39 29.10
N LYS A 157 -6.83 22.55 28.83
CA LYS A 157 -6.38 23.39 27.70
C LYS A 157 -6.78 22.76 26.38
N MET A 158 -7.82 21.93 26.42
CA MET A 158 -8.44 21.47 25.20
C MET A 158 -9.45 22.54 24.70
N ASN A 159 -9.41 22.81 23.39
CA ASN A 159 -10.21 23.94 22.92
C ASN A 159 -11.28 23.53 21.94
N THR A 160 -11.50 22.23 21.83
CA THR A 160 -12.43 21.74 20.80
C THR A 160 -13.27 20.66 21.39
N TYR A 161 -14.58 20.83 21.29
CA TYR A 161 -15.53 19.75 21.47
C TYR A 161 -16.31 19.57 20.17
N ILE A 162 -16.11 18.45 19.49
CA ILE A 162 -16.94 18.18 18.31
C ILE A 162 -18.08 17.23 18.61
N TYR A 163 -19.29 17.81 18.68
CA TYR A 163 -20.52 17.04 18.92
C TYR A 163 -20.94 16.31 17.63
N GLY A 164 -20.87 14.98 17.63
CA GLY A 164 -21.33 14.24 16.45
C GLY A 164 -21.57 12.77 16.73
N PRO A 165 -22.42 12.46 17.71
CA PRO A 165 -22.65 11.03 18.02
C PRO A 165 -23.44 10.37 16.95
N LYS A 166 -22.93 9.28 16.37
CA LYS A 166 -23.57 8.66 15.27
C LYS A 166 -25.01 8.35 15.56
N ASP A 167 -25.31 8.07 16.82
CA ASP A 167 -26.66 7.62 17.11
C ASP A 167 -27.63 8.73 17.50
N ASP A 168 -27.21 9.98 17.36
CA ASP A 168 -28.15 11.12 17.50
C ASP A 168 -28.91 11.22 16.16
N PRO A 169 -30.24 11.18 16.22
CA PRO A 169 -30.96 11.21 14.93
C PRO A 169 -31.11 12.61 14.33
N TYR A 170 -30.88 13.65 15.14
CA TYR A 170 -30.87 15.05 14.69
C TYR A 170 -29.50 15.42 14.11
N HIS A 171 -28.47 14.58 14.38
CA HIS A 171 -27.12 14.67 13.79
C HIS A 171 -27.05 13.90 12.45
N SER A 172 -27.72 12.76 12.42
CA SER A 172 -27.57 11.85 11.26
C SER A 172 -28.93 11.58 10.60
N ALA A 173 -28.98 10.60 9.67
CA ALA A 173 -30.21 10.40 8.91
C ALA A 173 -31.18 9.62 9.76
N PRO A 174 -32.46 9.94 9.61
CA PRO A 174 -32.88 11.00 8.70
C PRO A 174 -33.19 12.35 9.33
N ASN A 175 -33.20 12.47 10.65
CA ASN A 175 -33.64 13.76 11.16
C ASN A 175 -32.64 14.89 11.26
N TRP A 176 -31.59 14.78 10.46
CA TRP A 176 -30.61 15.86 10.40
C TRP A 176 -31.24 17.10 9.85
N ARG A 177 -32.30 16.91 9.07
CA ARG A 177 -33.09 18.03 8.57
C ARG A 177 -33.97 18.68 9.66
N LEU A 178 -34.23 18.01 10.76
CA LEU A 178 -35.16 18.56 11.75
C LEU A 178 -34.45 19.27 12.89
N PRO A 179 -34.97 20.42 13.32
CA PRO A 179 -34.36 20.98 14.52
C PRO A 179 -34.54 20.04 15.72
N TYR A 180 -33.63 20.10 16.69
CA TYR A 180 -33.81 19.45 18.00
C TYR A 180 -35.14 19.87 18.63
N PRO A 181 -35.76 19.03 19.46
CA PRO A 181 -36.95 19.46 20.11
C PRO A 181 -36.56 20.31 21.33
N ASP A 182 -37.57 20.93 21.91
CA ASP A 182 -37.31 21.88 22.99
C ASP A 182 -36.27 21.42 24.00
N LYS A 183 -36.54 20.30 24.65
CA LYS A 183 -35.62 19.74 25.61
C LYS A 183 -34.18 19.58 25.17
N GLU A 184 -33.92 18.85 24.07
CA GLU A 184 -32.56 18.65 23.63
C GLU A 184 -31.88 19.95 23.25
N ALA A 185 -32.68 20.89 22.75
CA ALA A 185 -32.20 22.20 22.33
C ALA A 185 -31.80 23.13 23.52
N ALA A 186 -32.64 23.22 24.56
CA ALA A 186 -32.26 23.88 25.81
C ALA A 186 -31.00 23.23 26.44
N GLN A 187 -30.82 21.91 26.30
CA GLN A 187 -29.61 21.25 26.81
C GLN A 187 -28.41 21.67 25.98
N LEU A 188 -28.48 21.52 24.65
CA LEU A 188 -27.37 22.03 23.80
C LEU A 188 -26.98 23.48 24.11
N GLN A 189 -27.98 24.34 24.23
CA GLN A 189 -27.80 25.72 24.61
C GLN A 189 -26.95 25.83 25.86
N GLU A 190 -27.38 25.16 26.92
CA GLU A 190 -26.55 25.05 28.11
C GLU A 190 -25.10 24.58 27.86
N LEU A 191 -24.98 23.55 27.02
CA LEU A 191 -23.67 22.99 26.77
C LEU A 191 -22.81 24.05 26.13
N VAL A 192 -23.31 24.68 25.06
CA VAL A 192 -22.61 25.82 24.46
C VAL A 192 -22.21 26.86 25.53
N ALA A 193 -23.10 27.23 26.43
CA ALA A 193 -22.69 28.26 27.41
C ALA A 193 -21.54 27.75 28.28
N VAL A 194 -21.59 26.45 28.60
CA VAL A 194 -20.60 25.84 29.48
C VAL A 194 -19.27 25.74 28.74
N ALA A 195 -19.39 25.46 27.45
CA ALA A 195 -18.23 25.39 26.55
C ALA A 195 -17.55 26.77 26.47
N ASN A 196 -18.30 27.80 26.12
CA ASN A 196 -17.73 29.17 26.18
C ASN A 196 -16.99 29.50 27.46
N GLU A 197 -17.60 29.19 28.60
CA GLU A 197 -17.07 29.61 29.90
C GLU A 197 -15.72 28.93 30.20
N ASN A 198 -15.46 27.81 29.50
CA ASN A 198 -14.26 27.00 29.71
C ASN A 198 -13.34 27.17 28.52
N GLU A 199 -13.65 28.17 27.70
CA GLU A 199 -12.86 28.49 26.53
C GLU A 199 -12.82 27.33 25.53
N VAL A 200 -13.90 26.54 25.43
CA VAL A 200 -13.94 25.42 24.45
C VAL A 200 -14.82 25.81 23.29
N ASP A 201 -14.44 25.43 22.06
CA ASP A 201 -15.27 25.72 20.90
C ASP A 201 -16.23 24.58 20.82
N PHE A 202 -17.53 24.83 21.00
CA PHE A 202 -18.47 23.78 20.68
C PHE A 202 -18.63 23.68 19.17
N VAL A 203 -18.25 22.55 18.58
CA VAL A 203 -18.41 22.37 17.14
C VAL A 203 -19.58 21.46 16.85
N TRP A 204 -20.65 22.00 16.31
CA TRP A 204 -21.78 21.13 16.06
C TRP A 204 -21.58 20.41 14.70
N ALA A 205 -21.55 19.08 14.68
CA ALA A 205 -21.38 18.37 13.41
C ALA A 205 -22.69 17.87 12.83
N ILE A 206 -22.75 17.68 11.52
CA ILE A 206 -23.92 17.12 10.93
C ILE A 206 -23.46 16.06 9.97
N HIS A 207 -24.33 15.07 9.79
CA HIS A 207 -23.93 13.85 9.13
C HIS A 207 -25.09 13.57 8.22
N PRO A 208 -25.11 14.22 7.03
CA PRO A 208 -26.23 14.22 6.09
C PRO A 208 -26.02 13.29 4.90
N GLY A 209 -24.81 12.76 4.73
CA GLY A 209 -24.44 12.15 3.46
C GLY A 209 -25.25 11.00 2.94
N GLN A 210 -25.76 10.15 3.83
CA GLN A 210 -26.43 8.94 3.42
C GLN A 210 -27.71 9.17 2.59
N ASP A 211 -28.39 10.28 2.81
CA ASP A 211 -29.64 10.47 2.10
C ASP A 211 -29.73 11.87 1.51
N ILE A 212 -28.63 12.61 1.51
CA ILE A 212 -28.66 13.95 0.95
C ILE A 212 -28.94 13.92 -0.54
N LYS A 213 -29.79 14.83 -1.02
CA LYS A 213 -29.93 15.03 -2.46
C LYS A 213 -29.09 16.24 -2.82
N TRP A 214 -28.42 16.19 -3.97
CA TRP A 214 -27.66 17.36 -4.42
C TRP A 214 -28.58 18.34 -5.19
N ASN A 215 -29.59 18.83 -4.49
CA ASN A 215 -30.49 19.84 -5.00
C ASN A 215 -30.55 20.98 -3.96
N LYS A 216 -31.33 22.02 -4.27
CA LYS A 216 -31.37 23.21 -3.42
C LYS A 216 -32.17 23.01 -2.14
N GLU A 217 -33.24 22.25 -2.25
CA GLU A 217 -34.02 21.90 -1.08
C GLU A 217 -33.16 21.32 0.08
N ASP A 218 -32.34 20.31 -0.21
CA ASP A 218 -31.55 19.70 0.87
C ASP A 218 -30.47 20.67 1.37
N ARG A 219 -29.88 21.40 0.43
CA ARG A 219 -28.89 22.39 0.73
C ARG A 219 -29.49 23.39 1.73
N ASP A 220 -30.60 24.03 1.39
CA ASP A 220 -31.22 25.01 2.28
C ASP A 220 -31.61 24.39 3.61
N LEU A 221 -32.06 23.15 3.58
CA LEU A 221 -32.42 22.44 4.81
C LEU A 221 -31.19 22.32 5.73
N LEU A 222 -30.03 22.04 5.16
CA LEU A 222 -28.80 21.95 5.98
C LEU A 222 -28.49 23.31 6.60
N LEU A 223 -28.52 24.36 5.79
CA LEU A 223 -28.26 25.73 6.30
C LEU A 223 -29.29 26.22 7.31
N ALA A 224 -30.56 25.93 7.06
CA ALA A 224 -31.56 26.23 8.10
C ALA A 224 -31.25 25.48 9.40
N LYS A 225 -30.80 24.24 9.30
CA LYS A 225 -30.38 23.52 10.50
C LYS A 225 -29.14 24.22 11.14
N PHE A 226 -28.13 24.48 10.33
CA PHE A 226 -27.00 25.28 10.85
C PHE A 226 -27.50 26.57 11.53
N GLU A 227 -28.49 27.22 10.93
CA GLU A 227 -29.03 28.48 11.46
C GLU A 227 -29.69 28.28 12.84
N LYS A 228 -30.46 27.22 13.00
CA LYS A 228 -31.04 26.83 14.27
C LYS A 228 -29.99 26.59 15.33
N MET A 229 -28.92 25.90 15.00
CA MET A 229 -27.82 25.74 15.98
C MET A 229 -27.15 27.08 16.35
N TYR A 230 -26.98 27.93 15.33
CA TYR A 230 -26.44 29.25 15.57
C TYR A 230 -27.30 30.00 16.62
N GLN A 231 -28.62 29.90 16.48
CA GLN A 231 -29.48 30.58 17.48
C GLN A 231 -29.37 30.00 18.88
N LEU A 232 -28.92 28.74 18.97
CA LEU A 232 -28.60 28.05 20.26
C LEU A 232 -27.21 28.45 20.81
N GLY A 233 -26.41 29.12 19.97
CA GLY A 233 -25.18 29.75 20.34
C GLY A 233 -23.99 29.08 19.71
N VAL A 234 -24.23 28.01 18.98
CA VAL A 234 -23.14 27.35 18.30
C VAL A 234 -22.48 28.37 17.40
N ARG A 235 -21.14 28.38 17.42
CA ARG A 235 -20.30 29.22 16.56
C ARG A 235 -19.22 28.42 15.77
N SER A 236 -19.27 27.09 15.84
CA SER A 236 -18.37 26.28 15.02
C SER A 236 -19.15 25.10 14.43
N PHE A 237 -18.77 24.63 13.25
CA PHE A 237 -19.63 23.69 12.54
C PHE A 237 -18.80 22.68 11.75
N ALA A 238 -19.35 21.47 11.59
CA ALA A 238 -18.69 20.47 10.72
C ALA A 238 -19.74 19.74 9.93
N VAL A 239 -19.29 19.06 8.86
CA VAL A 239 -20.13 18.21 8.04
C VAL A 239 -19.36 16.91 7.77
N PHE A 240 -19.96 15.77 8.14
CA PHE A 240 -19.21 14.52 8.20
C PHE A 240 -19.81 13.70 7.09
N PHE A 241 -18.97 13.18 6.19
CA PHE A 241 -19.40 12.27 5.10
C PHE A 241 -18.80 10.87 5.26
N ASP A 242 -18.51 10.53 6.52
CA ASP A 242 -17.93 9.22 6.84
C ASP A 242 -19.00 8.10 6.89
N ASP A 243 -18.64 6.92 6.41
CA ASP A 243 -19.49 5.74 6.56
C ASP A 243 -20.78 5.77 5.77
N ILE A 244 -20.71 6.22 4.51
CA ILE A 244 -21.88 6.31 3.64
C ILE A 244 -21.56 5.68 2.27
N SER A 245 -22.61 5.42 1.50
CA SER A 245 -22.51 5.00 0.11
C SER A 245 -23.50 5.82 -0.71
N GLY A 246 -23.33 5.78 -2.03
CA GLY A 246 -24.23 6.48 -2.90
C GLY A 246 -23.70 7.83 -3.34
N GLU A 247 -24.65 8.73 -3.65
CA GLU A 247 -24.39 10.04 -4.23
C GLU A 247 -23.65 10.94 -3.26
N GLY A 248 -23.92 10.73 -1.98
CA GLY A 248 -23.41 11.63 -0.93
C GLY A 248 -21.89 11.55 -0.87
N THR A 249 -21.32 10.60 -1.62
CA THR A 249 -19.87 10.40 -1.63
C THR A 249 -19.17 11.14 -2.74
N ASN A 250 -19.92 11.93 -3.51
CA ASN A 250 -19.34 12.75 -4.57
C ASN A 250 -18.47 13.90 -4.00
N PRO A 251 -17.15 13.88 -4.32
CA PRO A 251 -16.19 14.82 -3.73
C PRO A 251 -16.41 16.26 -4.21
N GLN A 252 -16.77 16.45 -5.48
CA GLN A 252 -17.02 17.80 -5.99
C GLN A 252 -18.28 18.39 -5.37
N LYS A 253 -19.31 17.57 -5.22
CA LYS A 253 -20.53 18.01 -4.59
C LYS A 253 -20.27 18.43 -3.14
N GLN A 254 -19.61 17.57 -2.36
CA GLN A 254 -19.22 17.87 -0.98
C GLN A 254 -18.46 19.18 -0.90
N ALA A 255 -17.39 19.28 -1.69
CA ALA A 255 -16.60 20.50 -1.73
C ALA A 255 -17.47 21.75 -2.01
N GLU A 256 -18.31 21.69 -3.03
CA GLU A 256 -19.21 22.80 -3.33
C GLU A 256 -20.18 23.06 -2.20
N LEU A 257 -20.59 21.99 -1.51
CA LEU A 257 -21.50 22.23 -0.38
C LEU A 257 -20.74 22.90 0.78
N LEU A 258 -19.53 22.43 1.09
CA LEU A 258 -18.71 23.10 2.10
C LEU A 258 -18.39 24.53 1.70
N ASN A 259 -18.08 24.75 0.42
CA ASN A 259 -17.73 26.10 -0.01
C ASN A 259 -18.91 27.06 0.10
N TYR A 260 -20.10 26.55 -0.13
CA TYR A 260 -21.30 27.39 -0.03
C TYR A 260 -21.60 27.72 1.44
N ILE A 261 -21.37 26.76 2.33
CA ILE A 261 -21.60 26.98 3.76
C ILE A 261 -20.61 28.03 4.20
N ASP A 262 -19.36 27.83 3.78
CA ASP A 262 -18.29 28.77 4.01
C ASP A 262 -18.67 30.16 3.55
N GLU A 263 -19.03 30.24 2.28
CA GLU A 263 -19.24 31.53 1.67
C GLU A 263 -20.53 32.20 2.11
N LYS A 264 -21.64 31.45 2.18
CA LYS A 264 -22.91 32.10 2.49
C LYS A 264 -23.35 32.05 3.96
N PHE A 265 -22.55 31.40 4.80
CA PHE A 265 -22.88 31.25 6.21
C PHE A 265 -21.67 31.55 7.10
N ALA A 266 -20.59 30.77 7.00
CA ALA A 266 -19.44 31.02 7.88
C ALA A 266 -18.73 32.39 7.65
N GLN A 267 -18.61 32.85 6.41
CA GLN A 267 -17.91 34.12 6.17
CA GLN A 267 -17.94 34.11 6.11
C GLN A 267 -18.92 35.27 6.17
N VAL A 268 -20.14 34.99 6.63
CA VAL A 268 -21.20 36.00 6.65
C VAL A 268 -21.77 36.33 8.05
N LYS A 269 -21.63 35.40 9.00
CA LYS A 269 -21.93 35.70 10.40
C LYS A 269 -20.82 36.56 10.97
N PRO A 270 -21.10 37.29 12.04
CA PRO A 270 -20.10 38.13 12.67
C PRO A 270 -18.95 37.35 13.33
N ASP A 271 -19.20 36.11 13.78
CA ASP A 271 -18.35 35.49 14.79
C ASP A 271 -18.19 33.97 14.68
N ILE A 272 -18.20 33.44 13.49
CA ILE A 272 -17.98 32.02 13.36
C ILE A 272 -16.50 31.64 13.43
N ASN A 273 -16.19 30.55 14.13
CA ASN A 273 -14.79 30.11 14.26
C ASN A 273 -14.34 28.96 13.38
N GLN A 274 -14.62 27.72 13.74
CA GLN A 274 -14.12 26.60 12.97
C GLN A 274 -15.17 26.13 11.99
N LEU A 275 -14.73 25.84 10.78
CA LEU A 275 -15.54 25.05 9.86
C LEU A 275 -14.73 23.81 9.45
N VAL A 276 -15.32 22.64 9.63
CA VAL A 276 -14.59 21.39 9.57
C VAL A 276 -15.34 20.34 8.73
N MET A 277 -14.62 19.55 7.97
CA MET A 277 -15.28 18.44 7.27
C MET A 277 -14.55 17.10 7.45
N CYS A 278 -15.33 16.03 7.56
CA CYS A 278 -14.74 14.71 7.65
C CYS A 278 -14.94 14.01 6.30
N PRO A 279 -13.85 13.55 5.66
CA PRO A 279 -14.06 12.96 4.30
C PRO A 279 -14.68 11.56 4.26
N THR A 280 -15.26 11.20 3.13
CA THR A 280 -15.73 9.85 2.97
C THR A 280 -14.55 8.89 3.03
N GLU A 281 -13.46 9.30 2.40
CA GLU A 281 -12.21 8.50 2.45
C GLU A 281 -11.38 9.15 3.56
N TYR A 282 -11.50 8.61 4.78
CA TYR A 282 -10.95 9.25 5.97
C TYR A 282 -9.71 8.55 6.52
N ASN A 283 -9.20 7.58 5.78
CA ASN A 283 -7.92 6.96 6.11
C ASN A 283 -7.42 6.25 4.86
N LYS A 284 -6.13 5.91 4.85
CA LYS A 284 -5.43 5.57 3.63
C LYS A 284 -5.95 4.28 3.01
N SER A 285 -6.27 3.32 3.87
CA SER A 285 -6.73 2.02 3.46
C SER A 285 -8.10 2.11 2.81
N TRP A 286 -8.81 3.15 3.13
CA TRP A 286 -10.13 3.37 2.67
C TRP A 286 -10.09 4.37 1.53
N SER A 287 -8.92 4.85 1.22
CA SER A 287 -8.81 5.73 0.11
C SER A 287 -8.78 4.97 -1.17
N ASN A 288 -8.92 5.67 -2.25
CA ASN A 288 -8.56 5.08 -3.52
C ASN A 288 -7.45 5.87 -4.19
N PRO A 289 -6.22 5.35 -4.12
CA PRO A 289 -5.07 6.11 -4.57
C PRO A 289 -5.29 6.59 -5.99
N ASN A 290 -5.93 5.74 -6.80
CA ASN A 290 -6.11 6.02 -8.21
C ASN A 290 -7.46 6.66 -8.53
N GLY A 291 -8.17 7.11 -7.50
CA GLY A 291 -9.46 7.75 -7.67
C GLY A 291 -9.27 9.23 -7.42
N ASN A 292 -10.25 10.04 -7.71
CA ASN A 292 -9.94 11.47 -7.70
C ASN A 292 -10.46 12.12 -6.46
N TYR A 293 -10.78 11.29 -5.46
CA TYR A 293 -11.51 11.78 -4.33
C TYR A 293 -10.71 12.74 -3.45
N LEU A 294 -9.53 12.34 -3.02
CA LEU A 294 -8.88 13.17 -2.00
C LEU A 294 -8.29 14.44 -2.60
N THR A 295 -7.77 14.33 -3.82
CA THR A 295 -7.18 15.43 -4.54
C THR A 295 -8.26 16.44 -4.94
N THR A 296 -9.43 15.95 -5.36
CA THR A 296 -10.53 16.85 -5.61
C THR A 296 -10.82 17.68 -4.37
N LEU A 297 -10.90 17.04 -3.20
CA LEU A 297 -11.14 17.78 -1.96
C LEU A 297 -10.08 18.87 -1.71
N GLY A 298 -8.83 18.48 -1.82
CA GLY A 298 -7.73 19.37 -1.57
C GLY A 298 -7.68 20.54 -2.53
N ASP A 299 -8.15 20.32 -3.75
CA ASP A 299 -8.11 21.33 -4.79
C ASP A 299 -9.28 22.27 -4.66
N LYS A 300 -10.47 21.73 -4.46
CA LYS A 300 -11.64 22.58 -4.51
C LYS A 300 -12.06 23.12 -3.15
N LEU A 301 -11.87 22.38 -2.06
CA LEU A 301 -12.24 22.90 -0.73
C LEU A 301 -11.54 24.21 -0.40
N ASN A 302 -12.30 25.26 -0.14
CA ASN A 302 -11.74 26.53 0.32
C ASN A 302 -10.68 26.32 1.39
N PRO A 303 -9.67 27.19 1.42
CA PRO A 303 -8.48 26.84 2.17
C PRO A 303 -8.66 26.94 3.67
N SER A 304 -9.70 27.63 4.13
CA SER A 304 -9.82 27.79 5.57
C SER A 304 -10.62 26.63 6.18
N ILE A 305 -11.12 25.77 5.31
CA ILE A 305 -11.91 24.62 5.79
C ILE A 305 -11.06 23.38 6.22
N GLN A 306 -11.25 22.89 7.43
CA GLN A 306 -10.49 21.72 7.89
C GLN A 306 -10.94 20.37 7.25
N ILE A 307 -9.99 19.45 7.06
CA ILE A 307 -10.31 18.14 6.56
C ILE A 307 -9.76 17.13 7.55
N MET A 308 -10.65 16.31 8.13
CA MET A 308 -10.31 15.25 9.09
C MET A 308 -9.72 13.96 8.47
N TRP A 309 -8.97 13.21 9.30
CA TRP A 309 -8.21 12.03 8.84
C TRP A 309 -7.94 11.21 10.07
N THR A 310 -8.07 9.89 9.94
CA THR A 310 -7.83 8.98 11.08
C THR A 310 -6.55 8.17 10.95
N GLY A 311 -5.82 8.33 9.85
CA GLY A 311 -4.49 7.73 9.78
C GLY A 311 -4.44 6.76 8.63
N ASP A 312 -3.58 5.76 8.75
CA ASP A 312 -3.35 4.81 7.66
C ASP A 312 -4.50 3.83 7.59
N ARG A 313 -5.13 3.57 8.74
CA ARG A 313 -6.30 2.69 8.77
C ARG A 313 -7.40 3.36 9.58
N VAL A 314 -8.55 2.69 9.69
CA VAL A 314 -9.70 3.21 10.41
C VAL A 314 -9.24 3.50 11.83
N ILE A 315 -8.58 2.51 12.41
CA ILE A 315 -7.88 2.66 13.67
C ILE A 315 -6.38 2.54 13.45
N SER A 316 -5.67 3.63 13.75
CA SER A 316 -4.24 3.69 13.62
C SER A 316 -3.67 4.89 14.39
N ASP A 317 -2.37 4.84 14.59
CA ASP A 317 -1.63 5.91 15.25
C ASP A 317 -1.01 6.81 14.16
N ILE A 318 -0.79 8.09 14.47
CA ILE A 318 -0.36 9.01 13.41
C ILE A 318 1.15 9.00 13.20
N THR A 319 1.59 8.56 12.01
CA THR A 319 3.03 8.54 11.68
C THR A 319 3.44 9.74 10.78
N ARG A 320 4.73 10.06 10.76
CA ARG A 320 5.20 11.14 9.90
C ARG A 320 4.91 10.83 8.45
N ASP A 321 5.26 9.63 8.02
CA ASP A 321 4.95 9.26 6.64
C ASP A 321 3.45 9.28 6.38
N GLY A 322 2.67 8.85 7.36
CA GLY A 322 1.24 8.77 7.17
C GLY A 322 0.63 10.14 6.94
N ILE A 323 1.00 11.11 7.78
CA ILE A 323 0.42 12.44 7.68
C ILE A 323 0.97 13.20 6.47
N SER A 324 2.24 12.97 6.14
CA SER A 324 2.79 13.51 4.88
C SER A 324 2.00 13.01 3.68
N TRP A 325 1.59 11.75 3.72
CA TRP A 325 0.83 11.16 2.62
C TRP A 325 -0.47 11.89 2.37
N ILE A 326 -1.23 12.14 3.43
CA ILE A 326 -2.53 12.79 3.29
C ILE A 326 -2.37 14.28 2.97
N ASN A 327 -1.64 15.01 3.82
CA ASN A 327 -1.28 16.39 3.51
C ASN A 327 -0.92 16.67 2.04
N GLU A 328 -0.08 15.84 1.42
CA GLU A 328 0.23 16.04 0.00
C GLU A 328 -0.99 16.03 -0.93
N ARG A 329 -2.07 15.40 -0.50
CA ARG A 329 -3.25 15.30 -1.33
C ARG A 329 -4.26 16.38 -0.99
N ILE A 330 -4.45 16.65 0.30
CA ILE A 330 -5.48 17.61 0.69
C ILE A 330 -5.01 19.06 0.62
N LYS A 331 -3.69 19.23 0.52
CA LYS A 331 -3.03 20.53 0.30
C LYS A 331 -3.15 21.46 1.49
N ARG A 332 -3.30 20.86 2.68
CA ARG A 332 -3.29 21.59 3.93
C ARG A 332 -2.99 20.58 5.04
N PRO A 333 -2.61 21.06 6.24
CA PRO A 333 -2.27 20.16 7.35
C PRO A 333 -3.53 19.49 7.90
N ALA A 334 -3.52 18.15 7.92
CA ALA A 334 -4.70 17.36 8.33
C ALA A 334 -5.15 17.66 9.77
N TYR A 335 -6.45 17.55 9.98
CA TYR A 335 -7.09 17.72 11.28
C TYR A 335 -7.39 16.29 11.73
N ILE A 336 -6.59 15.80 12.69
CA ILE A 336 -6.63 14.36 13.02
C ILE A 336 -7.81 14.00 13.92
N TRP A 337 -8.51 12.96 13.46
CA TRP A 337 -9.53 12.28 14.22
C TRP A 337 -8.91 10.94 14.66
N TRP A 338 -8.49 10.90 15.91
CA TRP A 338 -7.84 9.68 16.42
C TRP A 338 -8.82 8.74 17.12
N ASN A 339 -9.02 7.58 16.51
CA ASN A 339 -9.94 6.58 17.00
C ASN A 339 -9.40 5.75 18.14
N PHE A 340 -9.10 6.42 19.24
CA PHE A 340 -8.79 5.78 20.48
C PHE A 340 -9.16 6.83 21.55
N PRO A 341 -9.81 6.42 22.64
CA PRO A 341 -10.12 5.07 23.08
C PRO A 341 -11.47 4.50 22.66
N VAL A 342 -12.15 5.14 21.70
CA VAL A 342 -13.39 4.60 21.12
C VAL A 342 -13.34 3.08 21.08
N SER A 343 -14.40 2.41 21.54
CA SER A 343 -14.43 0.97 21.67
C SER A 343 -15.73 0.45 21.09
N ASP A 344 -16.35 1.24 20.21
CA ASP A 344 -17.70 0.99 19.71
C ASP A 344 -17.68 -0.22 18.83
N TYR A 345 -16.48 -0.76 18.63
CA TYR A 345 -16.38 -2.01 17.89
C TYR A 345 -15.80 -3.16 18.71
N VAL A 346 -15.48 -2.88 19.97
CA VAL A 346 -15.02 -3.89 20.94
C VAL A 346 -15.69 -3.49 22.28
N ARG A 347 -17.03 -3.44 22.23
CA ARG A 347 -17.85 -2.93 23.28
C ARG A 347 -17.91 -3.81 24.50
N ASP A 348 -17.42 -5.05 24.40
CA ASP A 348 -17.21 -5.87 25.62
C ASP A 348 -15.85 -5.61 26.33
N HIS A 349 -15.08 -4.65 25.83
CA HIS A 349 -13.82 -4.26 26.46
C HIS A 349 -13.88 -2.81 26.90
N LEU A 350 -13.14 -2.49 27.96
CA LEU A 350 -12.88 -1.11 28.30
C LEU A 350 -11.45 -0.81 27.88
N LEU A 351 -11.18 0.36 27.32
CA LEU A 351 -9.83 0.67 26.86
C LEU A 351 -9.19 1.76 27.76
N LEU A 352 -8.50 1.34 28.82
CA LEU A 352 -8.09 2.25 29.87
C LEU A 352 -6.56 2.41 29.93
N GLY A 353 -5.87 1.87 28.93
CA GLY A 353 -4.40 1.97 28.86
C GLY A 353 -3.89 3.37 28.52
N PRO A 354 -2.56 3.57 28.52
CA PRO A 354 -2.02 4.90 28.16
C PRO A 354 -2.22 5.25 26.69
N VAL A 355 -2.02 6.52 26.40
CA VAL A 355 -2.11 6.99 25.05
C VAL A 355 -0.71 7.01 24.54
N TYR A 356 -0.47 6.27 23.46
CA TYR A 356 0.84 6.19 22.85
C TYR A 356 0.74 5.77 21.36
N GLY A 357 1.88 5.86 20.67
CA GLY A 357 1.99 5.42 19.31
C GLY A 357 2.03 6.56 18.29
N ASN A 358 1.67 7.78 18.72
CA ASN A 358 1.67 8.89 17.79
C ASN A 358 2.98 9.63 17.77
N ASP A 359 3.48 9.89 16.57
CA ASP A 359 4.77 10.53 16.39
C ASP A 359 4.71 11.87 17.12
N THR A 360 5.79 12.24 17.79
CA THR A 360 5.80 13.40 18.66
C THR A 360 6.55 14.56 18.03
N THR A 361 6.91 14.41 16.74
CA THR A 361 7.68 15.43 16.05
C THR A 361 6.91 16.03 14.87
N ILE A 362 5.65 15.68 14.70
CA ILE A 362 4.88 16.16 13.55
C ILE A 362 3.82 17.23 13.87
N ALA A 363 3.94 17.95 14.98
CA ALA A 363 2.92 18.95 15.30
C ALA A 363 2.62 19.92 14.16
N LYS A 364 3.65 20.44 13.51
CA LYS A 364 3.45 21.34 12.38
C LYS A 364 2.63 20.72 11.26
N GLU A 365 2.53 19.40 11.17
CA GLU A 365 1.86 18.81 10.00
C GLU A 365 0.42 18.51 10.30
N MET A 366 -0.08 18.97 11.45
CA MET A 366 -1.49 18.80 11.76
C MET A 366 -2.19 20.09 12.21
N SER A 367 -3.42 20.26 11.74
CA SER A 367 -4.20 21.43 12.10
C SER A 367 -4.83 21.28 13.48
N GLY A 368 -5.20 20.07 13.83
CA GLY A 368 -5.88 19.77 15.07
C GLY A 368 -5.62 18.31 15.39
N PHE A 369 -5.90 17.94 16.64
CA PHE A 369 -5.82 16.55 17.08
C PHE A 369 -7.00 16.38 17.99
N VAL A 370 -7.90 15.50 17.58
CA VAL A 370 -9.01 15.09 18.46
C VAL A 370 -9.13 13.61 18.60
N THR A 371 -9.50 13.23 19.82
CA THR A 371 -9.77 11.88 20.24
C THR A 371 -11.27 11.47 20.13
N ASN A 372 -11.56 10.40 19.39
CA ASN A 372 -12.86 9.71 19.48
C ASN A 372 -12.85 8.76 20.71
N PRO A 373 -13.69 9.04 21.73
CA PRO A 373 -13.67 8.34 23.03
C PRO A 373 -14.63 7.13 23.12
N MET A 374 -14.61 6.43 24.26
CA MET A 374 -15.56 5.37 24.52
C MET A 374 -16.93 5.98 24.79
N GLU A 375 -17.98 5.20 24.56
CA GLU A 375 -19.27 5.66 25.06
C GLU A 375 -19.31 5.85 26.57
N HIS A 376 -18.27 5.37 27.27
CA HIS A 376 -18.12 5.53 28.71
C HIS A 376 -17.35 6.83 28.95
N ALA A 377 -18.10 7.88 29.28
CA ALA A 377 -17.57 9.23 29.29
C ALA A 377 -16.45 9.42 30.29
N GLU A 378 -16.64 8.97 31.53
CA GLU A 378 -15.63 9.24 32.56
C GLU A 378 -14.47 8.29 32.38
N SER A 379 -14.73 7.11 31.82
CA SER A 379 -13.63 6.16 31.67
C SER A 379 -12.69 6.67 30.58
N SER A 380 -13.22 7.59 29.78
CA SER A 380 -12.53 8.16 28.65
C SER A 380 -11.58 9.25 29.09
N LYS A 381 -11.77 9.76 30.31
CA LYS A 381 -10.97 10.89 30.79
C LYS A 381 -9.49 10.58 30.87
N ILE A 382 -9.14 9.30 31.05
CA ILE A 382 -7.74 8.90 31.13
C ILE A 382 -7.02 9.22 29.81
N ALA A 383 -7.60 8.78 28.70
CA ALA A 383 -7.04 9.00 27.36
C ALA A 383 -7.08 10.49 26.97
N ILE A 384 -8.23 11.10 27.28
CA ILE A 384 -8.54 12.46 26.92
C ILE A 384 -7.54 13.40 27.60
N TYR A 385 -7.31 13.20 28.89
CA TYR A 385 -6.28 13.92 29.60
C TYR A 385 -4.92 13.66 28.89
N SER A 386 -4.66 12.43 28.46
CA SER A 386 -3.37 12.17 27.85
C SER A 386 -3.21 12.85 26.50
N VAL A 387 -4.30 12.82 25.74
CA VAL A 387 -4.37 13.51 24.49
C VAL A 387 -4.17 15.01 24.70
N ALA A 388 -4.83 15.60 25.69
CA ALA A 388 -4.62 17.01 25.92
C ALA A 388 -3.13 17.29 26.08
N SER A 389 -2.46 16.47 26.87
CA SER A 389 -1.04 16.65 27.13
C SER A 389 -0.26 16.47 25.85
N TYR A 390 -0.59 15.47 25.05
CA TYR A 390 0.18 15.22 23.88
C TYR A 390 0.00 16.37 22.90
N ALA A 391 -1.23 16.84 22.71
CA ALA A 391 -1.50 17.79 21.66
C ALA A 391 -0.92 19.17 21.96
N TRP A 392 -0.77 19.49 23.25
CA TRP A 392 -0.24 20.78 23.65
C TRP A 392 1.30 20.78 23.53
N ASN A 393 1.94 19.75 24.08
CA ASN A 393 3.39 19.69 24.08
C ASN A 393 3.85 18.31 23.66
N PRO A 394 3.65 17.98 22.40
CA PRO A 394 4.12 16.67 21.99
C PRO A 394 5.60 16.40 22.29
N ALA A 395 6.48 17.40 22.15
CA ALA A 395 7.91 17.14 22.30
C ALA A 395 8.18 16.58 23.68
N LYS A 396 7.38 16.97 24.67
CA LYS A 396 7.60 16.50 26.02
C LYS A 396 6.57 15.45 26.37
N TYR A 397 5.92 14.82 25.38
CA TYR A 397 4.91 13.82 25.72
C TYR A 397 5.44 12.55 26.47
N ASP A 398 5.01 12.38 27.71
CA ASP A 398 5.42 11.24 28.53
C ASP A 398 4.23 10.28 28.75
N THR A 399 4.22 9.16 28.05
CA THR A 399 3.04 8.31 28.05
C THR A 399 2.60 7.85 29.42
N TRP A 400 3.48 7.09 30.03
CA TRP A 400 3.22 6.52 31.33
C TRP A 400 2.99 7.59 32.40
N GLN A 401 3.86 8.59 32.50
CA GLN A 401 3.67 9.62 33.54
C GLN A 401 2.29 10.29 33.43
N THR A 402 1.89 10.55 32.19
CA THR A 402 0.67 11.28 31.89
C THR A 402 -0.57 10.44 32.25
N TRP A 403 -0.45 9.13 32.03
CA TRP A 403 -1.43 8.12 32.45
C TRP A 403 -1.65 8.11 33.97
N LYS A 404 -0.56 8.09 34.72
CA LYS A 404 -0.67 8.05 36.16
C LYS A 404 -1.26 9.36 36.67
N ASP A 405 -0.81 10.44 36.04
CA ASP A 405 -1.32 11.78 36.27
C ASP A 405 -2.83 11.90 36.01
N ALA A 406 -3.26 11.41 34.85
CA ALA A 406 -4.68 11.31 34.53
C ALA A 406 -5.44 10.59 35.63
N ILE A 407 -4.92 9.44 36.05
CA ILE A 407 -5.66 8.56 36.94
C ILE A 407 -5.77 9.19 38.32
N ARG A 408 -4.72 9.89 38.71
CA ARG A 408 -4.64 10.49 40.01
C ARG A 408 -5.56 11.70 40.05
N THR A 409 -5.77 12.31 38.89
CA THR A 409 -6.62 13.47 38.78
C THR A 409 -8.10 13.10 38.85
N ILE A 410 -8.47 12.07 38.09
CA ILE A 410 -9.80 11.59 38.06
C ILE A 410 -10.21 10.95 39.39
N LEU A 411 -9.29 10.21 40.02
CA LEU A 411 -9.66 9.50 41.24
C LEU A 411 -8.55 9.55 42.29
N PRO A 412 -8.36 10.73 42.91
CA PRO A 412 -7.30 10.92 43.91
C PRO A 412 -7.50 10.06 45.17
N SER A 413 -8.76 9.79 45.51
CA SER A 413 -9.07 8.94 46.68
C SER A 413 -8.61 7.50 46.53
N ALA A 414 -8.68 6.95 45.33
CA ALA A 414 -8.27 5.55 45.10
C ALA A 414 -7.46 5.36 43.81
N ALA A 415 -6.35 6.08 43.67
CA ALA A 415 -5.59 6.13 42.40
C ALA A 415 -4.75 4.86 42.08
N GLU A 416 -4.13 4.30 43.11
CA GLU A 416 -3.46 3.03 42.91
C GLU A 416 -4.41 1.95 42.43
N GLU A 417 -5.60 1.91 43.05
CA GLU A 417 -6.60 0.90 42.72
C GLU A 417 -7.05 1.00 41.29
N LEU A 418 -7.30 2.23 40.84
CA LEU A 418 -7.65 2.48 39.45
C LEU A 418 -6.49 2.19 38.49
N GLU A 419 -5.26 2.56 38.85
CA GLU A 419 -4.10 2.11 38.03
C GLU A 419 -4.09 0.59 37.80
N CYS A 420 -4.26 -0.14 38.90
CA CYS A 420 -4.28 -1.61 38.88
C CYS A 420 -5.35 -2.10 37.92
N PHE A 421 -6.56 -1.63 38.12
CA PHE A 421 -7.63 -1.97 37.22
C PHE A 421 -7.27 -1.61 35.76
N ALA A 422 -6.89 -0.37 35.53
CA ALA A 422 -6.59 0.08 34.17
C ALA A 422 -5.47 -0.68 33.43
N MET A 423 -4.42 -1.00 34.16
CA MET A 423 -3.24 -1.73 33.71
C MET A 423 -3.66 -3.05 33.02
N HIS A 424 -4.72 -3.63 33.55
CA HIS A 424 -5.23 -4.91 33.06
C HIS A 424 -6.56 -4.79 32.30
N ASN A 425 -6.82 -3.60 31.78
CA ASN A 425 -7.95 -3.37 30.92
C ASN A 425 -7.55 -2.35 29.88
N SER A 426 -6.69 -2.75 28.96
CA SER A 426 -6.16 -1.83 27.96
CA SER A 426 -6.17 -1.83 27.96
C SER A 426 -6.16 -2.44 26.56
N ASP A 427 -6.05 -3.74 26.46
CA ASP A 427 -6.04 -4.38 25.10
C ASP A 427 -7.46 -4.52 24.46
N LEU A 428 -7.54 -4.64 23.14
CA LEU A 428 -8.87 -4.65 22.52
C LEU A 428 -9.40 -6.04 22.29
N GLY A 429 -8.48 -7.00 22.28
CA GLY A 429 -8.74 -8.35 21.80
C GLY A 429 -8.82 -8.38 20.28
N PRO A 430 -8.73 -9.57 19.66
CA PRO A 430 -8.82 -9.62 18.21
C PRO A 430 -10.00 -8.80 17.67
N ASN A 431 -9.77 -8.07 16.58
CA ASN A 431 -10.87 -7.32 15.97
C ASN A 431 -10.56 -7.12 14.52
N GLY A 432 -11.59 -6.69 13.77
CA GLY A 432 -11.49 -6.52 12.33
C GLY A 432 -10.59 -5.38 11.90
N HIS A 433 -10.34 -4.44 12.80
CA HIS A 433 -9.45 -3.34 12.46
C HIS A 433 -7.97 -3.71 12.70
N GLY A 434 -7.75 -4.89 13.28
CA GLY A 434 -6.41 -5.37 13.57
C GLY A 434 -5.64 -4.48 14.53
N TYR A 435 -6.34 -3.69 15.32
CA TYR A 435 -5.68 -2.77 16.25
C TYR A 435 -5.59 -3.31 17.65
N ARG A 436 -4.40 -3.19 18.24
CA ARG A 436 -4.11 -3.76 19.56
C ARG A 436 -3.32 -2.79 20.47
N ARG A 437 -3.45 -2.99 21.79
CA ARG A 437 -2.67 -2.24 22.74
C ARG A 437 -2.05 -3.22 23.72
N GLU A 438 -0.96 -2.83 24.35
CA GLU A 438 -0.39 -3.72 25.35
C GLU A 438 -1.21 -3.70 26.62
N GLU A 439 -0.91 -4.66 27.50
CA GLU A 439 -1.68 -4.90 28.70
C GLU A 439 -0.88 -5.80 29.65
N SER A 440 -0.97 -5.53 30.96
CA SER A 440 -0.39 -6.36 32.01
C SER A 440 1.11 -6.60 31.79
N MET A 441 1.83 -5.58 31.35
CA MET A 441 3.22 -5.65 30.95
C MET A 441 4.14 -5.92 32.09
N ASP A 442 3.74 -5.47 33.26
CA ASP A 442 4.50 -5.59 34.49
C ASP A 442 4.65 -7.03 34.97
N ILE A 443 3.69 -7.89 34.61
CA ILE A 443 3.71 -9.25 35.11
C ILE A 443 3.82 -10.27 34.01
N GLN A 444 3.88 -9.78 32.77
CA GLN A 444 3.93 -10.65 31.60
C GLN A 444 5.18 -11.54 31.62
N PRO A 445 6.32 -10.98 32.05
CA PRO A 445 7.53 -11.76 32.16
C PRO A 445 7.37 -12.99 33.07
N ALA A 446 6.96 -12.74 34.30
CA ALA A 446 6.87 -13.79 35.29
C ALA A 446 5.78 -14.79 34.95
N ALA A 447 4.79 -14.35 34.16
CA ALA A 447 3.72 -15.21 33.68
C ALA A 447 4.22 -16.16 32.61
N GLU A 448 4.98 -15.62 31.67
CA GLU A 448 5.33 -16.40 30.50
C GLU A 448 6.38 -17.46 30.84
N ARG A 449 7.13 -17.22 31.91
CA ARG A 449 8.11 -18.21 32.38
C ARG A 449 7.49 -19.25 33.28
N PHE A 450 6.51 -18.83 34.07
CA PHE A 450 5.83 -19.74 34.96
C PHE A 450 5.14 -20.77 34.11
N LEU A 451 4.57 -20.31 33.00
CA LEU A 451 3.84 -21.17 32.08
C LEU A 451 4.76 -22.02 31.18
N LYS A 452 5.92 -21.49 30.81
CA LYS A 452 6.87 -22.27 30.03
C LYS A 452 7.44 -23.42 30.86
N ALA A 453 7.89 -23.08 32.06
CA ALA A 453 8.38 -24.07 33.02
C ALA A 453 7.37 -25.14 33.31
N PHE A 454 6.15 -24.72 33.58
CA PHE A 454 5.12 -25.64 33.98
C PHE A 454 4.88 -26.68 32.91
N LYS A 455 4.73 -26.21 31.70
CA LYS A 455 4.31 -27.09 30.66
C LYS A 455 5.31 -28.19 30.37
N GLU A 456 6.39 -28.24 31.12
CA GLU A 456 7.43 -29.22 30.87
C GLU A 456 8.05 -29.89 32.08
N GLY A 457 7.42 -29.86 33.19
CA GLY A 457 7.79 -30.63 34.34
C GLY A 457 9.01 -30.01 34.95
N LYS A 458 9.51 -28.97 34.30
CA LYS A 458 10.56 -28.20 34.88
C LYS A 458 9.80 -27.52 35.99
N ASN A 459 10.34 -27.48 37.19
CA ASN A 459 9.68 -26.66 38.18
C ASN A 459 9.72 -25.25 37.69
N TYR A 460 8.93 -24.41 38.32
CA TYR A 460 8.82 -23.01 37.94
C TYR A 460 9.50 -22.23 39.06
N ASP A 461 9.90 -21.01 38.76
CA ASP A 461 10.53 -20.17 39.77
C ASP A 461 9.49 -19.73 40.82
N LYS A 462 9.84 -19.96 42.07
CA LYS A 462 8.96 -19.66 43.18
C LYS A 462 8.57 -18.16 43.24
N ALA A 463 9.51 -17.28 42.90
CA ALA A 463 9.22 -15.85 42.91
C ALA A 463 8.17 -15.50 41.86
N ASP A 464 8.14 -16.27 40.77
CA ASP A 464 7.20 -16.04 39.67
C ASP A 464 5.80 -16.44 40.09
N PHE A 465 5.72 -17.47 40.91
CA PHE A 465 4.46 -17.94 41.49
C PHE A 465 3.91 -16.91 42.47
N GLU A 466 4.84 -16.30 43.22
CA GLU A 466 4.53 -15.30 44.22
C GLU A 466 4.05 -14.01 43.59
N THR A 467 4.59 -13.71 42.42
CA THR A 467 4.25 -12.44 41.81
C THR A 467 2.83 -12.50 41.24
N LEU A 468 2.45 -13.64 40.67
CA LEU A 468 1.06 -13.86 40.24
C LEU A 468 0.07 -13.81 41.43
N GLN A 469 0.40 -14.53 42.48
CA GLN A 469 -0.29 -14.42 43.75
C GLN A 469 -0.47 -12.97 44.21
N TYR A 470 0.61 -12.20 44.26
CA TYR A 470 0.56 -10.82 44.71
C TYR A 470 -0.41 -10.02 43.82
N THR A 471 -0.40 -10.34 42.52
CA THR A 471 -1.20 -9.65 41.51
C THR A 471 -2.72 -9.88 41.74
N PHE A 472 -3.12 -11.17 41.75
CA PHE A 472 -4.49 -11.54 42.13
C PHE A 472 -4.91 -10.84 43.44
N GLU A 473 -4.05 -10.86 44.45
CA GLU A 473 -4.43 -10.22 45.69
C GLU A 473 -4.76 -8.76 45.46
N ARG A 474 -3.92 -8.10 44.65
CA ARG A 474 -3.97 -6.66 44.54
C ARG A 474 -5.19 -6.26 43.72
N MET A 475 -5.47 -7.06 42.70
CA MET A 475 -6.68 -6.95 41.89
C MET A 475 -7.94 -6.95 42.76
N LYS A 476 -7.99 -7.84 43.75
CA LYS A 476 -9.22 -7.94 44.54
C LYS A 476 -9.35 -6.73 45.45
N GLU A 477 -8.24 -6.27 45.98
CA GLU A 477 -8.30 -5.10 46.82
C GLU A 477 -8.81 -3.91 45.98
N SER A 478 -8.44 -3.92 44.69
CA SER A 478 -8.70 -2.78 43.79
C SER A 478 -10.16 -2.78 43.41
N ALA A 479 -10.64 -3.93 42.96
CA ALA A 479 -12.05 -4.13 42.61
C ALA A 479 -12.97 -3.74 43.75
N ASP A 480 -12.74 -4.31 44.91
CA ASP A 480 -13.63 -4.02 46.03
C ASP A 480 -13.62 -2.56 46.44
N ILE A 481 -12.46 -1.91 46.39
CA ILE A 481 -12.34 -0.52 46.82
C ILE A 481 -13.02 0.38 45.79
N LEU A 482 -12.83 0.02 44.53
CA LEU A 482 -13.42 0.75 43.42
C LEU A 482 -14.96 0.75 43.54
N LEU A 483 -15.55 -0.44 43.75
CA LEU A 483 -17.02 -0.58 43.84
C LEU A 483 -17.60 0.32 44.89
N MET A 484 -16.83 0.60 45.91
CA MET A 484 -17.39 1.30 47.02
C MET A 484 -16.96 2.78 47.01
N ASN A 485 -16.24 3.16 45.96
CA ASN A 485 -15.77 4.50 45.88
C ASN A 485 -16.90 5.46 45.54
N THR A 486 -17.08 6.51 46.36
CA THR A 486 -18.10 7.49 46.08
C THR A 486 -17.59 8.88 45.63
N GLU A 487 -16.29 9.03 45.36
CA GLU A 487 -15.77 10.33 44.91
C GLU A 487 -16.15 10.66 43.45
N ASN A 488 -16.19 9.64 42.59
CA ASN A 488 -16.64 9.82 41.21
C ASN A 488 -17.66 8.71 40.87
N LYS A 489 -18.93 8.93 41.23
CA LYS A 489 -19.84 7.80 41.13
C LYS A 489 -20.11 7.44 39.69
N PRO A 490 -20.19 8.44 38.78
CA PRO A 490 -20.42 8.17 37.39
C PRO A 490 -19.38 7.23 36.85
N LEU A 491 -18.11 7.46 37.19
CA LEU A 491 -17.05 6.55 36.82
C LEU A 491 -17.31 5.16 37.36
N ILE A 492 -17.70 5.08 38.63
CA ILE A 492 -17.93 3.74 39.17
C ILE A 492 -19.10 3.05 38.44
N VAL A 493 -20.18 3.78 38.19
CA VAL A 493 -21.27 3.18 37.48
C VAL A 493 -20.81 2.65 36.14
N GLU A 494 -19.96 3.37 35.40
CA GLU A 494 -19.58 2.87 34.09
C GLU A 494 -18.78 1.55 34.14
N ILE A 495 -17.84 1.45 35.07
CA ILE A 495 -16.95 0.30 35.18
C ILE A 495 -17.46 -0.90 36.03
N THR A 496 -18.42 -0.67 36.90
CA THR A 496 -18.92 -1.74 37.77
C THR A 496 -18.98 -3.16 37.10
N PRO A 497 -19.68 -3.33 35.96
CA PRO A 497 -19.67 -4.70 35.47
C PRO A 497 -18.28 -5.25 35.27
N TRP A 498 -17.39 -4.48 34.65
CA TRP A 498 -16.02 -4.92 34.44
C TRP A 498 -15.30 -5.10 35.78
N VAL A 499 -15.57 -4.25 36.78
CA VAL A 499 -14.95 -4.46 38.08
C VAL A 499 -15.32 -5.83 38.72
N HIS A 500 -16.57 -6.27 38.54
CA HIS A 500 -16.98 -7.56 39.10
C HIS A 500 -16.27 -8.70 38.37
N GLN A 501 -16.11 -8.55 37.07
CA GLN A 501 -15.55 -9.63 36.24
C GLN A 501 -14.06 -9.73 36.50
N PHE A 502 -13.49 -8.59 36.88
CA PHE A 502 -12.08 -8.42 37.11
C PHE A 502 -11.81 -9.11 38.43
N LYS A 503 -12.75 -9.00 39.35
CA LYS A 503 -12.59 -9.65 40.67
C LYS A 503 -12.70 -11.17 40.49
N LEU A 504 -13.74 -11.61 39.81
CA LEU A 504 -13.90 -13.01 39.50
C LEU A 504 -12.62 -13.60 38.88
N THR A 505 -12.04 -12.88 37.93
CA THR A 505 -10.81 -13.30 37.28
C THR A 505 -9.69 -13.56 38.31
N ALA A 506 -9.46 -12.62 39.22
CA ALA A 506 -8.40 -12.75 40.15
C ALA A 506 -8.66 -13.90 41.14
N GLU A 507 -9.94 -14.14 41.44
CA GLU A 507 -10.28 -15.22 42.37
C GLU A 507 -10.00 -16.53 41.69
N MET A 508 -10.35 -16.62 40.41
CA MET A 508 -10.12 -17.84 39.66
C MET A 508 -8.61 -18.04 39.65
N GLY A 509 -7.85 -16.95 39.53
CA GLY A 509 -6.38 -17.06 39.46
C GLY A 509 -5.80 -17.64 40.75
N GLU A 510 -6.26 -17.12 41.89
CA GLU A 510 -5.89 -17.66 43.20
C GLU A 510 -6.16 -19.14 43.37
N GLU A 511 -7.37 -19.57 43.00
CA GLU A 511 -7.82 -20.95 43.15
C GLU A 511 -7.03 -21.85 42.20
N VAL A 512 -6.69 -21.33 41.04
CA VAL A 512 -5.93 -22.12 40.06
C VAL A 512 -4.50 -22.31 40.55
N LEU A 513 -3.96 -21.26 41.16
CA LEU A 513 -2.64 -21.35 41.75
C LEU A 513 -2.63 -22.37 42.88
N LYS A 514 -3.65 -22.32 43.73
CA LYS A 514 -3.80 -23.31 44.78
C LYS A 514 -3.85 -24.72 44.19
N MET A 515 -4.54 -24.89 43.06
CA MET A 515 -4.49 -26.21 42.41
C MET A 515 -3.09 -26.66 42.05
N VAL A 516 -2.24 -25.72 41.68
CA VAL A 516 -0.90 -26.03 41.23
C VAL A 516 -0.07 -26.52 42.43
N GLU A 517 -0.28 -25.93 43.59
CA GLU A 517 0.35 -26.34 44.82
C GLU A 517 -0.20 -27.74 45.02
N GLY A 518 -1.51 -27.78 45.24
CA GLY A 518 -2.28 -28.99 45.33
C GLY A 518 -1.87 -30.10 46.24
N ARG A 519 -1.93 -29.85 47.53
CA ARG A 519 -1.30 -30.67 48.52
C ARG A 519 -1.72 -32.11 48.38
N ASN A 520 -3.01 -32.35 48.20
CA ASN A 520 -3.54 -33.71 48.05
C ASN A 520 -4.77 -33.77 47.15
N GLU A 521 -5.44 -34.90 47.17
CA GLU A 521 -6.45 -35.12 46.15
C GLU A 521 -7.75 -34.37 46.46
N SER A 522 -8.25 -34.55 47.66
CA SER A 522 -9.47 -33.93 48.09
C SER A 522 -9.35 -32.39 47.96
N TYR A 523 -8.18 -31.87 48.27
CA TYR A 523 -7.97 -30.44 48.19
C TYR A 523 -8.02 -29.98 46.74
N PHE A 524 -7.31 -30.70 45.86
CA PHE A 524 -7.31 -30.34 44.46
C PHE A 524 -8.74 -30.28 43.96
N LEU A 525 -9.55 -31.25 44.37
CA LEU A 525 -10.90 -31.33 43.88
C LEU A 525 -11.77 -30.20 44.42
N ARG A 526 -11.50 -29.72 45.62
CA ARG A 526 -12.26 -28.59 46.13
C ARG A 526 -11.99 -27.36 45.28
N LYS A 527 -10.71 -27.10 45.02
CA LYS A 527 -10.26 -25.95 44.23
C LYS A 527 -10.84 -26.02 42.84
N TYR A 528 -10.78 -27.20 42.25
CA TYR A 528 -11.30 -27.44 40.93
C TYR A 528 -12.75 -27.13 40.80
N ASN A 529 -13.53 -27.53 41.79
CA ASN A 529 -14.95 -27.24 41.75
C ASN A 529 -15.18 -25.76 41.91
N HIS A 530 -14.38 -25.13 42.78
CA HIS A 530 -14.53 -23.72 43.04
C HIS A 530 -14.27 -22.98 41.73
N VAL A 531 -13.30 -23.47 40.96
CA VAL A 531 -12.94 -22.81 39.72
C VAL A 531 -14.14 -22.87 38.79
N LYS A 532 -14.70 -24.07 38.66
CA LYS A 532 -15.84 -24.35 37.79
C LYS A 532 -16.95 -23.34 38.04
N ALA A 533 -17.14 -23.01 39.31
CA ALA A 533 -18.24 -22.21 39.74
C ALA A 533 -17.95 -20.76 39.47
N LEU A 534 -16.69 -20.38 39.65
CA LEU A 534 -16.20 -19.07 39.32
C LEU A 534 -16.33 -18.80 37.80
N GLN A 535 -16.01 -19.79 36.97
CA GLN A 535 -16.22 -19.70 35.53
C GLN A 535 -17.70 -19.39 35.22
N GLN A 536 -18.59 -20.07 35.92
CA GLN A 536 -19.98 -19.98 35.61
C GLN A 536 -20.42 -18.61 35.95
N GLN A 537 -19.88 -18.09 37.04
CA GLN A 537 -20.21 -16.72 37.43
C GLN A 537 -19.72 -15.74 36.40
N MET A 538 -18.57 -16.03 35.79
CA MET A 538 -18.07 -15.13 34.77
C MET A 538 -18.98 -15.05 33.58
N PHE A 539 -19.54 -16.21 33.21
CA PHE A 539 -20.44 -16.40 32.08
C PHE A 539 -21.73 -15.68 32.36
N TYR A 540 -22.18 -15.81 33.60
CA TYR A 540 -23.41 -15.13 34.02
C TYR A 540 -23.29 -13.63 33.81
N ILE A 541 -22.18 -13.08 34.28
CA ILE A 541 -21.95 -11.65 34.07
C ILE A 541 -21.90 -11.32 32.55
N ASP A 542 -21.22 -12.15 31.79
CA ASP A 542 -21.04 -11.93 30.36
C ASP A 542 -22.33 -12.02 29.51
N GLN A 543 -23.37 -12.63 30.07
CA GLN A 543 -24.68 -12.74 29.39
C GLN A 543 -25.74 -11.86 30.01
N THR A 544 -25.40 -11.11 31.05
CA THR A 544 -26.42 -10.27 31.69
C THR A 544 -26.02 -8.80 31.74
N SER A 545 -24.73 -8.52 31.69
CA SER A 545 -24.26 -7.13 31.56
C SER A 545 -23.92 -6.74 30.12
N ASN A 546 -24.10 -5.45 29.84
CA ASN A 546 -23.63 -4.86 28.62
C ASN A 546 -24.17 -5.64 27.44
N GLN A 547 -25.42 -5.99 27.51
CA GLN A 547 -25.98 -6.71 26.40
C GLN A 547 -26.36 -5.73 25.30
N ASN A 548 -25.36 -5.36 24.49
CA ASN A 548 -25.62 -4.57 23.30
C ASN A 548 -25.67 -5.56 22.12
N PRO A 549 -26.16 -5.10 20.96
CA PRO A 549 -26.41 -5.98 19.84
C PRO A 549 -25.13 -6.41 19.14
N TYR A 550 -23.97 -5.86 19.54
CA TYR A 550 -22.81 -6.01 18.65
C TYR A 550 -21.66 -6.85 19.20
N GLN A 551 -21.13 -6.45 20.35
CA GLN A 551 -20.22 -7.29 21.12
C GLN A 551 -20.73 -7.24 22.55
N PRO A 552 -21.76 -8.06 22.87
CA PRO A 552 -22.35 -8.01 24.21
C PRO A 552 -21.42 -8.59 25.27
N GLY A 553 -21.59 -8.14 26.51
CA GLY A 553 -20.90 -8.77 27.61
C GLY A 553 -19.68 -8.05 28.12
N VAL A 554 -18.88 -8.79 28.90
CA VAL A 554 -17.83 -8.16 29.70
C VAL A 554 -16.52 -8.98 29.67
N LYS A 555 -15.50 -8.49 28.96
CA LYS A 555 -14.20 -9.15 28.98
C LYS A 555 -13.18 -8.28 29.69
N THR A 556 -12.20 -8.89 30.35
CA THR A 556 -11.27 -8.14 31.21
C THR A 556 -10.00 -8.96 31.40
N ALA A 557 -8.88 -8.29 31.64
CA ALA A 557 -7.53 -8.94 31.72
C ALA A 557 -7.32 -10.04 30.66
N THR A 558 -7.68 -9.72 29.42
CA THR A 558 -7.80 -10.72 28.37
C THR A 558 -6.49 -11.02 27.69
N ARG A 559 -5.54 -10.09 27.76
CA ARG A 559 -4.35 -10.26 26.95
C ARG A 559 -3.39 -11.26 27.58
N VAL A 560 -3.15 -11.14 28.87
CA VAL A 560 -2.13 -11.96 29.56
C VAL A 560 -2.72 -12.78 30.73
N ILE A 561 -3.38 -12.09 31.68
CA ILE A 561 -3.91 -12.77 32.86
C ILE A 561 -4.92 -13.90 32.65
N LYS A 562 -6.02 -13.66 31.95
CA LYS A 562 -6.98 -14.73 31.73
C LYS A 562 -6.35 -15.89 30.93
N PRO A 563 -5.54 -15.58 29.91
CA PRO A 563 -4.92 -16.68 29.17
C PRO A 563 -4.00 -17.49 30.08
N LEU A 564 -3.35 -16.83 31.03
CA LEU A 564 -2.43 -17.54 31.90
C LEU A 564 -3.24 -18.44 32.83
N ILE A 565 -4.34 -17.89 33.32
CA ILE A 565 -5.19 -18.63 34.20
C ILE A 565 -5.82 -19.79 33.46
N ASP A 566 -6.31 -19.54 32.24
CA ASP A 566 -7.02 -20.59 31.52
C ASP A 566 -6.10 -21.72 31.23
N ARG A 567 -4.90 -21.42 30.77
CA ARG A 567 -3.99 -22.44 30.30
C ARG A 567 -3.37 -23.28 31.42
N THR A 568 -3.11 -22.60 32.55
CA THR A 568 -2.61 -23.23 33.76
C THR A 568 -3.63 -24.22 34.29
N PHE A 569 -4.89 -23.82 34.24
CA PHE A 569 -5.99 -24.68 34.63
C PHE A 569 -6.03 -25.92 33.75
N ALA A 570 -6.02 -25.74 32.44
CA ALA A 570 -6.12 -26.88 31.53
C ALA A 570 -4.96 -27.83 31.73
N THR A 571 -3.78 -27.29 32.03
CA THR A 571 -2.58 -28.11 32.22
C THR A 571 -2.64 -28.94 33.51
N VAL A 572 -2.98 -28.31 34.64
CA VAL A 572 -2.96 -29.05 35.91
C VAL A 572 -4.04 -30.10 35.94
N VAL A 573 -5.18 -29.73 35.37
CA VAL A 573 -6.28 -30.66 35.16
C VAL A 573 -5.82 -31.85 34.35
N LYS A 574 -5.04 -31.62 33.30
CA LYS A 574 -4.49 -32.72 32.52
C LYS A 574 -3.58 -33.62 33.36
N PHE A 575 -2.67 -33.02 34.12
CA PHE A 575 -1.73 -33.81 34.89
C PHE A 575 -2.48 -34.62 35.93
N PHE A 576 -3.51 -34.02 36.50
CA PHE A 576 -4.29 -34.68 37.55
C PHE A 576 -5.01 -35.89 36.99
N ASN A 577 -5.64 -35.74 35.83
CA ASN A 577 -6.26 -36.88 35.15
C ASN A 577 -5.26 -38.00 34.80
N GLN A 578 -4.08 -37.62 34.29
CA GLN A 578 -3.05 -38.59 33.97
C GLN A 578 -2.66 -39.39 35.20
N LYS A 579 -2.33 -38.66 36.25
CA LYS A 579 -1.81 -39.29 37.44
C LYS A 579 -2.88 -40.04 38.23
N PHE A 580 -4.09 -39.49 38.30
CA PHE A 580 -5.12 -40.12 39.12
C PHE A 580 -6.12 -40.89 38.29
N ASN A 581 -5.79 -41.10 37.01
CA ASN A 581 -6.73 -41.68 36.06
C ASN A 581 -8.12 -41.13 36.12
N ALA A 582 -8.25 -39.81 36.15
CA ALA A 582 -9.55 -39.23 36.27
C ALA A 582 -9.96 -38.73 34.91
N HIS A 583 -11.19 -38.26 34.80
CA HIS A 583 -11.63 -37.66 33.55
C HIS A 583 -12.27 -36.29 33.81
N LEU A 584 -11.66 -35.54 34.72
CA LEU A 584 -12.06 -34.18 34.98
C LEU A 584 -12.07 -33.42 33.67
N ASP A 585 -13.05 -32.53 33.51
CA ASP A 585 -13.15 -31.72 32.31
C ASP A 585 -12.22 -30.49 32.42
N ALA A 586 -11.44 -30.27 31.34
CA ALA A 586 -10.43 -29.20 31.27
C ALA A 586 -10.92 -27.85 30.71
N THR A 587 -12.16 -27.80 30.21
CA THR A 587 -12.63 -26.59 29.54
C THR A 587 -12.64 -25.36 30.45
N THR A 588 -12.37 -24.22 29.83
CA THR A 588 -12.04 -23.06 30.62
C THR A 588 -13.13 -22.00 30.71
N ASP A 589 -14.00 -21.95 29.72
CA ASP A 589 -15.14 -21.07 29.77
C ASP A 589 -16.39 -21.92 30.04
N TYR A 590 -17.24 -21.45 30.95
CA TYR A 590 -18.48 -22.16 31.20
C TYR A 590 -19.34 -22.11 29.97
N MET A 591 -19.96 -23.25 29.68
CA MET A 591 -20.91 -23.38 28.60
C MET A 591 -22.08 -24.29 29.04
N PRO A 592 -23.29 -23.73 29.13
CA PRO A 592 -24.40 -24.55 29.61
C PRO A 592 -24.92 -25.48 28.53
N HIS A 593 -24.77 -25.09 27.27
CA HIS A 593 -25.15 -25.96 26.16
C HIS A 593 -23.98 -26.85 25.76
N LYS A 594 -24.25 -27.89 24.98
CA LYS A 594 -23.23 -28.85 24.54
C LYS A 594 -23.16 -28.98 23.02
N MET A 595 -21.99 -29.34 22.50
CA MET A 595 -21.89 -29.68 21.07
C MET A 595 -21.15 -31.00 20.79
N LEU A 605 -13.49 -26.58 18.84
CA LEU A 605 -14.62 -25.79 18.38
C LEU A 605 -15.59 -25.49 19.55
N PRO A 606 -15.29 -24.46 20.34
CA PRO A 606 -16.17 -24.17 21.48
C PRO A 606 -17.47 -23.54 21.01
N LEU A 607 -18.56 -23.79 21.73
CA LEU A 607 -19.78 -23.04 21.50
C LEU A 607 -19.62 -21.66 22.14
N GLN A 608 -20.38 -20.69 21.66
CA GLN A 608 -20.53 -19.43 22.36
C GLN A 608 -21.99 -19.09 22.46
N VAL A 609 -22.28 -18.17 23.38
CA VAL A 609 -23.62 -17.66 23.53
C VAL A 609 -23.58 -16.13 23.43
N LYS A 610 -24.29 -15.61 22.45
CA LYS A 610 -24.38 -14.17 22.23
C LYS A 610 -25.86 -13.78 22.22
N ALA A 611 -26.27 -12.99 23.21
CA ALA A 611 -27.68 -12.64 23.33
C ALA A 611 -28.49 -13.94 23.24
N ASN A 612 -29.46 -13.97 22.32
CA ASN A 612 -30.29 -15.16 22.13
C ASN A 612 -29.77 -16.10 21.04
N ARG A 613 -28.49 -15.99 20.72
CA ARG A 613 -27.88 -16.86 19.71
C ARG A 613 -26.93 -17.88 20.32
N VAL A 614 -26.87 -19.07 19.75
CA VAL A 614 -25.95 -20.10 20.19
C VAL A 614 -25.12 -20.50 18.98
N LEU A 615 -23.80 -20.40 19.07
CA LEU A 615 -23.00 -20.58 17.87
C LEU A 615 -21.73 -21.39 18.11
N ILE A 616 -21.27 -22.07 17.08
CA ILE A 616 -19.95 -22.70 17.09
C ILE A 616 -18.92 -21.68 16.60
N SER A 617 -17.87 -21.43 17.38
CA SER A 617 -16.78 -20.55 16.93
C SER A 617 -16.38 -20.84 15.46
N PRO A 618 -16.45 -19.82 14.58
CA PRO A 618 -16.40 -19.99 13.12
C PRO A 618 -15.31 -20.94 12.60
N VAL A 631 -21.53 -31.39 14.68
CA VAL A 631 -22.51 -32.25 14.01
C VAL A 631 -23.81 -32.09 14.80
N GLU A 632 -23.72 -32.14 16.12
CA GLU A 632 -24.92 -32.02 16.95
C GLU A 632 -24.78 -31.12 18.15
N ILE A 633 -25.76 -30.24 18.33
CA ILE A 633 -25.84 -29.34 19.48
C ILE A 633 -26.99 -29.75 20.39
N GLU A 634 -26.74 -29.70 21.70
CA GLU A 634 -27.80 -29.96 22.66
C GLU A 634 -27.91 -28.80 23.63
N LEU A 635 -29.02 -28.08 23.52
CA LEU A 635 -29.27 -26.94 24.40
C LEU A 635 -29.66 -27.45 25.78
N ASP A 636 -29.33 -26.64 26.77
CA ASP A 636 -29.61 -26.96 28.16
C ASP A 636 -31.11 -27.12 28.48
N ALA A 637 -31.99 -26.73 27.55
CA ALA A 637 -33.44 -26.86 27.71
C ALA A 637 -34.18 -26.88 26.36
N ILE A 638 -35.52 -26.92 26.40
CA ILE A 638 -36.38 -26.79 25.21
C ILE A 638 -36.65 -25.30 25.01
N TYR A 639 -36.40 -24.76 23.81
CA TYR A 639 -36.70 -23.36 23.53
C TYR A 639 -37.51 -23.23 22.26
N PRO A 640 -38.28 -22.13 22.13
CA PRO A 640 -38.87 -21.85 20.84
C PRO A 640 -37.76 -21.39 19.89
N GLY A 641 -37.64 -22.01 18.73
CA GLY A 641 -36.57 -21.67 17.78
C GLY A 641 -36.93 -20.52 16.86
N GLU A 642 -35.94 -19.68 16.57
CA GLU A 642 -36.16 -18.53 15.70
C GLU A 642 -35.67 -18.83 14.28
N ASN A 643 -34.39 -19.16 14.14
CA ASN A 643 -33.83 -19.48 12.83
C ASN A 643 -32.40 -19.99 12.99
N ILE A 644 -31.88 -20.61 11.92
CA ILE A 644 -30.47 -21.05 11.88
C ILE A 644 -29.83 -20.41 10.65
N GLN A 645 -28.64 -19.85 10.84
CA GLN A 645 -27.83 -19.35 9.73
C GLN A 645 -26.51 -20.11 9.66
N ILE A 646 -26.11 -20.46 8.44
CA ILE A 646 -24.89 -21.24 8.24
C ILE A 646 -24.06 -20.60 7.12
N ASN A 647 -22.74 -20.73 7.19
CA ASN A 647 -21.87 -20.23 6.12
C ASN A 647 -20.65 -21.10 5.86
N PHE A 648 -20.52 -21.53 4.61
CA PHE A 648 -19.39 -22.35 4.16
C PHE A 648 -18.58 -21.61 3.10
N ARG A 679 -24.79 -18.03 2.16
CA ARG A 679 -25.39 -18.02 3.49
C ARG A 679 -26.73 -18.75 3.51
N LEU A 680 -26.80 -19.84 4.27
CA LEU A 680 -28.02 -20.64 4.42
C LEU A 680 -28.89 -20.09 5.55
N SER A 681 -30.21 -20.15 5.40
CA SER A 681 -31.14 -19.60 6.41
C SER A 681 -32.53 -20.24 6.41
N ALA A 682 -32.80 -21.02 7.46
CA ALA A 682 -34.14 -21.59 7.66
C ALA A 682 -34.84 -21.02 8.91
N GLY A 683 -35.91 -20.25 8.70
CA GLY A 683 -36.69 -19.73 9.81
C GLY A 683 -37.42 -20.87 10.53
N LEU A 684 -37.33 -20.90 11.85
CA LEU A 684 -37.82 -22.04 12.63
C LEU A 684 -39.26 -21.89 13.09
N GLN A 685 -39.75 -20.66 13.08
CA GLN A 685 -41.18 -20.36 13.32
C GLN A 685 -41.68 -20.85 14.67
N LYS A 686 -40.88 -20.56 15.70
CA LYS A 686 -41.22 -20.84 17.11
C LYS A 686 -41.32 -22.32 17.48
N ALA A 687 -40.85 -23.20 16.60
CA ALA A 687 -40.85 -24.64 16.86
C ALA A 687 -40.05 -24.96 18.10
N PRO A 688 -40.62 -25.74 19.04
CA PRO A 688 -39.85 -26.05 20.25
C PRO A 688 -38.62 -26.88 19.87
N VAL A 689 -37.43 -26.41 20.22
CA VAL A 689 -36.19 -27.08 19.82
C VAL A 689 -35.19 -27.23 20.96
N LYS A 690 -34.65 -28.43 21.11
CA LYS A 690 -33.67 -28.74 22.14
C LYS A 690 -32.39 -29.31 21.53
N PHE A 691 -32.51 -30.09 20.46
CA PHE A 691 -31.35 -30.66 19.76
C PHE A 691 -31.26 -30.09 18.34
N VAL A 692 -30.05 -29.92 17.81
CA VAL A 692 -29.83 -29.51 16.40
C VAL A 692 -28.65 -30.25 15.79
N ARG A 693 -28.91 -31.02 14.75
CA ARG A 693 -27.91 -31.92 14.12
C ARG A 693 -27.67 -31.65 12.61
N PHE A 694 -26.60 -32.22 12.06
CA PHE A 694 -26.32 -32.09 10.63
C PHE A 694 -25.91 -33.44 10.03
N PHE A 709 -22.34 -20.16 11.10
CA PHE A 709 -23.14 -21.23 11.70
C PHE A 709 -23.77 -20.86 13.05
N VAL A 710 -24.93 -20.21 13.03
CA VAL A 710 -25.54 -19.71 14.25
C VAL A 710 -27.02 -20.05 14.43
N LEU A 711 -27.41 -20.47 15.64
CA LEU A 711 -28.81 -20.70 15.98
C LEU A 711 -29.38 -19.58 16.86
N THR A 712 -30.52 -19.02 16.48
CA THR A 712 -31.19 -18.00 17.29
C THR A 712 -32.48 -18.54 17.88
N ILE A 713 -32.75 -18.20 19.14
CA ILE A 713 -33.87 -18.76 19.85
C ILE A 713 -34.63 -17.62 20.50
N GLU A 714 -35.63 -17.96 21.29
CA GLU A 714 -36.36 -16.95 22.03
C GLU A 714 -35.83 -16.86 23.46
N LYS A 715 -35.25 -15.71 23.78
CA LYS A 715 -34.61 -15.47 25.08
C LYS A 715 -34.44 -13.97 25.34
N SER B 4 21.02 -27.62 -29.14
CA SER B 4 19.92 -27.60 -28.14
C SER B 4 18.55 -28.03 -28.67
N LEU B 5 17.58 -28.07 -27.76
CA LEU B 5 16.18 -28.06 -28.06
C LEU B 5 15.69 -26.91 -27.19
N GLN B 6 14.98 -25.97 -27.81
CA GLN B 6 14.40 -24.83 -27.10
C GLN B 6 12.91 -24.77 -27.44
N PRO B 7 12.05 -24.85 -26.42
CA PRO B 7 12.47 -25.12 -25.03
C PRO B 7 12.93 -26.56 -24.87
N PRO B 8 13.70 -26.82 -23.81
CA PRO B 8 14.10 -28.21 -23.52
C PRO B 8 12.89 -29.01 -23.06
N PRO B 9 12.72 -30.21 -23.62
CA PRO B 9 11.58 -31.05 -23.33
C PRO B 9 11.63 -31.57 -21.89
N GLN B 10 10.46 -31.87 -21.32
CA GLN B 10 10.36 -32.41 -19.98
C GLN B 10 11.25 -33.65 -19.82
N GLN B 11 11.20 -34.53 -20.81
CA GLN B 11 12.00 -35.72 -20.78
C GLN B 11 12.49 -36.07 -22.16
N LEU B 12 13.76 -36.47 -22.22
CA LEU B 12 14.40 -36.77 -23.49
C LEU B 12 15.41 -37.90 -23.33
N ILE B 13 15.28 -38.94 -24.13
CA ILE B 13 16.25 -40.02 -24.09
C ILE B 13 16.88 -40.15 -25.46
N VAL B 14 18.19 -39.94 -25.52
CA VAL B 14 18.95 -40.03 -26.76
C VAL B 14 19.84 -41.24 -26.76
N GLN B 15 19.64 -42.14 -27.74
CA GLN B 15 20.60 -43.24 -27.94
C GLN B 15 21.53 -42.83 -29.06
N ASN B 16 22.83 -42.88 -28.80
CA ASN B 16 23.79 -42.43 -29.80
C ASN B 16 23.83 -43.28 -31.07
N LYS B 17 23.14 -42.78 -32.09
CA LYS B 17 22.83 -43.49 -33.31
C LYS B 17 22.06 -42.48 -34.14
N THR B 18 22.13 -42.59 -35.44
CA THR B 18 21.46 -41.60 -36.22
C THR B 18 20.85 -42.20 -37.47
N ILE B 19 19.68 -41.71 -37.86
CA ILE B 19 19.00 -42.27 -39.00
C ILE B 19 18.81 -41.17 -40.04
N ASP B 20 18.70 -41.54 -41.31
CA ASP B 20 18.38 -40.55 -42.32
C ASP B 20 16.87 -40.38 -42.41
N LEU B 21 16.45 -39.15 -42.61
CA LEU B 21 15.06 -38.91 -42.93
C LEU B 21 14.78 -39.82 -44.12
N PRO B 22 13.64 -40.49 -44.11
CA PRO B 22 13.31 -41.40 -45.18
C PRO B 22 13.31 -40.72 -46.50
N ALA B 23 14.19 -41.16 -47.36
CA ALA B 23 14.04 -40.90 -48.75
C ALA B 23 12.68 -41.40 -49.18
N VAL B 24 12.11 -42.30 -48.40
CA VAL B 24 10.86 -42.90 -48.85
C VAL B 24 10.07 -43.37 -47.65
N TYR B 25 8.84 -42.91 -47.58
CA TYR B 25 8.12 -42.97 -46.33
C TYR B 25 6.65 -43.11 -46.56
N GLN B 26 6.00 -43.73 -45.59
CA GLN B 26 4.58 -43.93 -45.63
C GLN B 26 3.92 -43.08 -44.54
N LEU B 27 3.11 -42.10 -44.92
CA LEU B 27 2.51 -41.23 -43.91
C LEU B 27 1.27 -41.88 -43.37
N ASN B 28 1.20 -41.99 -42.05
CA ASN B 28 0.08 -42.62 -41.40
C ASN B 28 -0.50 -41.59 -40.43
N GLY B 29 -1.78 -41.28 -40.62
CA GLY B 29 -2.48 -40.27 -39.80
C GLY B 29 -2.63 -38.88 -40.41
N GLY B 30 -2.09 -38.64 -41.58
CA GLY B 30 -2.12 -37.30 -42.14
C GLY B 30 -3.48 -36.68 -42.42
N GLU B 31 -4.55 -37.47 -42.39
CA GLU B 31 -5.86 -36.95 -42.74
C GLU B 31 -6.67 -36.57 -41.51
N GLU B 32 -6.19 -36.99 -40.34
CA GLU B 32 -6.89 -36.84 -39.07
C GLU B 32 -6.10 -36.02 -38.05
N ALA B 33 -4.80 -35.85 -38.28
CA ALA B 33 -3.98 -35.08 -37.36
C ALA B 33 -4.22 -33.59 -37.55
N ASN B 34 -3.85 -32.80 -36.54
CA ASN B 34 -3.84 -31.36 -36.66
C ASN B 34 -3.23 -30.96 -38.00
N PRO B 35 -4.05 -30.31 -38.85
CA PRO B 35 -3.64 -29.89 -40.21
C PRO B 35 -2.39 -29.01 -40.20
N HIS B 36 -2.31 -28.12 -39.20
CA HIS B 36 -1.17 -27.27 -38.96
C HIS B 36 0.10 -28.11 -38.77
N ALA B 37 -0.02 -29.20 -38.01
CA ALA B 37 1.12 -30.07 -37.75
C ALA B 37 1.52 -30.78 -39.01
N VAL B 38 0.52 -31.24 -39.75
CA VAL B 38 0.77 -32.01 -40.95
C VAL B 38 1.53 -31.17 -41.98
N LYS B 39 1.14 -29.91 -42.07
CA LYS B 39 1.70 -29.02 -43.05
C LYS B 39 3.21 -28.79 -42.78
N VAL B 40 3.57 -28.63 -41.52
CA VAL B 40 4.99 -28.56 -41.20
C VAL B 40 5.67 -29.87 -41.62
N LEU B 41 5.07 -31.00 -41.28
CA LEU B 41 5.69 -32.27 -41.57
C LEU B 41 5.92 -32.47 -43.08
N LYS B 42 4.96 -32.06 -43.90
CA LYS B 42 5.17 -32.23 -45.33
C LYS B 42 6.21 -31.26 -45.88
N GLU B 43 6.33 -30.05 -45.29
CA GLU B 43 7.39 -29.12 -45.70
C GLU B 43 8.75 -29.75 -45.43
N LEU B 44 8.90 -30.30 -44.24
CA LEU B 44 10.13 -31.00 -43.85
C LEU B 44 10.47 -32.16 -44.77
N LEU B 45 9.44 -32.75 -45.39
CA LEU B 45 9.56 -33.99 -46.19
C LEU B 45 9.47 -33.80 -47.72
N SER B 46 9.49 -32.57 -48.21
CA SER B 46 9.43 -32.35 -49.66
C SER B 46 10.69 -32.92 -50.35
N GLY B 47 10.54 -33.35 -51.60
CA GLY B 47 11.66 -33.97 -52.29
C GLY B 47 11.91 -35.35 -51.71
N LYS B 48 11.08 -35.73 -50.75
CA LYS B 48 11.06 -37.11 -50.30
C LYS B 48 9.87 -37.82 -50.89
N GLN B 49 10.00 -39.13 -51.07
CA GLN B 49 8.99 -39.91 -51.79
C GLN B 49 7.96 -40.54 -50.87
N SER B 50 6.69 -40.20 -51.11
CA SER B 50 5.57 -40.77 -50.36
C SER B 50 5.13 -42.11 -50.95
N SER B 51 4.79 -43.06 -50.09
CA SER B 51 4.83 -44.45 -50.51
C SER B 51 3.98 -45.48 -49.75
N LYS B 52 3.69 -46.59 -50.40
CA LYS B 52 3.20 -47.79 -49.73
C LYS B 52 4.34 -48.62 -49.10
N LYS B 53 5.57 -48.39 -49.56
CA LYS B 53 6.77 -48.99 -48.98
C LYS B 53 7.42 -47.99 -48.05
N GLY B 54 8.63 -48.32 -47.58
CA GLY B 54 9.46 -47.36 -46.86
C GLY B 54 8.99 -46.93 -45.48
N MET B 55 9.77 -46.10 -44.83
CA MET B 55 9.65 -45.95 -43.39
C MET B 55 8.35 -45.32 -42.92
N LEU B 56 7.80 -45.88 -41.85
CA LEU B 56 6.53 -45.41 -41.34
C LEU B 56 6.72 -44.17 -40.48
N ILE B 57 5.92 -43.16 -40.78
CA ILE B 57 5.83 -41.99 -39.94
C ILE B 57 4.36 -41.85 -39.54
N SER B 58 4.10 -41.84 -38.23
CA SER B 58 2.73 -41.83 -37.73
C SER B 58 2.51 -40.52 -37.00
N ILE B 59 1.49 -39.78 -37.44
CA ILE B 59 1.24 -38.48 -36.85
C ILE B 59 -0.22 -38.46 -36.43
N GLY B 60 -0.50 -37.90 -35.27
CA GLY B 60 -1.88 -37.79 -34.84
C GLY B 60 -2.04 -37.38 -33.38
N GLU B 61 -3.28 -37.20 -32.97
CA GLU B 61 -3.61 -36.95 -31.57
C GLU B 61 -4.00 -38.31 -30.90
N LYS B 62 -3.77 -38.50 -29.60
CA LYS B 62 -4.20 -39.76 -28.93
C LYS B 62 -5.67 -39.91 -29.19
N GLY B 63 -6.11 -41.07 -29.60
CA GLY B 63 -7.51 -41.07 -29.99
C GLY B 63 -7.67 -41.24 -31.48
N ASP B 64 -6.72 -40.71 -32.24
CA ASP B 64 -6.66 -41.03 -33.67
C ASP B 64 -6.11 -42.42 -33.80
N LYS B 65 -6.63 -43.15 -34.78
CA LYS B 65 -6.21 -44.52 -34.95
C LYS B 65 -4.73 -44.66 -35.33
N SER B 66 -4.16 -43.63 -35.95
CA SER B 66 -2.74 -43.64 -36.30
C SER B 66 -1.78 -43.72 -35.09
N VAL B 67 -2.11 -43.04 -34.00
CA VAL B 67 -1.23 -43.04 -32.84
C VAL B 67 -1.86 -43.73 -31.65
N ARG B 68 -3.07 -44.28 -31.77
CA ARG B 68 -3.69 -44.85 -30.57
C ARG B 68 -2.80 -45.85 -29.79
N LYS B 69 -2.11 -46.77 -30.50
CA LYS B 69 -1.08 -47.69 -29.94
C LYS B 69 -0.21 -47.08 -28.85
N TYR B 70 0.16 -45.81 -29.03
CA TYR B 70 1.09 -45.13 -28.14
C TYR B 70 0.47 -44.29 -27.04
N SER B 71 -0.77 -44.56 -26.68
CA SER B 71 -1.44 -43.67 -25.76
C SER B 71 -0.82 -43.75 -24.35
N ARG B 72 -0.13 -44.84 -24.05
CA ARG B 72 0.65 -44.95 -22.82
C ARG B 72 1.90 -44.11 -22.85
N GLN B 73 2.42 -43.82 -24.04
CA GLN B 73 3.62 -42.96 -24.12
C GLN B 73 3.32 -41.45 -24.05
N ILE B 74 2.09 -41.07 -24.35
CA ILE B 74 1.73 -39.69 -24.55
C ILE B 74 1.39 -39.01 -23.23
N PRO B 75 2.10 -37.94 -22.90
CA PRO B 75 1.82 -37.39 -21.59
C PRO B 75 0.38 -36.93 -21.54
N ASP B 76 -0.26 -37.21 -20.42
CA ASP B 76 -1.64 -36.83 -20.21
C ASP B 76 -1.60 -35.38 -19.72
N HIS B 77 -1.14 -34.49 -20.59
CA HIS B 77 -1.06 -33.06 -20.25
C HIS B 77 -1.53 -32.26 -21.46
N LYS B 78 -2.32 -31.21 -21.26
CA LYS B 78 -2.67 -30.38 -22.39
C LYS B 78 -1.41 -29.89 -23.12
N GLU B 79 -1.37 -30.08 -24.43
CA GLU B 79 -0.30 -29.52 -25.27
C GLU B 79 0.89 -30.41 -25.16
N GLY B 80 0.71 -31.48 -24.39
CA GLY B 80 1.73 -32.50 -24.25
C GLY B 80 1.85 -33.32 -25.53
N TYR B 81 2.98 -34.01 -25.70
CA TYR B 81 3.16 -34.87 -26.87
C TYR B 81 4.20 -35.93 -26.62
N TYR B 82 4.24 -36.89 -27.53
CA TYR B 82 5.24 -37.92 -27.48
C TYR B 82 5.87 -37.99 -28.87
N LEU B 83 7.19 -37.98 -28.90
CA LEU B 83 7.94 -38.08 -30.14
C LEU B 83 8.99 -39.18 -30.00
N SER B 84 9.16 -39.94 -31.08
CA SER B 84 10.10 -41.03 -31.12
C SER B 84 10.69 -41.17 -32.53
N VAL B 85 12.00 -41.45 -32.60
CA VAL B 85 12.66 -41.74 -33.84
C VAL B 85 13.61 -42.91 -33.59
N ASN B 86 13.48 -43.97 -34.38
CA ASN B 86 14.42 -45.08 -34.38
C ASN B 86 14.57 -45.56 -35.83
N GLU B 87 15.40 -46.57 -36.05
CA GLU B 87 15.65 -47.02 -37.43
C GLU B 87 14.38 -47.45 -38.15
N LYS B 88 13.49 -48.05 -37.38
CA LYS B 88 12.28 -48.67 -37.91
C LYS B 88 11.17 -47.65 -38.24
N GLU B 89 10.97 -46.63 -37.37
CA GLU B 89 9.85 -45.67 -37.55
C GLU B 89 9.89 -44.32 -36.78
N ILE B 90 9.01 -43.40 -37.18
CA ILE B 90 8.87 -42.13 -36.51
C ILE B 90 7.45 -41.95 -35.99
N VAL B 91 7.31 -41.38 -34.80
CA VAL B 91 6.00 -41.22 -34.16
C VAL B 91 5.86 -39.79 -33.72
N LEU B 92 4.75 -39.15 -34.08
CA LEU B 92 4.53 -37.77 -33.70
C LEU B 92 3.10 -37.65 -33.16
N ALA B 93 2.97 -37.69 -31.83
CA ALA B 93 1.65 -37.93 -31.21
C ALA B 93 1.32 -36.94 -30.11
N GLY B 94 0.34 -36.07 -30.36
CA GLY B 94 0.03 -35.05 -29.39
C GLY B 94 -1.02 -35.57 -28.46
N ASN B 95 -1.03 -35.03 -27.23
CA ASN B 95 -2.16 -35.28 -26.35
C ASN B 95 -3.44 -34.65 -26.93
N ASP B 96 -3.26 -33.56 -27.66
CA ASP B 96 -4.33 -32.85 -28.35
C ASP B 96 -3.64 -32.25 -29.56
N GLU B 97 -4.35 -31.45 -30.34
CA GLU B 97 -3.86 -30.99 -31.64
C GLU B 97 -2.73 -30.01 -31.48
N ARG B 98 -2.76 -29.20 -30.44
CA ARG B 98 -1.66 -28.33 -30.24
C ARG B 98 -0.42 -29.16 -29.88
N GLY B 99 -0.59 -30.21 -29.07
CA GLY B 99 0.52 -31.06 -28.72
C GLY B 99 1.20 -31.64 -29.95
N THR B 100 0.41 -32.03 -30.96
CA THR B 100 0.99 -32.60 -32.18
C THR B 100 1.85 -31.55 -32.92
N TYR B 101 1.40 -30.31 -32.88
CA TYR B 101 2.11 -29.24 -33.54
C TYR B 101 3.42 -28.96 -32.83
N TYR B 102 3.38 -29.12 -31.51
CA TYR B 102 4.58 -28.91 -30.69
C TYR B 102 5.55 -30.09 -30.87
N ALA B 103 4.99 -31.28 -31.10
CA ALA B 103 5.81 -32.43 -31.54
C ALA B 103 6.61 -32.02 -32.75
N LEU B 104 5.95 -31.40 -33.71
CA LEU B 104 6.62 -31.03 -34.96
C LEU B 104 7.61 -29.87 -34.81
N GLN B 105 7.40 -29.00 -33.82
CA GLN B 105 8.36 -27.92 -33.63
C GLN B 105 9.60 -28.46 -32.97
N THR B 106 9.47 -29.49 -32.14
CA THR B 106 10.66 -30.21 -31.69
C THR B 106 11.32 -31.04 -32.80
N PHE B 107 10.52 -31.75 -33.56
CA PHE B 107 11.01 -32.59 -34.64
C PHE B 107 11.90 -31.76 -35.56
N ALA B 108 11.40 -30.64 -36.07
CA ALA B 108 12.18 -29.72 -36.90
C ALA B 108 13.57 -29.32 -36.39
N GLN B 109 13.73 -29.12 -35.08
CA GLN B 109 15.04 -28.82 -34.49
C GLN B 109 15.97 -30.02 -34.46
N LEU B 110 15.38 -31.21 -34.40
CA LEU B 110 16.15 -32.44 -34.42
C LEU B 110 16.77 -32.64 -35.78
N LEU B 111 16.03 -32.29 -36.83
CA LEU B 111 16.44 -32.61 -38.19
C LEU B 111 17.58 -31.69 -38.57
N LYS B 112 18.71 -32.28 -38.98
CA LYS B 112 19.87 -31.51 -39.42
C LYS B 112 20.72 -32.19 -40.50
N ASP B 113 20.94 -31.44 -41.59
CA ASP B 113 21.68 -31.93 -42.76
C ASP B 113 21.23 -33.31 -43.22
N GLY B 114 19.92 -33.51 -43.26
CA GLY B 114 19.34 -34.78 -43.71
C GLY B 114 19.12 -35.80 -42.59
N LYS B 115 19.59 -35.48 -41.38
CA LYS B 115 19.71 -36.49 -40.35
C LYS B 115 18.95 -36.23 -39.06
N LEU B 116 18.59 -37.32 -38.40
CA LEU B 116 17.88 -37.25 -37.13
C LEU B 116 18.59 -38.13 -36.12
N PRO B 117 18.55 -37.74 -34.85
CA PRO B 117 19.08 -38.66 -33.85
C PRO B 117 18.04 -39.68 -33.51
N GLU B 118 18.50 -40.85 -33.04
CA GLU B 118 17.59 -41.83 -32.49
C GLU B 118 17.26 -41.30 -31.09
N VAL B 119 15.99 -40.92 -30.87
CA VAL B 119 15.59 -40.26 -29.62
C VAL B 119 14.18 -40.64 -29.27
N GLU B 120 13.82 -40.31 -28.03
CA GLU B 120 12.50 -40.47 -27.52
C GLU B 120 12.21 -39.34 -26.53
N ILE B 121 11.07 -38.67 -26.72
CA ILE B 121 10.77 -37.46 -25.99
C ILE B 121 9.36 -37.52 -25.46
N LYS B 122 9.16 -37.14 -24.19
CA LYS B 122 7.85 -36.86 -23.63
C LYS B 122 7.87 -35.46 -23.04
N ASP B 123 6.92 -34.64 -23.44
CA ASP B 123 7.05 -33.19 -23.27
C ASP B 123 5.70 -32.58 -23.11
N TYR B 124 5.67 -31.45 -22.43
CA TYR B 124 4.46 -30.72 -22.24
C TYR B 124 4.94 -29.47 -21.52
N PRO B 125 4.09 -28.44 -21.44
CA PRO B 125 4.45 -27.21 -20.78
C PRO B 125 4.17 -27.20 -19.27
N SER B 126 4.95 -26.44 -18.51
CA SER B 126 4.77 -26.38 -17.08
C SER B 126 3.82 -25.29 -16.75
N VAL B 127 3.72 -24.30 -17.62
CA VAL B 127 2.82 -23.15 -17.42
C VAL B 127 1.78 -23.17 -18.53
N ARG B 128 0.53 -22.97 -18.17
CA ARG B 128 -0.59 -23.19 -19.08
C ARG B 128 -0.63 -22.17 -20.23
N TYR B 129 -0.57 -20.87 -19.89
CA TYR B 129 -0.48 -19.80 -20.90
C TYR B 129 0.90 -19.13 -20.96
N ARG B 130 1.43 -19.02 -22.18
CA ARG B 130 2.82 -18.62 -22.42
C ARG B 130 2.93 -17.81 -23.70
N GLY B 131 3.49 -16.61 -23.61
CA GLY B 131 3.59 -15.76 -24.77
C GLY B 131 3.88 -14.29 -24.46
N VAL B 132 3.29 -13.41 -25.23
CA VAL B 132 3.69 -12.03 -25.26
C VAL B 132 2.46 -11.12 -25.11
N VAL B 133 2.60 -10.05 -24.37
CA VAL B 133 1.55 -9.07 -24.46
C VAL B 133 2.15 -7.80 -25.10
N GLU B 134 1.72 -7.48 -26.31
CA GLU B 134 2.09 -6.17 -26.86
C GLU B 134 1.31 -5.10 -26.09
N GLY B 135 1.87 -4.63 -24.97
CA GLY B 135 1.15 -3.72 -24.08
C GLY B 135 1.93 -2.51 -23.59
N PHE B 136 2.94 -2.10 -24.36
CA PHE B 136 3.83 -0.99 -24.06
C PHE B 136 3.27 0.33 -24.62
N TYR B 137 3.78 1.46 -24.05
CA TYR B 137 3.67 2.83 -24.62
C TYR B 137 4.71 2.99 -25.76
N GLY B 138 4.36 3.72 -26.83
CA GLY B 138 5.23 3.96 -27.99
C GLY B 138 4.58 3.51 -29.30
N THR B 139 5.33 3.58 -30.38
CA THR B 139 4.89 3.11 -31.70
C THR B 139 4.48 1.65 -31.60
N PRO B 140 3.16 1.40 -31.70
CA PRO B 140 2.71 0.00 -31.74
C PRO B 140 3.55 -0.77 -32.77
N TRP B 141 3.74 -2.06 -32.55
CA TRP B 141 4.41 -2.91 -33.58
C TRP B 141 3.76 -2.73 -34.91
N SER B 142 4.53 -2.84 -35.99
CA SER B 142 3.99 -2.77 -37.35
C SER B 142 3.37 -4.08 -37.72
N HIS B 143 2.52 -4.08 -38.75
CA HIS B 143 1.89 -5.30 -39.21
C HIS B 143 2.89 -6.40 -39.59
N GLN B 144 3.90 -6.06 -40.41
CA GLN B 144 4.80 -7.11 -40.88
C GLN B 144 5.54 -7.66 -39.66
N ALA B 145 5.84 -6.78 -38.69
CA ALA B 145 6.48 -7.26 -37.48
C ALA B 145 5.59 -8.26 -36.74
N ARG B 146 4.27 -8.11 -36.82
CA ARG B 146 3.38 -8.95 -36.00
C ARG B 146 3.22 -10.29 -36.69
N LEU B 147 3.22 -10.26 -38.01
CA LEU B 147 3.20 -11.48 -38.73
C LEU B 147 4.44 -12.33 -38.35
N SER B 148 5.61 -11.69 -38.18
CA SER B 148 6.82 -12.41 -37.97
C SER B 148 6.87 -12.86 -36.53
N GLN B 149 6.29 -12.07 -35.62
CA GLN B 149 6.18 -12.48 -34.23
C GLN B 149 5.33 -13.75 -34.04
N LEU B 150 4.20 -13.86 -34.74
CA LEU B 150 3.36 -15.02 -34.55
C LEU B 150 4.01 -16.29 -35.04
N LYS B 151 4.84 -16.20 -36.07
CA LYS B 151 5.53 -17.41 -36.51
C LYS B 151 6.59 -17.77 -35.50
N PHE B 152 7.19 -16.75 -34.90
CA PHE B 152 8.22 -16.96 -33.90
C PHE B 152 7.57 -17.59 -32.68
N TYR B 153 6.32 -17.21 -32.39
CA TYR B 153 5.61 -17.85 -31.27
C TYR B 153 5.38 -19.33 -31.54
N GLY B 154 4.73 -19.64 -32.63
CA GLY B 154 4.56 -21.05 -32.97
C GLY B 154 5.81 -21.91 -32.83
N LYS B 155 6.96 -21.37 -33.22
CA LYS B 155 8.18 -22.18 -33.21
C LYS B 155 8.70 -22.41 -31.80
N ASN B 156 8.42 -21.47 -30.91
CA ASN B 156 8.92 -21.57 -29.57
C ASN B 156 7.86 -22.03 -28.56
N LYS B 157 6.75 -22.53 -29.11
CA LYS B 157 5.62 -23.09 -28.37
C LYS B 157 5.01 -22.05 -27.44
N MET B 158 4.92 -20.81 -27.89
CA MET B 158 4.18 -19.86 -27.09
C MET B 158 2.77 -19.91 -27.64
N ASN B 159 1.80 -20.06 -26.74
CA ASN B 159 0.41 -20.18 -27.18
C ASN B 159 -0.40 -18.87 -27.02
N THR B 160 0.26 -17.78 -26.70
CA THR B 160 -0.50 -16.59 -26.38
C THR B 160 0.08 -15.32 -26.93
N TYR B 161 -0.76 -14.49 -27.57
CA TYR B 161 -0.41 -13.16 -28.02
C TYR B 161 -1.55 -12.26 -27.59
N ILE B 162 -1.26 -11.40 -26.61
CA ILE B 162 -2.28 -10.45 -26.15
C ILE B 162 -2.00 -9.11 -26.82
N TYR B 163 -2.84 -8.78 -27.81
CA TYR B 163 -2.72 -7.51 -28.51
C TYR B 163 -3.29 -6.41 -27.60
N GLY B 164 -2.43 -5.48 -27.16
CA GLY B 164 -2.90 -4.35 -26.35
C GLY B 164 -1.96 -3.13 -26.34
N PRO B 165 -1.63 -2.59 -27.54
CA PRO B 165 -0.72 -1.47 -27.48
C PRO B 165 -1.32 -0.18 -26.84
N LYS B 166 -0.64 0.41 -25.87
CA LYS B 166 -1.25 1.54 -25.17
C LYS B 166 -1.70 2.70 -26.10
N ASP B 167 -0.95 2.91 -27.17
CA ASP B 167 -1.18 4.04 -28.03
C ASP B 167 -2.03 3.71 -29.26
N ASP B 168 -2.69 2.56 -29.25
CA ASP B 168 -3.59 2.20 -30.32
C ASP B 168 -4.95 2.80 -29.90
N PRO B 169 -5.43 3.79 -30.64
CA PRO B 169 -6.63 4.52 -30.15
C PRO B 169 -7.94 3.73 -30.21
N TYR B 170 -7.95 2.63 -30.95
CA TYR B 170 -9.05 1.71 -30.99
C TYR B 170 -8.95 0.71 -29.84
N HIS B 171 -7.79 0.68 -29.16
CA HIS B 171 -7.60 -0.24 -28.02
C HIS B 171 -7.91 0.59 -26.76
N SER B 172 -7.60 1.88 -26.79
CA SER B 172 -7.67 2.72 -25.58
C SER B 172 -8.43 4.03 -25.78
N ALA B 173 -8.13 5.03 -24.95
CA ALA B 173 -8.61 6.43 -25.13
C ALA B 173 -8.27 6.82 -26.52
N PRO B 174 -9.22 7.40 -27.23
CA PRO B 174 -10.59 7.62 -26.89
C PRO B 174 -11.52 6.71 -27.68
N ASN B 175 -11.02 6.02 -28.70
CA ASN B 175 -11.89 5.31 -29.63
C ASN B 175 -12.07 3.82 -29.38
N TRP B 176 -11.90 3.42 -28.11
CA TRP B 176 -12.12 2.03 -27.74
C TRP B 176 -13.56 1.60 -28.08
N ARG B 177 -14.46 2.57 -28.11
CA ARG B 177 -15.87 2.31 -28.42
C ARG B 177 -16.10 2.07 -29.89
N LEU B 178 -15.12 2.50 -30.70
CA LEU B 178 -15.24 2.43 -32.14
C LEU B 178 -14.54 1.21 -32.72
N PRO B 179 -15.11 0.66 -33.79
CA PRO B 179 -14.52 -0.51 -34.49
C PRO B 179 -13.42 -0.15 -35.47
N TYR B 180 -12.35 -0.93 -35.53
CA TYR B 180 -11.22 -0.60 -36.42
C TYR B 180 -11.71 -0.25 -37.81
N PRO B 181 -11.05 0.69 -38.48
CA PRO B 181 -11.39 0.99 -39.85
C PRO B 181 -11.03 -0.22 -40.73
N ASP B 182 -11.53 -0.21 -41.97
CA ASP B 182 -11.39 -1.38 -42.86
C ASP B 182 -9.97 -1.90 -42.91
N LYS B 183 -9.02 -1.02 -43.20
CA LYS B 183 -7.67 -1.45 -43.40
C LYS B 183 -7.15 -2.15 -42.15
N GLU B 184 -7.24 -1.50 -40.98
CA GLU B 184 -6.77 -2.12 -39.75
C GLU B 184 -7.49 -3.45 -39.48
N ALA B 185 -8.79 -3.47 -39.76
CA ALA B 185 -9.62 -4.66 -39.53
C ALA B 185 -9.15 -5.83 -40.37
N ALA B 186 -8.92 -5.61 -41.66
CA ALA B 186 -8.44 -6.67 -42.55
C ALA B 186 -7.06 -7.20 -42.07
N GLN B 187 -6.29 -6.33 -41.44
CA GLN B 187 -4.98 -6.69 -40.98
C GLN B 187 -5.11 -7.56 -39.74
N LEU B 188 -5.92 -7.11 -38.78
CA LEU B 188 -6.24 -7.93 -37.60
C LEU B 188 -6.77 -9.29 -38.02
N GLN B 189 -7.77 -9.30 -38.87
CA GLN B 189 -8.22 -10.54 -39.45
C GLN B 189 -7.05 -11.41 -39.89
N GLU B 190 -6.09 -10.82 -40.57
CA GLU B 190 -5.01 -11.64 -41.08
C GLU B 190 -4.15 -12.12 -39.92
N LEU B 191 -4.01 -11.30 -38.87
CA LEU B 191 -3.21 -11.73 -37.73
C LEU B 191 -3.82 -12.97 -37.08
N VAL B 192 -5.12 -12.87 -36.82
CA VAL B 192 -5.87 -13.96 -36.15
C VAL B 192 -5.67 -15.25 -36.96
N ALA B 193 -5.84 -15.14 -38.29
CA ALA B 193 -5.60 -16.32 -39.14
C ALA B 193 -4.19 -16.91 -38.95
N VAL B 194 -3.16 -16.09 -39.10
CA VAL B 194 -1.78 -16.48 -38.97
C VAL B 194 -1.52 -16.98 -37.56
N ALA B 195 -2.12 -16.36 -36.56
CA ALA B 195 -2.02 -16.85 -35.19
C ALA B 195 -2.62 -18.27 -35.06
N ASN B 196 -3.75 -18.52 -35.73
CA ASN B 196 -4.41 -19.83 -35.64
C ASN B 196 -3.55 -20.89 -36.24
N GLU B 197 -2.99 -20.59 -37.40
CA GLU B 197 -2.11 -21.53 -38.09
C GLU B 197 -0.85 -21.84 -37.31
N ASN B 198 -0.47 -20.97 -36.38
CA ASN B 198 0.76 -21.18 -35.62
C ASN B 198 0.40 -21.62 -34.20
N GLU B 199 -0.87 -21.98 -34.02
CA GLU B 199 -1.37 -22.44 -32.74
C GLU B 199 -1.29 -21.41 -31.60
N VAL B 200 -1.33 -20.11 -31.92
CA VAL B 200 -1.29 -19.05 -30.89
C VAL B 200 -2.70 -18.50 -30.66
N ASP B 201 -3.12 -18.30 -29.41
CA ASP B 201 -4.37 -17.57 -29.15
C ASP B 201 -4.17 -16.08 -29.33
N PHE B 202 -4.93 -15.49 -30.24
CA PHE B 202 -4.88 -14.05 -30.33
C PHE B 202 -5.83 -13.52 -29.28
N VAL B 203 -5.29 -12.87 -28.26
CA VAL B 203 -6.12 -12.24 -27.22
C VAL B 203 -6.21 -10.76 -27.52
N TRP B 204 -7.43 -10.28 -27.84
CA TRP B 204 -7.62 -8.86 -28.10
C TRP B 204 -7.96 -8.15 -26.80
N ALA B 205 -7.21 -7.12 -26.51
CA ALA B 205 -7.40 -6.47 -25.24
C ALA B 205 -8.05 -5.12 -25.45
N ILE B 206 -8.90 -4.72 -24.54
CA ILE B 206 -9.46 -3.40 -24.65
C ILE B 206 -9.10 -2.71 -23.36
N HIS B 207 -8.92 -1.40 -23.44
CA HIS B 207 -8.41 -0.59 -22.34
C HIS B 207 -9.35 0.57 -22.23
N PRO B 208 -10.54 0.32 -21.67
CA PRO B 208 -11.63 1.30 -21.73
C PRO B 208 -11.79 2.19 -20.51
N GLY B 209 -11.00 1.95 -19.46
CA GLY B 209 -11.28 2.54 -18.11
C GLY B 209 -11.04 4.03 -17.85
N GLN B 210 -10.24 4.72 -18.65
CA GLN B 210 -9.99 6.15 -18.40
C GLN B 210 -11.26 7.01 -18.45
N ASP B 211 -12.21 6.66 -19.32
CA ASP B 211 -13.42 7.47 -19.50
C ASP B 211 -14.67 6.63 -19.44
N ILE B 212 -14.56 5.39 -18.96
CA ILE B 212 -15.71 4.51 -18.96
C ILE B 212 -16.80 5.01 -18.03
N LYS B 213 -18.06 4.91 -18.48
CA LYS B 213 -19.22 5.18 -17.65
C LYS B 213 -19.73 3.83 -17.15
N TRP B 214 -20.08 3.74 -15.86
CA TRP B 214 -20.68 2.50 -15.36
C TRP B 214 -22.17 2.54 -15.64
N ASN B 215 -22.50 2.57 -16.92
CA ASN B 215 -23.89 2.61 -17.35
C ASN B 215 -24.11 1.57 -18.47
N LYS B 216 -25.38 1.40 -18.86
CA LYS B 216 -25.74 0.42 -19.84
C LYS B 216 -25.15 0.76 -21.19
N GLU B 217 -25.09 2.05 -21.52
CA GLU B 217 -24.58 2.42 -22.82
C GLU B 217 -23.14 1.93 -23.04
N ASP B 218 -22.24 2.25 -22.12
CA ASP B 218 -20.83 1.86 -22.28
C ASP B 218 -20.61 0.34 -22.23
N ARG B 219 -21.30 -0.31 -21.32
CA ARG B 219 -21.36 -1.76 -21.30
C ARG B 219 -21.70 -2.32 -22.67
N ASP B 220 -22.81 -1.87 -23.23
CA ASP B 220 -23.24 -2.27 -24.58
C ASP B 220 -22.19 -2.01 -25.65
N LEU B 221 -21.58 -0.83 -25.60
CA LEU B 221 -20.60 -0.50 -26.61
C LEU B 221 -19.41 -1.45 -26.50
N LEU B 222 -19.02 -1.79 -25.27
CA LEU B 222 -17.87 -2.66 -25.09
C LEU B 222 -18.25 -4.01 -25.65
N LEU B 223 -19.43 -4.50 -25.30
CA LEU B 223 -19.82 -5.81 -25.82
C LEU B 223 -19.90 -5.77 -27.36
N ALA B 224 -20.43 -4.68 -27.90
CA ALA B 224 -20.50 -4.53 -29.35
C ALA B 224 -19.10 -4.47 -30.00
N LYS B 225 -18.17 -3.78 -29.35
CA LYS B 225 -16.79 -3.86 -29.84
C LYS B 225 -16.24 -5.33 -29.93
N PHE B 226 -16.32 -6.03 -28.80
CA PHE B 226 -16.01 -7.45 -28.69
C PHE B 226 -16.70 -8.30 -29.80
N GLU B 227 -17.99 -8.04 -30.03
CA GLU B 227 -18.65 -8.74 -31.14
C GLU B 227 -17.98 -8.47 -32.50
N LYS B 228 -17.57 -7.22 -32.76
CA LYS B 228 -16.85 -6.93 -34.00
C LYS B 228 -15.51 -7.64 -34.10
N MET B 229 -14.79 -7.70 -32.98
CA MET B 229 -13.55 -8.47 -32.98
C MET B 229 -13.79 -9.96 -33.22
N TYR B 230 -14.87 -10.48 -32.62
CA TYR B 230 -15.31 -11.86 -32.89
C TYR B 230 -15.55 -12.10 -34.40
N GLN B 231 -16.23 -11.15 -35.04
CA GLN B 231 -16.55 -11.26 -36.48
C GLN B 231 -15.27 -11.35 -37.31
N LEU B 232 -14.21 -10.68 -36.84
CA LEU B 232 -12.86 -10.75 -37.44
C LEU B 232 -12.10 -12.02 -37.09
N GLY B 233 -12.68 -12.84 -36.21
CA GLY B 233 -12.03 -14.07 -35.85
C GLY B 233 -11.49 -14.21 -34.45
N VAL B 234 -11.47 -13.11 -33.66
CA VAL B 234 -10.94 -13.16 -32.31
C VAL B 234 -11.78 -14.11 -31.48
N ARG B 235 -11.09 -14.96 -30.71
CA ARG B 235 -11.72 -15.93 -29.81
C ARG B 235 -11.23 -15.87 -28.36
N SER B 236 -10.33 -14.95 -28.08
CA SER B 236 -9.88 -14.74 -26.72
C SER B 236 -9.87 -13.25 -26.49
N PHE B 237 -10.16 -12.80 -25.27
CA PHE B 237 -10.42 -11.39 -25.00
C PHE B 237 -9.84 -10.93 -23.64
N ALA B 238 -9.44 -9.67 -23.57
CA ALA B 238 -9.01 -9.11 -22.28
C ALA B 238 -9.61 -7.74 -22.04
N VAL B 239 -9.79 -7.36 -20.77
CA VAL B 239 -10.09 -5.96 -20.47
C VAL B 239 -8.97 -5.48 -19.59
N PHE B 240 -8.25 -4.43 -20.00
CA PHE B 240 -7.16 -3.89 -19.19
C PHE B 240 -7.62 -2.64 -18.40
N PHE B 241 -7.37 -2.62 -17.08
CA PHE B 241 -7.65 -1.45 -16.23
C PHE B 241 -6.38 -0.78 -15.63
N ASP B 242 -5.23 -0.93 -16.28
CA ASP B 242 -3.98 -0.39 -15.75
C ASP B 242 -3.76 1.11 -16.08
N ASP B 243 -3.07 1.82 -15.20
CA ASP B 243 -2.66 3.19 -15.51
C ASP B 243 -3.82 4.13 -15.78
N ILE B 244 -4.95 3.96 -15.13
CA ILE B 244 -6.07 4.90 -15.29
C ILE B 244 -6.38 5.53 -13.92
N SER B 245 -7.11 6.62 -13.90
CA SER B 245 -7.65 7.15 -12.66
C SER B 245 -9.14 7.45 -12.83
N GLY B 246 -9.82 7.66 -11.71
CA GLY B 246 -11.23 8.03 -11.75
C GLY B 246 -12.14 6.87 -11.41
N GLU B 247 -13.36 6.97 -11.90
CA GLU B 247 -14.38 5.98 -11.59
C GLU B 247 -14.00 4.62 -12.05
N GLY B 248 -13.23 4.53 -13.13
CA GLY B 248 -13.01 3.24 -13.79
C GLY B 248 -12.10 2.29 -13.01
N THR B 249 -11.64 2.77 -11.85
CA THR B 249 -10.72 2.00 -11.03
C THR B 249 -11.51 1.21 -9.98
N ASN B 250 -12.83 1.35 -10.01
CA ASN B 250 -13.74 0.69 -9.07
C ASN B 250 -13.75 -0.85 -9.21
N PRO B 251 -13.24 -1.54 -8.19
CA PRO B 251 -13.03 -2.97 -8.35
C PRO B 251 -14.34 -3.75 -8.41
N GLN B 252 -15.31 -3.38 -7.59
CA GLN B 252 -16.62 -4.02 -7.62
C GLN B 252 -17.26 -3.92 -9.03
N LYS B 253 -17.20 -2.73 -9.63
CA LYS B 253 -17.74 -2.49 -10.95
C LYS B 253 -16.97 -3.17 -12.06
N GLN B 254 -15.65 -3.23 -11.91
CA GLN B 254 -14.82 -3.98 -12.83
C GLN B 254 -15.19 -5.46 -12.80
N ALA B 255 -15.34 -6.05 -11.64
CA ALA B 255 -15.66 -7.47 -11.58
C ALA B 255 -17.05 -7.74 -12.18
N GLU B 256 -18.02 -6.87 -11.88
CA GLU B 256 -19.35 -6.92 -12.47
C GLU B 256 -19.25 -6.81 -13.99
N LEU B 257 -18.47 -5.87 -14.48
CA LEU B 257 -18.35 -5.79 -15.92
C LEU B 257 -17.75 -7.07 -16.49
N LEU B 258 -16.73 -7.61 -15.84
CA LEU B 258 -16.12 -8.82 -16.34
C LEU B 258 -17.06 -10.03 -16.25
N ASN B 259 -17.80 -10.11 -15.15
CA ASN B 259 -18.74 -11.21 -15.01
C ASN B 259 -19.86 -11.09 -16.04
N TYR B 260 -20.28 -9.86 -16.31
CA TYR B 260 -21.23 -9.65 -17.38
C TYR B 260 -20.68 -10.05 -18.76
N ILE B 261 -19.44 -9.69 -19.08
CA ILE B 261 -18.89 -10.13 -20.35
C ILE B 261 -18.84 -11.67 -20.40
N ASP B 262 -18.46 -12.25 -19.28
CA ASP B 262 -18.41 -13.70 -19.15
C ASP B 262 -19.80 -14.29 -19.42
N GLU B 263 -20.78 -13.90 -18.62
CA GLU B 263 -22.07 -14.55 -18.74
C GLU B 263 -22.78 -14.26 -20.05
N LYS B 264 -22.59 -13.08 -20.63
CA LYS B 264 -23.38 -12.72 -21.81
C LYS B 264 -22.63 -12.85 -23.11
N PHE B 265 -21.37 -13.24 -23.06
CA PHE B 265 -20.53 -13.24 -24.26
C PHE B 265 -19.67 -14.48 -24.29
N ALA B 266 -18.74 -14.57 -23.36
CA ALA B 266 -17.87 -15.77 -23.29
C ALA B 266 -18.67 -17.09 -23.09
N GLN B 267 -19.75 -17.04 -22.30
CA GLN B 267 -20.56 -18.25 -22.13
C GLN B 267 -21.72 -18.29 -23.11
N VAL B 268 -21.76 -17.38 -24.09
CA VAL B 268 -22.82 -17.38 -25.09
C VAL B 268 -22.29 -17.72 -26.49
N LYS B 269 -21.07 -17.30 -26.79
CA LYS B 269 -20.39 -17.78 -28.00
C LYS B 269 -19.90 -19.23 -27.78
N PRO B 270 -19.88 -20.03 -28.85
CA PRO B 270 -19.51 -21.45 -28.83
C PRO B 270 -18.06 -21.73 -28.49
N ASP B 271 -17.15 -20.79 -28.77
CA ASP B 271 -15.76 -21.15 -28.82
C ASP B 271 -14.80 -20.12 -28.21
N ILE B 272 -15.21 -19.45 -27.15
CA ILE B 272 -14.35 -18.42 -26.63
C ILE B 272 -13.35 -19.15 -25.78
N ASN B 273 -12.12 -18.68 -25.77
CA ASN B 273 -11.04 -19.34 -25.04
C ASN B 273 -10.57 -18.68 -23.76
N GLN B 274 -9.72 -17.65 -23.87
CA GLN B 274 -9.16 -17.03 -22.69
C GLN B 274 -10.01 -15.79 -22.45
N LEU B 275 -10.27 -15.50 -21.19
CA LEU B 275 -10.94 -14.28 -20.81
C LEU B 275 -10.09 -13.78 -19.68
N VAL B 276 -9.47 -12.61 -19.87
CA VAL B 276 -8.44 -12.17 -18.97
C VAL B 276 -8.66 -10.70 -18.58
N MET B 277 -8.26 -10.32 -17.37
CA MET B 277 -8.32 -8.88 -16.99
C MET B 277 -6.99 -8.44 -16.37
N CYS B 278 -6.58 -7.21 -16.67
CA CYS B 278 -5.46 -6.66 -15.96
C CYS B 278 -5.98 -5.62 -14.98
N PRO B 279 -5.61 -5.75 -13.70
CA PRO B 279 -6.17 -4.86 -12.64
C PRO B 279 -5.50 -3.49 -12.56
N THR B 280 -6.16 -2.57 -11.85
CA THR B 280 -5.62 -1.24 -11.58
C THR B 280 -4.42 -1.36 -10.67
N GLU B 281 -4.59 -2.12 -9.58
CA GLU B 281 -3.47 -2.49 -8.71
C GLU B 281 -2.85 -3.75 -9.30
N TYR B 282 -1.78 -3.58 -10.07
CA TYR B 282 -1.19 -4.68 -10.79
C TYR B 282 0.17 -5.08 -10.27
N ASN B 283 0.59 -4.47 -9.15
CA ASN B 283 1.86 -4.88 -8.50
C ASN B 283 1.77 -4.57 -7.00
N LYS B 284 2.59 -5.27 -6.23
CA LYS B 284 2.41 -5.25 -4.80
C LYS B 284 2.57 -3.85 -4.25
N SER B 285 3.63 -3.16 -4.68
CA SER B 285 3.97 -1.83 -4.13
C SER B 285 2.96 -0.73 -4.49
N TRP B 286 2.18 -0.96 -5.54
CA TRP B 286 1.17 -0.03 -6.01
C TRP B 286 -0.17 -0.51 -5.49
N SER B 287 -0.15 -1.43 -4.57
CA SER B 287 -1.38 -1.93 -4.08
C SER B 287 -1.54 -1.47 -2.64
N ASN B 288 -2.67 -0.84 -2.36
CA ASN B 288 -2.91 -0.16 -1.12
C ASN B 288 -3.01 -1.09 0.09
N PRO B 289 -1.99 -1.06 0.95
CA PRO B 289 -2.02 -1.95 2.11
C PRO B 289 -3.37 -1.84 2.89
N ASN B 290 -3.92 -3.00 3.28
CA ASN B 290 -5.19 -3.04 4.02
C ASN B 290 -6.42 -2.54 3.23
N GLY B 291 -6.20 -2.14 1.97
CA GLY B 291 -7.29 -1.69 1.09
C GLY B 291 -8.05 -2.93 0.73
N ASN B 292 -9.13 -2.82 -0.04
CA ASN B 292 -9.83 -4.05 -0.44
C ASN B 292 -9.93 -4.24 -1.95
N TYR B 293 -9.02 -3.62 -2.69
CA TYR B 293 -9.06 -3.77 -4.12
C TYR B 293 -8.86 -5.20 -4.56
N LEU B 294 -7.78 -5.82 -4.12
CA LEU B 294 -7.48 -7.09 -4.74
C LEU B 294 -8.41 -8.19 -4.22
N THR B 295 -8.79 -8.11 -2.94
CA THR B 295 -9.69 -9.09 -2.37
C THR B 295 -11.12 -9.00 -2.95
N THR B 296 -11.57 -7.78 -3.29
CA THR B 296 -12.79 -7.65 -4.05
C THR B 296 -12.69 -8.36 -5.40
N LEU B 297 -11.59 -8.17 -6.12
CA LEU B 297 -11.49 -8.85 -7.41
C LEU B 297 -11.52 -10.34 -7.16
N GLY B 298 -10.62 -10.80 -6.29
CA GLY B 298 -10.51 -12.21 -5.99
C GLY B 298 -11.84 -12.83 -5.62
N ASP B 299 -12.67 -12.09 -4.88
CA ASP B 299 -13.94 -12.63 -4.39
C ASP B 299 -15.05 -12.60 -5.40
N LYS B 300 -15.15 -11.53 -6.18
CA LYS B 300 -16.31 -11.33 -7.08
C LYS B 300 -16.08 -11.85 -8.51
N LEU B 301 -14.83 -11.91 -8.98
CA LEU B 301 -14.58 -12.32 -10.36
C LEU B 301 -14.87 -13.79 -10.56
N ASN B 302 -15.68 -14.12 -11.55
CA ASN B 302 -15.96 -15.52 -11.89
C ASN B 302 -14.63 -16.27 -11.97
N PRO B 303 -14.62 -17.51 -11.46
CA PRO B 303 -13.34 -18.22 -11.29
C PRO B 303 -12.59 -18.49 -12.61
N SER B 304 -13.29 -18.45 -13.73
CA SER B 304 -12.60 -18.74 -14.98
C SER B 304 -11.80 -17.51 -15.52
N ILE B 305 -12.11 -16.33 -14.99
CA ILE B 305 -11.49 -15.12 -15.50
C ILE B 305 -10.08 -15.05 -14.91
N GLN B 306 -9.09 -14.66 -15.71
CA GLN B 306 -7.72 -14.46 -15.21
C GLN B 306 -7.45 -13.03 -14.73
N ILE B 307 -6.52 -12.94 -13.79
CA ILE B 307 -6.10 -11.69 -13.22
C ILE B 307 -4.60 -11.61 -13.37
N MET B 308 -4.17 -10.62 -14.17
CA MET B 308 -2.78 -10.36 -14.47
C MET B 308 -2.08 -9.63 -13.33
N TRP B 309 -0.75 -9.71 -13.31
CA TRP B 309 0.07 -9.27 -12.20
C TRP B 309 1.49 -9.17 -12.68
N THR B 310 2.16 -8.09 -12.26
CA THR B 310 3.51 -7.78 -12.77
C THR B 310 4.57 -8.00 -11.69
N GLY B 311 4.17 -8.45 -10.50
CA GLY B 311 5.16 -8.78 -9.46
C GLY B 311 5.07 -7.84 -8.26
N ASP B 312 6.16 -7.70 -7.51
CA ASP B 312 6.16 -6.85 -6.31
C ASP B 312 6.24 -5.38 -6.62
N ARG B 313 6.70 -5.07 -7.84
CA ARG B 313 6.78 -3.68 -8.30
C ARG B 313 6.39 -3.60 -9.77
N VAL B 314 6.24 -2.36 -10.26
CA VAL B 314 5.85 -2.17 -11.64
C VAL B 314 6.72 -3.07 -12.55
N ILE B 315 8.03 -3.02 -12.34
CA ILE B 315 9.02 -3.88 -13.00
C ILE B 315 9.71 -4.67 -11.92
N SER B 316 9.57 -6.00 -11.99
CA SER B 316 10.11 -6.85 -10.95
C SER B 316 10.26 -8.26 -11.48
N ASP B 317 11.04 -9.08 -10.81
CA ASP B 317 11.14 -10.46 -11.23
C ASP B 317 10.21 -11.28 -10.31
N ILE B 318 9.69 -12.40 -10.79
CA ILE B 318 8.69 -13.13 -10.04
C ILE B 318 9.30 -14.15 -9.08
N THR B 319 9.05 -13.93 -7.77
CA THR B 319 9.52 -14.81 -6.68
C THR B 319 8.36 -15.63 -6.08
N ARG B 320 8.71 -16.58 -5.23
CA ARG B 320 7.71 -17.44 -4.59
C ARG B 320 6.94 -16.69 -3.50
N ASP B 321 7.64 -15.85 -2.74
CA ASP B 321 6.97 -14.97 -1.80
C ASP B 321 6.01 -14.01 -2.52
N GLY B 322 6.46 -13.43 -3.63
CA GLY B 322 5.65 -12.50 -4.36
C GLY B 322 4.40 -13.14 -4.93
N ILE B 323 4.54 -14.34 -5.51
CA ILE B 323 3.40 -15.01 -6.15
C ILE B 323 2.43 -15.57 -5.12
N SER B 324 2.93 -15.97 -3.95
CA SER B 324 2.02 -16.37 -2.87
C SER B 324 1.18 -15.19 -2.40
N TRP B 325 1.84 -14.05 -2.19
CA TRP B 325 1.17 -12.87 -1.68
C TRP B 325 -0.03 -12.48 -2.58
N ILE B 326 0.18 -12.46 -3.89
CA ILE B 326 -0.93 -12.15 -4.82
C ILE B 326 -1.98 -13.28 -4.90
N ASN B 327 -1.56 -14.52 -5.09
CA ASN B 327 -2.49 -15.65 -5.12
C ASN B 327 -3.44 -15.72 -3.91
N GLU B 328 -2.94 -15.51 -2.70
CA GLU B 328 -3.86 -15.59 -1.56
C GLU B 328 -4.94 -14.54 -1.66
N ARG B 329 -4.70 -13.50 -2.44
CA ARG B 329 -5.67 -12.43 -2.46
C ARG B 329 -6.63 -12.53 -3.63
N ILE B 330 -6.15 -13.00 -4.77
CA ILE B 330 -7.03 -13.13 -5.90
C ILE B 330 -7.72 -14.50 -6.02
N LYS B 331 -7.28 -15.45 -5.21
CA LYS B 331 -7.96 -16.75 -5.09
C LYS B 331 -7.71 -17.66 -6.27
N ARG B 332 -6.73 -17.35 -7.10
CA ARG B 332 -6.47 -18.18 -8.24
C ARG B 332 -4.99 -18.00 -8.54
N PRO B 333 -4.39 -18.86 -9.36
CA PRO B 333 -3.02 -18.65 -9.80
C PRO B 333 -2.91 -17.42 -10.74
N ALA B 334 -2.07 -16.46 -10.36
CA ALA B 334 -1.86 -15.22 -11.12
C ALA B 334 -1.42 -15.48 -12.53
N TYR B 335 -1.82 -14.54 -13.40
CA TYR B 335 -1.43 -14.54 -14.78
C TYR B 335 -0.40 -13.38 -14.93
N ILE B 336 0.88 -13.76 -14.97
CA ILE B 336 1.99 -12.81 -14.95
C ILE B 336 2.19 -12.01 -16.22
N TRP B 337 2.34 -10.72 -16.03
CA TRP B 337 2.72 -9.81 -17.06
C TRP B 337 4.08 -9.31 -16.63
N TRP B 338 5.10 -9.87 -17.26
CA TRP B 338 6.47 -9.56 -16.88
C TRP B 338 6.98 -8.39 -17.68
N ASN B 339 7.32 -7.31 -16.99
CA ASN B 339 7.73 -6.10 -17.71
C ASN B 339 9.21 -6.08 -18.09
N PHE B 340 9.62 -7.03 -18.91
CA PHE B 340 10.95 -7.06 -19.45
C PHE B 340 10.75 -7.84 -20.73
N PRO B 341 11.38 -7.41 -21.83
CA PRO B 341 12.35 -6.32 -21.90
C PRO B 341 11.78 -4.97 -22.28
N VAL B 342 10.49 -4.77 -22.15
CA VAL B 342 9.88 -3.47 -22.37
C VAL B 342 10.75 -2.29 -21.92
N SER B 343 10.82 -1.24 -22.74
CA SER B 343 11.77 -0.15 -22.45
C SER B 343 11.13 1.20 -22.54
N ASP B 344 9.82 1.24 -22.42
CA ASP B 344 9.10 2.45 -22.74
C ASP B 344 9.29 3.58 -21.70
N TYR B 345 10.07 3.32 -20.67
CA TYR B 345 10.35 4.35 -19.72
C TYR B 345 11.86 4.55 -19.67
N VAL B 346 12.58 3.83 -20.54
CA VAL B 346 14.03 4.04 -20.74
C VAL B 346 14.28 3.90 -22.24
N ARG B 347 13.56 4.73 -23.01
CA ARG B 347 13.47 4.57 -24.46
C ARG B 347 14.75 4.79 -25.21
N ASP B 348 15.73 5.47 -24.58
CA ASP B 348 17.06 5.61 -25.21
C ASP B 348 17.96 4.40 -25.06
N HIS B 349 17.47 3.35 -24.40
CA HIS B 349 18.26 2.13 -24.25
C HIS B 349 17.57 0.98 -24.95
N LEU B 350 18.37 0.07 -25.49
CA LEU B 350 17.90 -1.25 -25.84
C LEU B 350 18.25 -2.20 -24.71
N LEU B 351 17.32 -3.05 -24.31
CA LEU B 351 17.60 -4.08 -23.31
C LEU B 351 17.75 -5.47 -23.97
N LEU B 352 18.96 -5.90 -24.29
CA LEU B 352 19.16 -7.09 -25.12
C LEU B 352 19.82 -8.19 -24.32
N GLY B 353 19.85 -8.04 -23.01
CA GLY B 353 20.52 -9.02 -22.21
C GLY B 353 19.61 -10.20 -21.92
N PRO B 354 20.11 -11.17 -21.15
CA PRO B 354 19.42 -12.39 -20.77
C PRO B 354 18.21 -12.15 -19.92
N VAL B 355 17.33 -13.15 -19.92
CA VAL B 355 16.15 -13.17 -19.06
C VAL B 355 16.49 -13.98 -17.80
N TYR B 356 16.35 -13.32 -16.65
CA TYR B 356 16.71 -13.94 -15.40
C TYR B 356 15.99 -13.22 -14.23
N GLY B 357 16.15 -13.78 -13.04
CA GLY B 357 15.51 -13.23 -11.87
C GLY B 357 14.24 -13.96 -11.46
N ASN B 358 13.60 -14.70 -12.37
CA ASN B 358 12.34 -15.33 -12.03
C ASN B 358 12.52 -16.73 -11.42
N ASP B 359 11.88 -16.99 -10.28
CA ASP B 359 11.93 -18.28 -9.62
C ASP B 359 11.53 -19.40 -10.60
N THR B 360 12.25 -20.51 -10.58
CA THR B 360 12.05 -21.57 -11.55
C THR B 360 11.25 -22.73 -10.98
N THR B 361 10.74 -22.57 -9.75
CA THR B 361 10.03 -23.68 -9.10
C THR B 361 8.56 -23.44 -8.91
N ILE B 362 8.03 -22.34 -9.48
CA ILE B 362 6.69 -21.85 -9.14
C ILE B 362 5.67 -21.99 -10.28
N ALA B 363 5.96 -22.85 -11.26
CA ALA B 363 5.06 -23.04 -12.38
C ALA B 363 3.63 -23.23 -11.93
N LYS B 364 3.41 -23.96 -10.83
CA LYS B 364 2.04 -24.27 -10.39
C LYS B 364 1.30 -23.11 -9.80
N GLU B 365 2.01 -22.04 -9.52
CA GLU B 365 1.44 -20.88 -8.85
C GLU B 365 1.08 -19.78 -9.83
N MET B 366 1.27 -20.02 -11.13
CA MET B 366 0.88 -19.04 -12.10
C MET B 366 0.03 -19.62 -13.22
N SER B 367 -0.99 -18.88 -13.63
CA SER B 367 -1.86 -19.34 -14.73
C SER B 367 -1.26 -19.15 -16.10
N GLY B 368 -0.44 -18.13 -16.22
CA GLY B 368 0.16 -17.79 -17.50
C GLY B 368 1.34 -16.93 -17.14
N PHE B 369 2.24 -16.79 -18.11
CA PHE B 369 3.41 -15.93 -17.97
C PHE B 369 3.61 -15.25 -19.34
N VAL B 370 3.39 -13.94 -19.41
CA VAL B 370 3.67 -13.21 -20.66
C VAL B 370 4.65 -12.07 -20.44
N THR B 371 5.46 -11.87 -21.46
CA THR B 371 6.41 -10.76 -21.51
C THR B 371 5.83 -9.60 -22.33
N ASN B 372 5.96 -8.42 -21.75
CA ASN B 372 5.75 -7.13 -22.36
C ASN B 372 7.09 -6.69 -22.93
N PRO B 373 7.14 -6.59 -24.27
CA PRO B 373 8.39 -6.48 -25.03
C PRO B 373 8.78 -5.03 -25.32
N MET B 374 9.89 -4.86 -26.03
CA MET B 374 10.26 -3.53 -26.50
C MET B 374 9.40 -3.14 -27.70
N GLU B 375 9.19 -1.83 -27.91
CA GLU B 375 8.61 -1.40 -29.19
C GLU B 375 9.46 -1.82 -30.40
N HIS B 376 10.69 -2.23 -30.15
CA HIS B 376 11.52 -2.84 -31.18
C HIS B 376 11.26 -4.34 -31.18
N ALA B 377 10.40 -4.75 -32.12
CA ALA B 377 9.86 -6.10 -32.22
C ALA B 377 10.94 -7.17 -32.34
N GLU B 378 11.78 -7.06 -33.36
CA GLU B 378 12.76 -8.10 -33.63
C GLU B 378 13.80 -8.08 -32.55
N SER B 379 14.13 -6.89 -32.03
CA SER B 379 15.12 -6.78 -30.94
C SER B 379 14.68 -7.54 -29.69
N SER B 380 13.35 -7.66 -29.51
CA SER B 380 12.70 -8.36 -28.41
C SER B 380 12.69 -9.88 -28.54
N LYS B 381 13.06 -10.40 -29.70
CA LYS B 381 13.00 -11.83 -29.87
C LYS B 381 14.00 -12.58 -28.97
N ILE B 382 15.06 -11.88 -28.53
CA ILE B 382 16.06 -12.45 -27.62
C ILE B 382 15.38 -12.79 -26.28
N ALA B 383 14.78 -11.81 -25.62
CA ALA B 383 14.02 -12.07 -24.38
C ALA B 383 12.84 -13.04 -24.60
N ILE B 384 12.12 -12.88 -25.71
CA ILE B 384 10.91 -13.65 -26.03
C ILE B 384 11.18 -15.12 -26.19
N TYR B 385 12.22 -15.45 -26.93
CA TYR B 385 12.67 -16.83 -27.05
C TYR B 385 13.02 -17.40 -25.67
N SER B 386 13.66 -16.58 -24.84
CA SER B 386 14.10 -17.02 -23.51
C SER B 386 12.92 -17.27 -22.55
N VAL B 387 11.98 -16.31 -22.52
CA VAL B 387 10.74 -16.41 -21.77
C VAL B 387 9.95 -17.63 -22.27
N ALA B 388 9.93 -17.85 -23.56
CA ALA B 388 9.30 -19.07 -24.03
C ALA B 388 9.90 -20.31 -23.40
N SER B 389 11.24 -20.39 -23.43
CA SER B 389 11.97 -21.51 -22.89
C SER B 389 11.69 -21.66 -21.40
N TYR B 390 11.69 -20.53 -20.67
CA TYR B 390 11.47 -20.58 -19.25
C TYR B 390 10.08 -21.07 -18.94
N ALA B 391 9.11 -20.53 -19.64
CA ALA B 391 7.73 -20.78 -19.24
C ALA B 391 7.25 -22.19 -19.57
N TRP B 392 7.85 -22.79 -20.61
CA TRP B 392 7.59 -24.19 -20.95
C TRP B 392 8.24 -25.12 -19.91
N ASN B 393 9.54 -25.00 -19.74
CA ASN B 393 10.25 -25.87 -18.84
C ASN B 393 11.10 -25.11 -17.83
N PRO B 394 10.46 -24.47 -16.82
CA PRO B 394 11.25 -23.65 -15.89
C PRO B 394 12.37 -24.43 -15.18
N ALA B 395 12.13 -25.70 -14.87
CA ALA B 395 13.04 -26.47 -14.05
C ALA B 395 14.41 -26.63 -14.71
N LYS B 396 14.43 -26.65 -16.05
CA LYS B 396 15.65 -26.82 -16.78
C LYS B 396 16.06 -25.50 -17.46
N TYR B 397 15.46 -24.39 -17.01
CA TYR B 397 15.78 -23.10 -17.60
C TYR B 397 17.24 -22.70 -17.36
N ASP B 398 17.95 -22.33 -18.41
CA ASP B 398 19.36 -22.01 -18.32
C ASP B 398 19.46 -20.66 -18.97
N THR B 399 19.59 -19.58 -18.15
CA THR B 399 19.63 -18.19 -18.62
C THR B 399 20.60 -17.97 -19.80
N TRP B 400 21.88 -18.18 -19.55
CA TRP B 400 22.90 -17.83 -20.56
C TRP B 400 22.82 -18.69 -21.80
N GLN B 401 22.77 -20.02 -21.66
CA GLN B 401 22.71 -20.87 -22.85
C GLN B 401 21.46 -20.47 -23.64
N THR B 402 20.41 -20.02 -22.94
CA THR B 402 19.18 -19.75 -23.66
C THR B 402 19.28 -18.40 -24.36
N TRP B 403 19.90 -17.43 -23.72
CA TRP B 403 20.34 -16.21 -24.41
C TRP B 403 21.17 -16.42 -25.68
N LYS B 404 22.21 -17.24 -25.61
CA LYS B 404 23.02 -17.53 -26.77
C LYS B 404 22.20 -18.22 -27.85
N ASP B 405 21.41 -19.20 -27.45
CA ASP B 405 20.54 -19.90 -28.40
C ASP B 405 19.58 -18.96 -29.15
N ALA B 406 18.97 -18.02 -28.44
CA ALA B 406 18.10 -17.00 -29.07
C ALA B 406 18.89 -16.25 -30.15
N ILE B 407 20.08 -15.82 -29.77
CA ILE B 407 20.89 -14.96 -30.63
C ILE B 407 21.25 -15.69 -31.90
N ARG B 408 21.58 -16.99 -31.79
CA ARG B 408 21.96 -17.81 -32.94
C ARG B 408 20.83 -18.15 -33.86
N THR B 409 19.62 -18.14 -33.32
CA THR B 409 18.42 -18.52 -34.04
C THR B 409 17.98 -17.28 -34.80
N ILE B 410 18.08 -16.15 -34.14
CA ILE B 410 17.73 -14.87 -34.72
C ILE B 410 18.71 -14.46 -35.85
N LEU B 411 20.01 -14.65 -35.67
CA LEU B 411 20.91 -14.16 -36.66
C LEU B 411 22.07 -15.12 -36.83
N PRO B 412 21.80 -16.31 -37.40
CA PRO B 412 22.85 -17.32 -37.43
C PRO B 412 24.14 -16.84 -38.12
N SER B 413 24.01 -15.97 -39.12
CA SER B 413 25.17 -15.56 -39.90
C SER B 413 26.02 -14.55 -39.16
N ALA B 414 25.52 -13.95 -38.08
CA ALA B 414 26.42 -13.15 -37.28
C ALA B 414 26.14 -13.15 -35.75
N ALA B 415 26.12 -14.33 -35.16
CA ALA B 415 25.73 -14.53 -33.76
C ALA B 415 26.70 -13.91 -32.79
N GLU B 416 27.98 -14.14 -33.06
CA GLU B 416 28.98 -13.66 -32.14
C GLU B 416 28.95 -12.14 -32.10
N GLU B 417 28.70 -11.52 -33.24
CA GLU B 417 28.65 -10.08 -33.31
C GLU B 417 27.40 -9.57 -32.62
N LEU B 418 26.26 -10.26 -32.76
CA LEU B 418 25.06 -9.84 -32.01
C LEU B 418 25.25 -10.02 -30.50
N GLU B 419 25.90 -11.12 -30.16
CA GLU B 419 26.19 -11.35 -28.75
C GLU B 419 27.00 -10.22 -28.17
N CYS B 420 28.06 -9.85 -28.89
CA CYS B 420 28.96 -8.80 -28.45
C CYS B 420 28.14 -7.53 -28.26
N PHE B 421 27.36 -7.19 -29.26
CA PHE B 421 26.49 -6.02 -29.14
C PHE B 421 25.46 -6.11 -27.97
N ALA B 422 24.77 -7.26 -27.85
CA ALA B 422 23.82 -7.53 -26.76
C ALA B 422 24.42 -7.45 -25.33
N MET B 423 25.64 -7.98 -25.14
CA MET B 423 26.33 -7.98 -23.83
C MET B 423 26.56 -6.59 -23.29
N HIS B 424 26.67 -5.61 -24.18
CA HIS B 424 26.96 -4.25 -23.77
C HIS B 424 25.77 -3.33 -23.97
N ASN B 425 24.59 -3.91 -24.14
CA ASN B 425 23.34 -3.16 -24.23
C ASN B 425 22.26 -3.90 -23.47
N SER B 426 22.35 -3.85 -22.14
N SER B 426 22.32 -3.85 -22.15
CA SER B 426 21.54 -4.68 -21.25
CA SER B 426 21.38 -4.61 -21.33
C SER B 426 20.98 -3.92 -20.06
C SER B 426 20.95 -3.91 -20.03
N ASP B 427 21.75 -2.98 -19.54
CA ASP B 427 21.36 -2.29 -18.30
C ASP B 427 20.40 -1.20 -18.74
N LEU B 428 19.54 -0.77 -17.83
CA LEU B 428 18.55 0.26 -18.16
C LEU B 428 19.05 1.64 -17.91
N GLY B 429 20.18 1.77 -17.25
CA GLY B 429 20.56 3.05 -16.66
C GLY B 429 19.63 3.42 -15.53
N PRO B 430 19.97 4.46 -14.80
CA PRO B 430 19.11 4.93 -13.70
C PRO B 430 17.68 5.19 -14.13
N ASN B 431 16.72 4.78 -13.32
CA ASN B 431 15.33 5.03 -13.68
C ASN B 431 14.34 5.07 -12.50
N GLY B 432 13.20 5.73 -12.70
CA GLY B 432 12.15 5.89 -11.67
C GLY B 432 11.61 4.58 -11.11
N HIS B 433 11.76 3.49 -11.85
CA HIS B 433 11.31 2.18 -11.38
C HIS B 433 12.35 1.41 -10.61
N GLY B 434 13.58 1.94 -10.55
CA GLY B 434 14.67 1.32 -9.78
C GLY B 434 15.21 0.00 -10.38
N TYR B 435 14.88 -0.31 -11.61
CA TYR B 435 15.19 -1.67 -12.10
C TYR B 435 16.41 -1.67 -12.97
N ARG B 436 17.26 -2.67 -12.82
CA ARG B 436 18.57 -2.69 -13.49
C ARG B 436 18.94 -4.11 -13.97
N ARG B 437 19.81 -4.19 -14.94
CA ARG B 437 20.23 -5.48 -15.45
C ARG B 437 21.76 -5.49 -15.47
N GLU B 438 22.35 -6.68 -15.40
CA GLU B 438 23.80 -6.76 -15.43
C GLU B 438 24.17 -6.32 -16.82
N GLU B 439 25.43 -5.90 -17.00
CA GLU B 439 25.97 -5.53 -18.31
C GLU B 439 27.51 -5.60 -18.29
N SER B 440 28.10 -6.11 -19.36
CA SER B 440 29.54 -5.98 -19.59
C SER B 440 30.34 -6.69 -18.48
N MET B 441 29.77 -7.73 -17.89
CA MET B 441 30.32 -8.35 -16.70
C MET B 441 31.72 -8.93 -16.83
N ASP B 442 31.98 -9.48 -18.00
CA ASP B 442 33.22 -10.07 -18.41
C ASP B 442 34.41 -9.12 -18.36
N ILE B 443 34.26 -7.88 -18.79
CA ILE B 443 35.42 -7.01 -18.73
C ILE B 443 35.42 -6.12 -17.51
N GLN B 444 34.44 -6.27 -16.64
CA GLN B 444 34.37 -5.45 -15.43
C GLN B 444 35.65 -5.53 -14.57
N PRO B 445 36.18 -6.75 -14.33
CA PRO B 445 37.36 -6.83 -13.48
C PRO B 445 38.51 -6.04 -14.07
N ALA B 446 38.76 -6.22 -15.35
CA ALA B 446 39.90 -5.56 -15.96
C ALA B 446 39.64 -4.06 -15.91
N ALA B 447 38.39 -3.66 -16.10
CA ALA B 447 38.01 -2.26 -16.06
C ALA B 447 38.29 -1.64 -14.71
N GLU B 448 37.69 -2.22 -13.67
CA GLU B 448 37.76 -1.74 -12.26
C GLU B 448 39.19 -1.63 -11.71
N ARG B 449 40.03 -2.59 -12.08
CA ARG B 449 41.46 -2.58 -11.70
C ARG B 449 42.27 -1.55 -12.45
N PHE B 450 41.91 -1.31 -13.70
CA PHE B 450 42.68 -0.42 -14.57
C PHE B 450 42.51 0.95 -14.02
N LEU B 451 41.25 1.27 -13.75
CA LEU B 451 40.89 2.57 -13.24
C LEU B 451 41.46 2.82 -11.83
N LYS B 452 41.46 1.80 -10.98
CA LYS B 452 42.06 1.87 -9.64
C LYS B 452 43.54 2.20 -9.72
N ALA B 453 44.28 1.39 -10.47
CA ALA B 453 45.70 1.58 -10.64
C ALA B 453 46.00 3.00 -11.07
N PHE B 454 45.23 3.44 -12.06
CA PHE B 454 45.54 4.62 -12.86
C PHE B 454 45.33 5.87 -12.02
N LYS B 455 44.26 5.84 -11.27
CA LYS B 455 43.96 6.96 -10.43
C LYS B 455 44.98 7.02 -9.31
N GLU B 456 46.02 6.19 -9.35
CA GLU B 456 47.01 6.18 -8.25
C GLU B 456 48.44 6.31 -8.76
N GLY B 457 48.61 6.72 -10.02
CA GLY B 457 49.97 6.82 -10.57
C GLY B 457 50.74 5.56 -10.23
N LYS B 458 49.99 4.46 -10.22
CA LYS B 458 50.46 3.12 -9.94
C LYS B 458 50.30 2.30 -11.18
N ASN B 459 51.38 1.71 -11.67
CA ASN B 459 51.38 1.18 -13.01
C ASN B 459 50.19 0.24 -13.21
N TYR B 460 49.66 0.20 -14.41
CA TYR B 460 48.50 -0.67 -14.67
C TYR B 460 48.97 -2.00 -15.22
N ASP B 461 48.17 -3.04 -14.99
CA ASP B 461 48.50 -4.34 -15.51
C ASP B 461 48.33 -4.31 -17.02
N LYS B 462 49.39 -4.67 -17.71
CA LYS B 462 49.40 -4.62 -19.15
C LYS B 462 48.28 -5.50 -19.75
N ALA B 463 47.96 -6.60 -19.10
CA ALA B 463 46.89 -7.45 -19.57
C ALA B 463 45.49 -6.80 -19.41
N ASP B 464 45.32 -5.98 -18.39
CA ASP B 464 44.05 -5.27 -18.25
C ASP B 464 43.82 -4.26 -19.37
N PHE B 465 44.89 -3.53 -19.67
CA PHE B 465 44.96 -2.64 -20.82
C PHE B 465 44.61 -3.37 -22.10
N GLU B 466 45.18 -4.55 -22.33
CA GLU B 466 44.92 -5.31 -23.55
C GLU B 466 43.50 -5.86 -23.61
N THR B 467 42.92 -6.14 -22.46
CA THR B 467 41.59 -6.70 -22.42
C THR B 467 40.63 -5.63 -22.90
N LEU B 468 40.86 -4.39 -22.45
CA LEU B 468 40.06 -3.25 -22.85
C LEU B 468 40.23 -2.94 -24.32
N GLN B 469 41.49 -2.82 -24.71
CA GLN B 469 41.88 -2.76 -26.10
C GLN B 469 41.18 -3.78 -27.02
N TYR B 470 41.28 -5.07 -26.72
CA TYR B 470 40.57 -6.18 -27.44
C TYR B 470 39.04 -6.01 -27.45
N THR B 471 38.49 -5.48 -26.37
CA THR B 471 37.05 -5.31 -26.26
C THR B 471 36.57 -4.27 -27.31
N PHE B 472 37.03 -3.03 -27.15
CA PHE B 472 36.89 -1.99 -28.19
C PHE B 472 37.08 -2.51 -29.63
N GLU B 473 38.11 -3.31 -29.86
CA GLU B 473 38.32 -3.82 -31.20
C GLU B 473 37.15 -4.65 -31.66
N ARG B 474 36.68 -5.53 -30.78
CA ARG B 474 35.64 -6.51 -31.07
C ARG B 474 34.28 -5.81 -31.28
N MET B 475 34.04 -4.85 -30.43
CA MET B 475 32.93 -3.96 -30.56
C MET B 475 32.87 -3.34 -31.95
N LYS B 476 34.01 -2.86 -32.42
CA LYS B 476 34.03 -2.25 -33.75
C LYS B 476 33.69 -3.25 -34.80
N GLU B 477 34.27 -4.43 -34.71
CA GLU B 477 34.01 -5.46 -35.71
C GLU B 477 32.53 -5.83 -35.73
N SER B 478 31.90 -5.74 -34.55
CA SER B 478 30.58 -6.33 -34.45
C SER B 478 29.65 -5.29 -34.99
N ALA B 479 29.99 -4.03 -34.74
CA ALA B 479 29.19 -2.88 -35.19
C ALA B 479 29.10 -2.86 -36.71
N ASP B 480 30.24 -3.01 -37.35
CA ASP B 480 30.29 -2.88 -38.78
C ASP B 480 29.64 -4.04 -39.47
N ILE B 481 29.69 -5.21 -38.84
CA ILE B 481 29.18 -6.43 -39.50
C ILE B 481 27.67 -6.47 -39.31
N LEU B 482 27.21 -5.93 -38.19
CA LEU B 482 25.76 -5.84 -37.96
C LEU B 482 25.04 -4.92 -38.99
N LEU B 483 25.55 -3.69 -39.18
CA LEU B 483 25.00 -2.75 -40.18
C LEU B 483 24.78 -3.40 -41.56
N MET B 484 25.67 -4.30 -41.94
CA MET B 484 25.69 -4.70 -43.32
C MET B 484 25.00 -6.00 -43.42
N ASN B 485 24.43 -6.42 -42.28
CA ASN B 485 23.76 -7.71 -42.26
C ASN B 485 22.42 -7.66 -42.98
N THR B 486 22.18 -8.58 -43.90
CA THR B 486 20.90 -8.55 -44.56
C THR B 486 20.07 -9.82 -44.34
N GLU B 487 20.45 -10.63 -43.36
CA GLU B 487 19.71 -11.87 -43.16
C GLU B 487 18.46 -11.56 -42.35
N ASN B 488 18.53 -10.50 -41.57
CA ASN B 488 17.38 -9.99 -40.84
C ASN B 488 17.41 -8.46 -40.83
N LYS B 489 16.96 -7.87 -41.93
CA LYS B 489 17.01 -6.41 -42.01
C LYS B 489 16.18 -5.69 -40.97
N PRO B 490 15.00 -6.21 -40.64
CA PRO B 490 14.23 -5.34 -39.73
C PRO B 490 14.93 -5.22 -38.42
N LEU B 491 15.59 -6.28 -38.01
CA LEU B 491 16.35 -6.23 -36.77
C LEU B 491 17.41 -5.13 -36.89
N ILE B 492 18.17 -5.20 -37.98
CA ILE B 492 19.21 -4.17 -38.22
C ILE B 492 18.63 -2.74 -38.24
N VAL B 493 17.53 -2.56 -38.98
CA VAL B 493 16.88 -1.27 -39.06
C VAL B 493 16.57 -0.80 -37.63
N GLU B 494 16.06 -1.66 -36.74
CA GLU B 494 15.76 -1.29 -35.38
C GLU B 494 16.96 -0.94 -34.56
N ILE B 495 18.05 -1.69 -34.73
CA ILE B 495 19.29 -1.41 -34.01
C ILE B 495 20.33 -0.40 -34.56
N THR B 496 20.17 0.08 -35.78
CA THR B 496 21.19 0.97 -36.38
C THR B 496 21.62 2.22 -35.50
N PRO B 497 20.66 3.00 -35.00
CA PRO B 497 21.19 4.19 -34.30
C PRO B 497 22.15 3.80 -33.19
N TRP B 498 21.79 2.75 -32.45
CA TRP B 498 22.60 2.18 -31.38
C TRP B 498 23.85 1.53 -31.92
N VAL B 499 23.71 0.72 -32.98
CA VAL B 499 24.90 0.20 -33.54
C VAL B 499 25.87 1.30 -33.90
N HIS B 500 25.42 2.44 -34.47
CA HIS B 500 26.40 3.54 -34.76
C HIS B 500 26.98 4.13 -33.44
N GLN B 501 26.16 4.23 -32.43
CA GLN B 501 26.60 4.94 -31.19
C GLN B 501 27.60 3.98 -30.48
N PHE B 502 27.38 2.68 -30.65
CA PHE B 502 28.20 1.63 -30.04
C PHE B 502 29.58 1.63 -30.69
N LYS B 503 29.63 1.94 -31.96
CA LYS B 503 30.92 1.91 -32.65
C LYS B 503 31.72 3.14 -32.31
N LEU B 504 31.02 4.26 -32.19
CA LEU B 504 31.70 5.48 -31.82
C LEU B 504 32.26 5.34 -30.38
N THR B 505 31.49 4.64 -29.55
CA THR B 505 31.95 4.30 -28.22
C THR B 505 33.28 3.53 -28.26
N ALA B 506 33.35 2.49 -29.08
CA ALA B 506 34.53 1.67 -29.16
C ALA B 506 35.72 2.51 -29.66
N GLU B 507 35.45 3.36 -30.66
CA GLU B 507 36.48 4.28 -31.14
C GLU B 507 36.91 5.28 -30.04
N MET B 508 35.97 5.90 -29.33
CA MET B 508 36.40 6.79 -28.24
C MET B 508 37.31 6.03 -27.27
N GLY B 509 36.94 4.81 -26.87
CA GLY B 509 37.80 4.01 -26.01
C GLY B 509 39.23 3.78 -26.53
N GLU B 510 39.36 3.43 -27.81
CA GLU B 510 40.68 3.25 -28.41
C GLU B 510 41.61 4.48 -28.33
N GLU B 511 41.07 5.66 -28.64
CA GLU B 511 41.87 6.88 -28.67
C GLU B 511 42.23 7.31 -27.24
N VAL B 512 41.31 7.05 -26.33
CA VAL B 512 41.53 7.41 -24.96
C VAL B 512 42.65 6.53 -24.42
N LEU B 513 42.70 5.27 -24.83
CA LEU B 513 43.80 4.41 -24.34
C LEU B 513 45.13 4.78 -25.03
N LYS B 514 45.04 5.47 -26.15
CA LYS B 514 46.23 5.86 -26.88
C LYS B 514 46.75 7.11 -26.21
N MET B 515 45.84 7.85 -25.59
CA MET B 515 46.22 9.02 -24.80
C MET B 515 46.97 8.55 -23.54
N VAL B 516 46.47 7.46 -22.94
CA VAL B 516 47.09 6.81 -21.78
C VAL B 516 48.51 6.34 -22.09
N GLU B 517 48.71 5.70 -23.23
CA GLU B 517 50.03 5.25 -23.64
C GLU B 517 50.90 6.48 -23.85
N GLY B 518 50.43 7.40 -24.69
CA GLY B 518 50.98 8.77 -24.79
C GLY B 518 52.46 8.94 -25.15
N ARG B 519 52.85 8.52 -26.35
CA ARG B 519 54.24 8.60 -26.72
C ARG B 519 54.83 10.01 -26.47
N ASN B 520 54.11 11.06 -26.84
CA ASN B 520 54.67 12.40 -26.73
C ASN B 520 53.60 13.49 -26.70
N GLU B 521 54.00 14.74 -26.59
CA GLU B 521 53.03 15.78 -26.36
C GLU B 521 52.10 15.96 -27.55
N SER B 522 52.66 15.96 -28.75
CA SER B 522 51.85 16.27 -29.93
C SER B 522 50.94 15.10 -30.34
N TYR B 523 51.42 13.87 -30.14
CA TYR B 523 50.61 12.68 -30.30
C TYR B 523 49.45 12.74 -29.32
N PHE B 524 49.70 13.19 -28.11
CA PHE B 524 48.64 13.25 -27.14
C PHE B 524 47.48 14.19 -27.55
N LEU B 525 47.85 15.36 -28.06
CA LEU B 525 46.89 16.35 -28.49
C LEU B 525 46.15 15.87 -29.74
N ARG B 526 46.86 15.17 -30.64
CA ARG B 526 46.19 14.52 -31.75
C ARG B 526 45.05 13.64 -31.23
N LYS B 527 45.38 12.74 -30.31
CA LYS B 527 44.38 11.86 -29.71
C LYS B 527 43.26 12.64 -28.99
N TYR B 528 43.65 13.67 -28.23
CA TYR B 528 42.65 14.45 -27.51
C TYR B 528 41.66 15.11 -28.44
N ASN B 529 42.15 15.69 -29.54
CA ASN B 529 41.24 16.30 -30.51
C ASN B 529 40.33 15.27 -31.20
N HIS B 530 40.88 14.11 -31.53
CA HIS B 530 40.08 13.07 -32.13
C HIS B 530 38.97 12.65 -31.15
N VAL B 531 39.30 12.53 -29.86
CA VAL B 531 38.27 12.28 -28.86
C VAL B 531 37.19 13.35 -28.83
N LYS B 532 37.57 14.60 -28.82
CA LYS B 532 36.58 15.69 -28.78
C LYS B 532 35.61 15.55 -29.95
N ALA B 533 36.14 15.16 -31.09
CA ALA B 533 35.34 15.06 -32.28
C ALA B 533 34.36 13.90 -32.16
N LEU B 534 34.82 12.79 -31.56
CA LEU B 534 33.94 11.64 -31.38
C LEU B 534 32.86 11.95 -30.33
N GLN B 535 33.21 12.68 -29.31
CA GLN B 535 32.21 13.15 -28.38
C GLN B 535 31.10 13.97 -29.10
N GLN B 536 31.50 14.95 -29.91
CA GLN B 536 30.51 15.68 -30.68
C GLN B 536 29.74 14.76 -31.58
N GLN B 537 30.37 13.71 -32.09
CA GLN B 537 29.57 12.90 -33.03
C GLN B 537 28.52 12.07 -32.29
N MET B 538 28.83 11.75 -31.02
CA MET B 538 27.86 11.01 -30.18
C MET B 538 26.68 11.88 -29.87
N PHE B 539 26.96 13.14 -29.58
CA PHE B 539 25.92 14.11 -29.28
C PHE B 539 24.97 14.26 -30.49
N TYR B 540 25.50 14.30 -31.70
CA TYR B 540 24.68 14.45 -32.91
C TYR B 540 23.75 13.27 -33.08
N ILE B 541 24.30 12.09 -32.83
CA ILE B 541 23.44 10.90 -32.86
C ILE B 541 22.40 10.98 -31.76
N ASP B 542 22.81 11.42 -30.56
CA ASP B 542 21.91 11.46 -29.42
C ASP B 542 20.83 12.50 -29.67
N GLN B 543 21.11 13.48 -30.53
CA GLN B 543 20.11 14.53 -30.81
C GLN B 543 19.30 14.31 -32.07
N THR B 544 19.70 13.40 -32.91
CA THR B 544 18.95 13.29 -34.16
C THR B 544 18.28 11.95 -34.36
N SER B 545 18.66 10.95 -33.58
CA SER B 545 18.08 9.61 -33.72
C SER B 545 17.11 9.42 -32.59
N ASN B 546 16.07 8.66 -32.86
CA ASN B 546 15.15 8.26 -31.81
C ASN B 546 14.68 9.45 -30.95
N GLN B 547 14.28 10.55 -31.56
CA GLN B 547 13.78 11.74 -30.78
C GLN B 547 12.32 11.63 -30.27
N ASN B 548 12.07 10.78 -29.29
CA ASN B 548 10.73 10.72 -28.73
C ASN B 548 10.67 11.77 -27.62
N PRO B 549 9.47 12.04 -27.09
CA PRO B 549 9.16 13.05 -26.07
C PRO B 549 9.59 12.73 -24.64
N TYR B 550 10.10 11.52 -24.39
CA TYR B 550 10.33 11.11 -22.97
C TYR B 550 11.77 10.83 -22.57
N GLN B 551 12.43 9.98 -23.32
CA GLN B 551 13.86 9.80 -23.13
C GLN B 551 14.36 9.77 -24.55
N PRO B 552 14.49 10.96 -25.19
CA PRO B 552 15.02 11.06 -26.55
C PRO B 552 16.47 10.49 -26.60
N GLY B 553 16.90 9.92 -27.73
CA GLY B 553 18.31 9.59 -27.85
C GLY B 553 18.81 8.14 -27.97
N VAL B 554 20.12 8.00 -27.83
CA VAL B 554 20.78 6.72 -28.05
C VAL B 554 21.92 6.58 -27.03
N LYS B 555 21.66 5.81 -25.98
CA LYS B 555 22.69 5.36 -25.05
C LYS B 555 23.09 3.90 -25.29
N THR B 556 24.34 3.59 -25.00
CA THR B 556 24.85 2.27 -25.29
C THR B 556 26.07 2.03 -24.42
N ALA B 557 26.30 0.79 -24.00
CA ALA B 557 27.41 0.44 -23.10
C ALA B 557 27.48 1.42 -21.91
N THR B 558 26.33 1.73 -21.33
CA THR B 558 26.27 2.71 -20.26
C THR B 558 26.75 2.22 -18.90
N ARG B 559 26.76 0.91 -18.63
CA ARG B 559 27.00 0.54 -17.24
C ARG B 559 28.48 0.55 -16.81
N VAL B 560 29.32 -0.03 -17.66
CA VAL B 560 30.73 -0.21 -17.36
C VAL B 560 31.62 0.56 -18.35
N ILE B 561 31.34 0.44 -19.63
CA ILE B 561 32.28 0.84 -20.61
C ILE B 561 32.37 2.30 -20.92
N LYS B 562 31.22 2.97 -21.07
CA LYS B 562 31.21 4.42 -21.26
C LYS B 562 31.76 5.10 -20.04
N PRO B 563 31.33 4.68 -18.83
CA PRO B 563 31.91 5.39 -17.65
C PRO B 563 33.41 5.07 -17.49
N LEU B 564 33.90 3.91 -17.95
CA LEU B 564 35.37 3.68 -17.91
C LEU B 564 36.08 4.70 -18.84
N ILE B 565 35.63 4.78 -20.09
CA ILE B 565 36.18 5.74 -21.04
C ILE B 565 36.13 7.21 -20.54
N ASP B 566 34.96 7.65 -20.11
CA ASP B 566 34.82 9.01 -19.61
C ASP B 566 35.79 9.36 -18.47
N ARG B 567 35.88 8.46 -17.51
CA ARG B 567 36.73 8.68 -16.36
C ARG B 567 38.21 8.65 -16.72
N THR B 568 38.60 7.76 -17.61
CA THR B 568 39.99 7.66 -18.00
C THR B 568 40.40 8.95 -18.76
N PHE B 569 39.58 9.34 -19.73
CA PHE B 569 39.72 10.65 -20.35
C PHE B 569 39.86 11.77 -19.30
N ALA B 570 38.90 11.93 -18.41
CA ALA B 570 39.01 13.06 -17.48
C ALA B 570 40.34 12.95 -16.74
N THR B 571 40.75 11.71 -16.43
CA THR B 571 41.95 11.51 -15.64
C THR B 571 43.24 11.83 -16.40
N VAL B 572 43.43 11.35 -17.62
CA VAL B 572 44.69 11.66 -18.31
C VAL B 572 44.83 13.14 -18.67
N VAL B 573 43.70 13.78 -19.00
CA VAL B 573 43.66 15.22 -19.28
C VAL B 573 44.05 16.02 -18.04
N LYS B 574 43.49 15.65 -16.87
CA LYS B 574 43.97 16.24 -15.64
C LYS B 574 45.49 16.10 -15.59
N PHE B 575 46.00 14.88 -15.80
CA PHE B 575 47.43 14.65 -15.65
C PHE B 575 48.26 15.48 -16.65
N PHE B 576 47.79 15.56 -17.90
CA PHE B 576 48.53 16.22 -18.96
C PHE B 576 48.59 17.71 -18.64
N ASN B 577 47.53 18.19 -18.03
CA ASN B 577 47.45 19.59 -17.63
C ASN B 577 48.41 19.93 -16.50
N GLN B 578 48.47 19.11 -15.46
CA GLN B 578 49.42 19.31 -14.36
C GLN B 578 50.85 19.31 -14.87
N LYS B 579 51.22 18.22 -15.56
CA LYS B 579 52.51 18.03 -16.22
C LYS B 579 52.95 19.18 -17.14
N PHE B 580 52.05 19.62 -18.01
CA PHE B 580 52.41 20.56 -19.03
C PHE B 580 51.82 21.93 -18.77
N ASN B 581 51.39 22.19 -17.55
CA ASN B 581 50.77 23.47 -17.24
C ASN B 581 49.77 23.89 -18.30
N ALA B 582 49.02 22.93 -18.86
CA ALA B 582 48.03 23.21 -19.90
C ALA B 582 46.63 23.38 -19.31
N HIS B 583 45.66 23.67 -20.16
CA HIS B 583 44.29 23.93 -19.71
C HIS B 583 43.24 23.27 -20.61
N LEU B 584 43.50 22.02 -20.98
CA LEU B 584 42.59 21.25 -21.81
C LEU B 584 41.31 21.00 -21.03
N ASP B 585 40.20 21.00 -21.76
CA ASP B 585 38.86 20.81 -21.21
C ASP B 585 38.65 19.29 -21.03
N ALA B 586 38.38 18.87 -19.80
CA ALA B 586 38.27 17.43 -19.48
C ALA B 586 36.86 16.86 -19.52
N THR B 587 35.93 17.59 -20.13
CA THR B 587 34.53 17.20 -20.09
C THR B 587 34.27 16.14 -21.12
N THR B 588 33.28 15.33 -20.83
CA THR B 588 33.12 14.14 -21.59
C THR B 588 31.81 14.13 -22.40
N ASP B 589 30.85 14.96 -22.02
CA ASP B 589 29.68 15.08 -22.87
C ASP B 589 29.78 16.39 -23.59
N TYR B 590 29.74 16.30 -24.91
CA TYR B 590 29.82 17.46 -25.75
C TYR B 590 28.60 18.29 -25.50
N MET B 591 28.80 19.59 -25.28
CA MET B 591 27.68 20.49 -25.07
C MET B 591 27.92 21.81 -25.82
N PRO B 592 27.07 22.11 -26.82
CA PRO B 592 27.31 23.31 -27.63
C PRO B 592 26.97 24.60 -26.94
N HIS B 593 26.09 24.55 -25.96
CA HIS B 593 25.76 25.77 -25.21
C HIS B 593 26.60 25.86 -23.96
N LYS B 594 26.70 27.06 -23.40
CA LYS B 594 27.57 27.30 -22.24
C LYS B 594 26.80 27.87 -21.08
N MET B 595 27.41 27.88 -19.90
CA MET B 595 26.75 28.46 -18.74
C MET B 595 27.68 29.29 -17.85
N ASN B 604 28.03 24.95 -11.52
CA ASN B 604 28.85 23.77 -11.77
C ASN B 604 28.07 22.54 -12.33
N LEU B 605 26.75 22.64 -12.35
CA LEU B 605 25.87 21.61 -12.91
C LEU B 605 25.93 21.60 -14.43
N PRO B 606 25.98 20.41 -15.05
CA PRO B 606 26.04 20.40 -16.52
C PRO B 606 24.73 20.82 -17.22
N LEU B 607 24.82 21.26 -18.47
CA LEU B 607 23.64 21.55 -19.24
C LEU B 607 23.22 20.30 -20.01
N GLN B 608 21.93 20.20 -20.28
CA GLN B 608 21.42 19.12 -21.09
C GLN B 608 20.59 19.67 -22.25
N VAL B 609 20.59 18.97 -23.37
CA VAL B 609 19.68 19.30 -24.43
C VAL B 609 18.77 18.11 -24.68
N LYS B 610 17.47 18.32 -24.52
CA LYS B 610 16.47 17.33 -24.88
C LYS B 610 15.47 17.94 -25.86
N ALA B 611 15.42 17.41 -27.08
CA ALA B 611 14.63 18.06 -28.11
C ALA B 611 14.89 19.57 -28.18
N ASN B 612 13.80 20.33 -28.11
CA ASN B 612 13.94 21.77 -28.23
C ASN B 612 14.10 22.45 -26.87
N ARG B 613 14.58 21.68 -25.88
CA ARG B 613 14.83 22.26 -24.53
C ARG B 613 16.32 22.39 -24.21
N VAL B 614 16.65 23.36 -23.36
CA VAL B 614 17.97 23.45 -22.78
C VAL B 614 17.81 23.66 -21.28
N LEU B 615 18.34 22.72 -20.49
CA LEU B 615 18.12 22.76 -19.04
C LEU B 615 19.39 22.50 -18.24
N ILE B 616 19.46 23.13 -17.08
CA ILE B 616 20.45 22.79 -16.08
C ILE B 616 19.96 21.53 -15.37
N SER B 617 20.84 20.55 -15.19
CA SER B 617 20.48 19.33 -14.48
C SER B 617 20.12 19.68 -13.04
N PRO B 618 18.96 19.20 -12.56
CA PRO B 618 18.50 19.47 -11.21
C PRO B 618 19.47 18.93 -10.15
N VAL B 631 23.49 30.87 -13.20
CA VAL B 631 23.38 32.31 -13.05
C VAL B 631 23.22 32.81 -14.49
N GLU B 632 24.01 32.27 -15.41
CA GLU B 632 23.92 32.75 -16.80
C GLU B 632 24.15 31.69 -17.86
N ILE B 633 23.28 31.68 -18.88
CA ILE B 633 23.34 30.73 -20.00
C ILE B 633 23.55 31.41 -21.35
N GLU B 634 24.47 30.87 -22.14
CA GLU B 634 24.77 31.36 -23.50
C GLU B 634 24.62 30.25 -24.55
N LEU B 635 23.64 30.38 -25.43
CA LEU B 635 23.40 29.38 -26.48
C LEU B 635 24.36 29.58 -27.65
N ASP B 636 24.61 28.51 -28.40
CA ASP B 636 25.55 28.53 -29.54
C ASP B 636 25.07 29.39 -30.71
N ALA B 637 23.85 29.92 -30.60
CA ALA B 637 23.29 30.91 -31.54
C ALA B 637 22.06 31.62 -30.93
N ILE B 638 21.51 32.60 -31.65
CA ILE B 638 20.24 33.21 -31.29
C ILE B 638 19.06 32.38 -31.85
N TYR B 639 18.16 31.94 -30.98
CA TYR B 639 16.97 31.23 -31.43
C TYR B 639 15.77 32.03 -30.97
N PRO B 640 14.57 31.69 -31.47
CA PRO B 640 13.38 32.31 -30.90
C PRO B 640 12.94 31.59 -29.62
N GLY B 641 12.66 32.34 -28.56
CA GLY B 641 12.30 31.73 -27.28
C GLY B 641 10.84 31.30 -27.11
N GLU B 642 10.64 30.22 -26.39
CA GLU B 642 9.29 29.67 -26.18
C GLU B 642 8.79 29.94 -24.77
N ASN B 643 9.49 29.39 -23.79
CA ASN B 643 9.24 29.65 -22.37
C ASN B 643 10.43 29.25 -21.49
N ILE B 644 10.42 29.74 -20.25
CA ILE B 644 11.35 29.27 -19.24
C ILE B 644 10.53 28.77 -18.05
N GLN B 645 10.91 27.60 -17.52
CA GLN B 645 10.22 26.98 -16.38
C GLN B 645 11.22 26.64 -15.28
N ILE B 646 10.97 27.15 -14.08
CA ILE B 646 11.93 27.04 -12.99
C ILE B 646 11.24 26.71 -11.66
N ASN B 647 11.85 25.80 -10.88
CA ASN B 647 11.28 25.38 -9.60
C ASN B 647 12.31 25.48 -8.49
N PHE B 648 11.85 25.90 -7.31
CA PHE B 648 12.73 25.96 -6.16
C PHE B 648 12.04 25.30 -4.98
N ARG B 679 6.25 26.17 -8.76
CA ARG B 679 6.42 26.17 -10.20
C ARG B 679 6.37 27.60 -10.76
N LEU B 680 7.46 28.05 -11.36
CA LEU B 680 7.55 29.34 -12.07
C LEU B 680 7.66 29.17 -13.59
N SER B 681 7.14 30.14 -14.34
CA SER B 681 7.22 30.11 -15.80
C SER B 681 6.77 31.39 -16.50
N ALA B 682 7.45 31.75 -17.58
CA ALA B 682 7.05 32.86 -18.41
C ALA B 682 7.05 32.37 -19.86
N GLY B 683 6.17 32.94 -20.68
CA GLY B 683 6.18 32.67 -22.12
C GLY B 683 7.10 33.64 -22.81
N LEU B 684 7.97 33.17 -23.68
CA LEU B 684 8.93 34.09 -24.29
C LEU B 684 8.38 34.81 -25.53
N GLN B 685 7.29 34.25 -26.09
CA GLN B 685 6.58 34.81 -27.25
C GLN B 685 7.43 34.97 -28.51
N LYS B 686 8.21 33.94 -28.84
CA LYS B 686 9.03 33.91 -30.06
C LYS B 686 10.21 34.89 -30.05
N ALA B 687 10.34 35.66 -28.96
CA ALA B 687 11.36 36.69 -28.85
C ALA B 687 12.77 36.08 -28.91
N PRO B 688 13.71 36.77 -29.58
CA PRO B 688 15.04 36.18 -29.79
C PRO B 688 15.80 36.09 -28.48
N VAL B 689 16.72 35.14 -28.40
CA VAL B 689 17.46 34.87 -27.18
C VAL B 689 18.74 34.10 -27.52
N LYS B 690 19.86 34.62 -27.04
CA LYS B 690 21.13 33.90 -27.06
C LYS B 690 21.56 33.72 -25.61
N PHE B 691 21.36 34.77 -24.83
CA PHE B 691 21.74 34.78 -23.43
C PHE B 691 20.52 34.76 -22.51
N VAL B 692 20.65 34.08 -21.36
CA VAL B 692 19.60 33.98 -20.34
C VAL B 692 20.30 34.04 -19.01
N ARG B 693 19.98 35.05 -18.21
CA ARG B 693 20.63 35.30 -16.92
C ARG B 693 19.65 35.41 -15.75
N PHE B 694 20.12 35.10 -14.54
CA PHE B 694 19.27 35.09 -13.37
C PHE B 694 19.93 35.77 -12.18
N PHE B 709 15.09 24.45 -13.77
CA PHE B 709 15.54 25.42 -14.77
C PHE B 709 15.54 24.91 -16.24
N VAL B 710 14.44 25.11 -16.96
CA VAL B 710 14.38 24.69 -18.38
C VAL B 710 14.00 25.82 -19.35
N LEU B 711 14.80 26.02 -20.39
CA LEU B 711 14.49 26.96 -21.45
C LEU B 711 14.08 26.22 -22.71
N THR B 712 12.88 26.51 -23.22
CA THR B 712 12.42 25.94 -24.49
C THR B 712 12.54 26.96 -25.62
N ILE B 713 13.29 26.62 -26.66
CA ILE B 713 13.40 27.46 -27.84
C ILE B 713 12.63 26.82 -28.97
N GLU B 714 12.48 27.55 -30.07
CA GLU B 714 12.00 26.97 -31.31
C GLU B 714 13.15 26.26 -32.01
N LYS B 715 13.07 24.93 -32.10
CA LYS B 715 14.12 24.14 -32.77
C LYS B 715 13.63 22.73 -33.06
O9 HQ6 C . -13.67 7.52 12.54
C9 HQ6 C . -14.42 8.20 11.82
C10 HQ6 C . -13.93 9.42 11.03
N2 HQ6 C . -15.81 7.84 11.71
C5 HQ6 C . -16.43 6.56 12.11
C6 HQ6 C . -16.00 5.24 11.38
O6 HQ6 C . -16.92 4.15 11.60
C4 HQ6 C . -16.51 6.59 13.65
O4 HQ6 C . -17.85 6.96 13.98
C3 HQ6 C . -16.15 5.31 14.44
O3 HQ6 C . -16.47 5.50 15.80
C2 HQ6 C . -14.71 4.82 14.21
C8 HQ6 C . -14.22 3.86 15.32
O8 HQ6 C . -14.94 2.64 15.24
N1 HQ6 C . -14.68 3.99 13.00
C7 HQ6 C . -14.61 4.69 11.74
CA CA D . -7.79 42.24 27.46
O9 HQ6 E . 2.62 -3.08 -16.93
C9 HQ6 E . 1.39 -3.03 -17.06
C10 HQ6 E . 0.47 -4.21 -16.67
N2 HQ6 E . 0.83 -1.80 -17.57
C5 HQ6 E . 1.59 -0.57 -17.91
C6 HQ6 E . 2.24 0.20 -16.72
O6 HQ6 E . 2.69 1.50 -17.13
C4 HQ6 E . 2.49 -0.93 -19.14
O4 HQ6 E . 1.74 -0.70 -20.36
C3 HQ6 E . 3.96 -0.44 -19.30
O3 HQ6 E . 4.39 -0.91 -20.57
C2 HQ6 E . 4.90 -0.97 -18.14
C8 HQ6 E . 6.40 -0.82 -18.49
O8 HQ6 E . 6.71 0.57 -18.36
N1 HQ6 E . 4.70 -0.22 -16.91
C7 HQ6 E . 3.50 -0.43 -16.11
C1 GOL F . 26.08 12.08 -26.22
O1 GOL F . 26.20 13.31 -25.53
C2 GOL F . 26.70 10.95 -25.42
O2 GOL F . 27.58 11.44 -24.44
C3 GOL F . 25.62 10.14 -24.73
O3 GOL F . 25.67 8.86 -25.33
C1 GOL G . 5.41 8.27 -20.99
O1 GOL G . 4.02 8.10 -21.01
C2 GOL G . 6.14 6.94 -20.88
O2 GOL G . 5.66 6.02 -21.83
C3 GOL G . 7.60 7.22 -21.20
O3 GOL G . 8.41 6.96 -20.09
CA CA H . -7.08 -35.93 -34.65
#